data_1UHE
# 
_entry.id   1UHE 
# 
_audit_conform.dict_name       mmcif_pdbx.dic 
_audit_conform.dict_version    5.398 
_audit_conform.dict_location   http://mmcif.pdb.org/dictionaries/ascii/mmcif_pdbx.dic 
# 
loop_
_database_2.database_id 
_database_2.database_code 
_database_2.pdbx_database_accession 
_database_2.pdbx_DOI 
PDB   1UHE         pdb_00001uhe 10.2210/pdb1uhe/pdb 
RCSB  RCSB005828   ?            ?                   
WWPDB D_1000005828 ?            ?                   
# 
loop_
_pdbx_audit_revision_history.ordinal 
_pdbx_audit_revision_history.data_content_type 
_pdbx_audit_revision_history.major_revision 
_pdbx_audit_revision_history.minor_revision 
_pdbx_audit_revision_history.revision_date 
1 'Structure model' 1 0 2004-07-13 
2 'Structure model' 1 1 2008-04-27 
3 'Structure model' 1 2 2011-07-13 
4 'Structure model' 1 3 2023-12-27 
5 'Structure model' 1 4 2024-11-13 
# 
_pdbx_audit_revision_details.ordinal             1 
_pdbx_audit_revision_details.revision_ordinal    1 
_pdbx_audit_revision_details.data_content_type   'Structure model' 
_pdbx_audit_revision_details.provider            repository 
_pdbx_audit_revision_details.type                'Initial release' 
_pdbx_audit_revision_details.description         ? 
_pdbx_audit_revision_details.details             ? 
# 
loop_
_pdbx_audit_revision_group.ordinal 
_pdbx_audit_revision_group.revision_ordinal 
_pdbx_audit_revision_group.data_content_type 
_pdbx_audit_revision_group.group 
1 2 'Structure model' 'Version format compliance' 
2 3 'Structure model' 'Derived calculations'      
3 3 'Structure model' 'Version format compliance' 
4 4 'Structure model' 'Data collection'           
5 4 'Structure model' 'Database references'       
6 4 'Structure model' 'Derived calculations'      
7 5 'Structure model' 'Structure summary'         
# 
loop_
_pdbx_audit_revision_category.ordinal 
_pdbx_audit_revision_category.revision_ordinal 
_pdbx_audit_revision_category.data_content_type 
_pdbx_audit_revision_category.category 
1 4 'Structure model' chem_comp_atom            
2 4 'Structure model' chem_comp_bond            
3 4 'Structure model' database_2                
4 4 'Structure model' struct_conn               
5 4 'Structure model' struct_ref_seq_dif        
6 4 'Structure model' struct_site               
7 5 'Structure model' pdbx_entry_details        
8 5 'Structure model' pdbx_modification_feature 
# 
loop_
_pdbx_audit_revision_item.ordinal 
_pdbx_audit_revision_item.revision_ordinal 
_pdbx_audit_revision_item.data_content_type 
_pdbx_audit_revision_item.item 
1  4 'Structure model' '_database_2.pdbx_DOI'                
2  4 'Structure model' '_database_2.pdbx_database_accession' 
3  4 'Structure model' '_struct_conn.pdbx_leaving_atom_flag' 
4  4 'Structure model' '_struct_conn.ptnr1_auth_comp_id'     
5  4 'Structure model' '_struct_conn.ptnr1_auth_seq_id'      
6  4 'Structure model' '_struct_conn.ptnr1_label_asym_id'    
7  4 'Structure model' '_struct_conn.ptnr1_label_atom_id'    
8  4 'Structure model' '_struct_conn.ptnr1_label_comp_id'    
9  4 'Structure model' '_struct_conn.ptnr1_label_seq_id'     
10 4 'Structure model' '_struct_conn.ptnr2_auth_comp_id'     
11 4 'Structure model' '_struct_conn.ptnr2_auth_seq_id'      
12 4 'Structure model' '_struct_conn.ptnr2_label_asym_id'    
13 4 'Structure model' '_struct_conn.ptnr2_label_atom_id'    
14 4 'Structure model' '_struct_conn.ptnr2_label_comp_id'    
15 4 'Structure model' '_struct_conn.ptnr2_label_seq_id'     
16 4 'Structure model' '_struct_ref_seq_dif.details'         
17 4 'Structure model' '_struct_site.pdbx_auth_asym_id'      
18 4 'Structure model' '_struct_site.pdbx_auth_comp_id'      
19 4 'Structure model' '_struct_site.pdbx_auth_seq_id'       
# 
_pdbx_database_status.status_code                     REL 
_pdbx_database_status.entry_id                        1UHE 
_pdbx_database_status.recvd_initial_deposition_date   2003-07-01 
_pdbx_database_status.deposit_site                    PDBJ 
_pdbx_database_status.process_site                    PDBJ 
_pdbx_database_status.status_code_sf                  REL 
_pdbx_database_status.SG_entry                        . 
_pdbx_database_status.pdb_format_compatible           Y 
_pdbx_database_status.status_code_mr                  ? 
_pdbx_database_status.status_code_cs                  ? 
_pdbx_database_status.status_code_nmr_data            ? 
_pdbx_database_status.methods_development_category    ? 
# 
_pdbx_database_related.db_name        PDB 
_pdbx_database_related.db_id          1UHD 
_pdbx_database_related.details        'the same protein, pyruvoly group bound form' 
_pdbx_database_related.content_type   unspecified 
# 
loop_
_audit_author.name 
_audit_author.pdbx_ordinal 
'Lee, B.I.'   1 
'Kwon, A.-R.' 2 
'Han, B.W.'   3 
'Suh, S.W.'   4 
# 
_citation.id                        primary 
_citation.title                     
'Crystal structure of the schiff base intermediate prior to decarboxylation in the catalytic cycle of aspartate alpha-decarboxylase' 
_citation.journal_abbrev            J.Mol.Biol. 
_citation.journal_volume            340 
_citation.page_first                1 
_citation.page_last                 7 
_citation.year                      2004 
_citation.journal_id_ASTM           JMOBAK 
_citation.country                   UK 
_citation.journal_id_ISSN           0022-2836 
_citation.journal_id_CSD            0070 
_citation.book_publisher            ? 
_citation.pdbx_database_id_PubMed   15184017 
_citation.pdbx_database_id_DOI      10.1016/j.jmb.2004.04.049 
# 
loop_
_citation_author.citation_id 
_citation_author.name 
_citation_author.ordinal 
_citation_author.identifier_ORCID 
primary 'Lee, B.I.' 1 ? 
primary 'Suh, S.W.' 2 ? 
# 
loop_
_entity.id 
_entity.type 
_entity.src_method 
_entity.pdbx_description 
_entity.formula_weight 
_entity.pdbx_number_of_molecules 
_entity.pdbx_ec 
_entity.pdbx_mutation 
_entity.pdbx_fragment 
_entity.details 
1 polymer     man 'Aspartate 1-decarboxylase beta chain'                2806.241  1  4.1.1.11 ? ? ? 
2 polymer     man 'Aspartate 1-decarboxylase alpha chain'               10737.368 1  4.1.1.11 ? ? ? 
3 non-polymer syn 'N~2~-(2-AMINO-1-METHYL-2-OXOETHYLIDENE)ASPARAGINATE' 201.180   1  ?        ? ? ? 
4 water       nat water                                                 18.015    83 ?        ? ? ? 
# 
loop_
_entity_poly.entity_id 
_entity_poly.type 
_entity_poly.nstd_linkage 
_entity_poly.nstd_monomer 
_entity_poly.pdbx_seq_one_letter_code 
_entity_poly.pdbx_seq_one_letter_code_can 
_entity_poly.pdbx_strand_id 
_entity_poly.pdbx_target_identifier 
1 'polypeptide(L)' no no MTFEMLYSKIHRATITDANLNYIG                                                                             
MTFEMLYSKIHRATITDANLNYIG                                                                             B ? 
2 'polypeptide(L)' no no 
;ITIDEDLAKLAKLREGMKVEIVDVNNGERFSTYVILGKKRGEICVNGAAARKVAIGDVVIILAYASMNEDEINAHKPSIV
LVDEKNEILEKGLEHHH
;
;ITIDEDLAKLAKLREGMKVEIVDVNNGERFSTYVILGKKRGEICVNGAAARKVAIGDVVIILAYASMNEDEINAHKPSIV
LVDEKNEILEKGLEHHH
;
A ? 
# 
loop_
_pdbx_entity_nonpoly.entity_id 
_pdbx_entity_nonpoly.name 
_pdbx_entity_nonpoly.comp_id 
3 'N~2~-(2-AMINO-1-METHYL-2-OXOETHYLIDENE)ASPARAGINATE' NSN 
4 water                                                 HOH 
# 
loop_
_entity_poly_seq.entity_id 
_entity_poly_seq.num 
_entity_poly_seq.mon_id 
_entity_poly_seq.hetero 
1 1  MET n 
1 2  THR n 
1 3  PHE n 
1 4  GLU n 
1 5  MET n 
1 6  LEU n 
1 7  TYR n 
1 8  SER n 
1 9  LYS n 
1 10 ILE n 
1 11 HIS n 
1 12 ARG n 
1 13 ALA n 
1 14 THR n 
1 15 ILE n 
1 16 THR n 
1 17 ASP n 
1 18 ALA n 
1 19 ASN n 
1 20 LEU n 
1 21 ASN n 
1 22 TYR n 
1 23 ILE n 
1 24 GLY n 
2 1  ILE n 
2 2  THR n 
2 3  ILE n 
2 4  ASP n 
2 5  GLU n 
2 6  ASP n 
2 7  LEU n 
2 8  ALA n 
2 9  LYS n 
2 10 LEU n 
2 11 ALA n 
2 12 LYS n 
2 13 LEU n 
2 14 ARG n 
2 15 GLU n 
2 16 GLY n 
2 17 MET n 
2 18 LYS n 
2 19 VAL n 
2 20 GLU n 
2 21 ILE n 
2 22 VAL n 
2 23 ASP n 
2 24 VAL n 
2 25 ASN n 
2 26 ASN n 
2 27 GLY n 
2 28 GLU n 
2 29 ARG n 
2 30 PHE n 
2 31 SER n 
2 32 THR n 
2 33 TYR n 
2 34 VAL n 
2 35 ILE n 
2 36 LEU n 
2 37 GLY n 
2 38 LYS n 
2 39 LYS n 
2 40 ARG n 
2 41 GLY n 
2 42 GLU n 
2 43 ILE n 
2 44 CYS n 
2 45 VAL n 
2 46 ASN n 
2 47 GLY n 
2 48 ALA n 
2 49 ALA n 
2 50 ALA n 
2 51 ARG n 
2 52 LYS n 
2 53 VAL n 
2 54 ALA n 
2 55 ILE n 
2 56 GLY n 
2 57 ASP n 
2 58 VAL n 
2 59 VAL n 
2 60 ILE n 
2 61 ILE n 
2 62 LEU n 
2 63 ALA n 
2 64 TYR n 
2 65 ALA n 
2 66 SER n 
2 67 MET n 
2 68 ASN n 
2 69 GLU n 
2 70 ASP n 
2 71 GLU n 
2 72 ILE n 
2 73 ASN n 
2 74 ALA n 
2 75 HIS n 
2 76 LYS n 
2 77 PRO n 
2 78 SER n 
2 79 ILE n 
2 80 VAL n 
2 81 LEU n 
2 82 VAL n 
2 83 ASP n 
2 84 GLU n 
2 85 LYS n 
2 86 ASN n 
2 87 GLU n 
2 88 ILE n 
2 89 LEU n 
2 90 GLU n 
2 91 LYS n 
2 92 GLY n 
2 93 LEU n 
2 94 GLU n 
2 95 HIS n 
2 96 HIS n 
2 97 HIS n 
# 
loop_
_entity_src_gen.entity_id 
_entity_src_gen.pdbx_src_id 
_entity_src_gen.pdbx_alt_source_flag 
_entity_src_gen.pdbx_seq_type 
_entity_src_gen.pdbx_beg_seq_num 
_entity_src_gen.pdbx_end_seq_num 
_entity_src_gen.gene_src_common_name 
_entity_src_gen.gene_src_genus 
_entity_src_gen.pdbx_gene_src_gene 
_entity_src_gen.gene_src_species 
_entity_src_gen.gene_src_strain 
_entity_src_gen.gene_src_tissue 
_entity_src_gen.gene_src_tissue_fraction 
_entity_src_gen.gene_src_details 
_entity_src_gen.pdbx_gene_src_fragment 
_entity_src_gen.pdbx_gene_src_scientific_name 
_entity_src_gen.pdbx_gene_src_ncbi_taxonomy_id 
_entity_src_gen.pdbx_gene_src_variant 
_entity_src_gen.pdbx_gene_src_cell_line 
_entity_src_gen.pdbx_gene_src_atcc 
_entity_src_gen.pdbx_gene_src_organ 
_entity_src_gen.pdbx_gene_src_organelle 
_entity_src_gen.pdbx_gene_src_cell 
_entity_src_gen.pdbx_gene_src_cellular_location 
_entity_src_gen.host_org_common_name 
_entity_src_gen.pdbx_host_org_scientific_name 
_entity_src_gen.pdbx_host_org_ncbi_taxonomy_id 
_entity_src_gen.host_org_genus 
_entity_src_gen.pdbx_host_org_gene 
_entity_src_gen.pdbx_host_org_organ 
_entity_src_gen.host_org_species 
_entity_src_gen.pdbx_host_org_tissue 
_entity_src_gen.pdbx_host_org_tissue_fraction 
_entity_src_gen.pdbx_host_org_strain 
_entity_src_gen.pdbx_host_org_variant 
_entity_src_gen.pdbx_host_org_cell_line 
_entity_src_gen.pdbx_host_org_atcc 
_entity_src_gen.pdbx_host_org_culture_collection 
_entity_src_gen.pdbx_host_org_cell 
_entity_src_gen.pdbx_host_org_organelle 
_entity_src_gen.pdbx_host_org_cellular_location 
_entity_src_gen.pdbx_host_org_vector_type 
_entity_src_gen.pdbx_host_org_vector 
_entity_src_gen.host_org_details 
_entity_src_gen.expression_system_id 
_entity_src_gen.plasmid_name 
_entity_src_gen.plasmid_details 
_entity_src_gen.pdbx_description 
1 1 sample ? ? ? ? Helicobacter PAND ? ? ? ? ? ? 'Helicobacter pylori' 210 ? ? ? ? ? ? ? ? 'Escherichia coli' 562 Escherichia ? ? 
? ? ? 'C41(DE3)' ? ? ? ? ? ? ? PLASMID ? ? ? pET21a ? ? 
2 1 sample ? ? ? ? Helicobacter PAND ? ? ? ? ? ? 'Helicobacter pylori' 210 ? ? ? ? ? ? ? ? 'Escherichia coli' 562 Escherichia ? ? 
? ? ? 'C41(DE3)' ? ? ? ? ? ? ? PLASMID ? ? ? pET21a ? ? 
# 
loop_
_chem_comp.id 
_chem_comp.type 
_chem_comp.mon_nstd_flag 
_chem_comp.name 
_chem_comp.pdbx_synonyms 
_chem_comp.formula 
_chem_comp.formula_weight 
ALA 'L-peptide linking' y ALANINE                                               ? 'C3 H7 N O2'     89.093  
ARG 'L-peptide linking' y ARGININE                                              ? 'C6 H15 N4 O2 1' 175.209 
ASN 'L-peptide linking' y ASPARAGINE                                            ? 'C4 H8 N2 O3'    132.118 
ASP 'L-peptide linking' y 'ASPARTIC ACID'                                       ? 'C4 H7 N O4'     133.103 
CYS 'L-peptide linking' y CYSTEINE                                              ? 'C3 H7 N O2 S'   121.158 
GLU 'L-peptide linking' y 'GLUTAMIC ACID'                                       ? 'C5 H9 N O4'     147.129 
GLY 'peptide linking'   y GLYCINE                                               ? 'C2 H5 N O2'     75.067  
HIS 'L-peptide linking' y HISTIDINE                                             ? 'C6 H10 N3 O2 1' 156.162 
HOH non-polymer         . WATER                                                 ? 'H2 O'           18.015  
ILE 'L-peptide linking' y ISOLEUCINE                                            ? 'C6 H13 N O2'    131.173 
LEU 'L-peptide linking' y LEUCINE                                               ? 'C6 H13 N O2'    131.173 
LYS 'L-peptide linking' y LYSINE                                                ? 'C6 H15 N2 O2 1' 147.195 
MET 'L-peptide linking' y METHIONINE                                            ? 'C5 H11 N O2 S'  149.211 
NSN non-polymer         . 'N~2~-(2-AMINO-1-METHYL-2-OXOETHYLIDENE)ASPARAGINATE' ? 'C7 H11 N3 O4'   201.180 
PHE 'L-peptide linking' y PHENYLALANINE                                         ? 'C9 H11 N O2'    165.189 
PRO 'L-peptide linking' y PROLINE                                               ? 'C5 H9 N O2'     115.130 
SER 'L-peptide linking' y SERINE                                                ? 'C3 H7 N O3'     105.093 
THR 'L-peptide linking' y THREONINE                                             ? 'C4 H9 N O3'     119.119 
TYR 'L-peptide linking' y TYROSINE                                              ? 'C9 H11 N O3'    181.189 
VAL 'L-peptide linking' y VALINE                                                ? 'C5 H11 N O2'    117.146 
# 
loop_
_pdbx_poly_seq_scheme.asym_id 
_pdbx_poly_seq_scheme.entity_id 
_pdbx_poly_seq_scheme.seq_id 
_pdbx_poly_seq_scheme.mon_id 
_pdbx_poly_seq_scheme.ndb_seq_num 
_pdbx_poly_seq_scheme.pdb_seq_num 
_pdbx_poly_seq_scheme.auth_seq_num 
_pdbx_poly_seq_scheme.pdb_mon_id 
_pdbx_poly_seq_scheme.auth_mon_id 
_pdbx_poly_seq_scheme.pdb_strand_id 
_pdbx_poly_seq_scheme.pdb_ins_code 
_pdbx_poly_seq_scheme.hetero 
A 1 1  MET 1  1   1   MET MET B . n 
A 1 2  THR 2  2   2   THR THR B . n 
A 1 3  PHE 3  3   3   PHE PHE B . n 
A 1 4  GLU 4  4   4   GLU GLU B . n 
A 1 5  MET 5  5   5   MET MET B . n 
A 1 6  LEU 6  6   6   LEU LEU B . n 
A 1 7  TYR 7  7   7   TYR TYR B . n 
A 1 8  SER 8  8   8   SER SER B . n 
A 1 9  LYS 9  9   9   LYS LYS B . n 
A 1 10 ILE 10 10  10  ILE ILE B . n 
A 1 11 HIS 11 11  11  HIS HIS B . n 
A 1 12 ARG 12 12  12  ARG ARG B . n 
A 1 13 ALA 13 13  13  ALA ALA B . n 
A 1 14 THR 14 14  14  THR THR B . n 
A 1 15 ILE 15 15  15  ILE ILE B . n 
A 1 16 THR 16 16  16  THR THR B . n 
A 1 17 ASP 17 17  17  ASP ASP B . n 
A 1 18 ALA 18 18  18  ALA ALA B . n 
A 1 19 ASN 19 19  19  ASN ASN B . n 
A 1 20 LEU 20 20  20  LEU LEU B . n 
A 1 21 ASN 21 21  21  ASN ASN B . n 
A 1 22 TYR 22 22  22  TYR TYR B . n 
A 1 23 ILE 23 23  23  ILE ILE B . n 
A 1 24 GLY 24 24  24  GLY GLY B . n 
B 2 1  ILE 1  26  26  ILE ILE A . n 
B 2 2  THR 2  27  27  THR THR A . n 
B 2 3  ILE 3  28  28  ILE ILE A . n 
B 2 4  ASP 4  29  29  ASP ASP A . n 
B 2 5  GLU 5  30  30  GLU GLU A . n 
B 2 6  ASP 6  31  31  ASP ASP A . n 
B 2 7  LEU 7  32  32  LEU LEU A . n 
B 2 8  ALA 8  33  33  ALA ALA A . n 
B 2 9  LYS 9  34  34  LYS LYS A . n 
B 2 10 LEU 10 35  35  LEU LEU A . n 
B 2 11 ALA 11 36  36  ALA ALA A . n 
B 2 12 LYS 12 37  37  LYS LYS A . n 
B 2 13 LEU 13 38  38  LEU LEU A . n 
B 2 14 ARG 14 39  39  ARG ARG A . n 
B 2 15 GLU 15 40  40  GLU GLU A . n 
B 2 16 GLY 16 41  41  GLY GLY A . n 
B 2 17 MET 17 42  42  MET MET A . n 
B 2 18 LYS 18 43  43  LYS LYS A . n 
B 2 19 VAL 19 44  44  VAL VAL A . n 
B 2 20 GLU 20 45  45  GLU GLU A . n 
B 2 21 ILE 21 46  46  ILE ILE A . n 
B 2 22 VAL 22 47  47  VAL VAL A . n 
B 2 23 ASP 23 48  48  ASP ASP A . n 
B 2 24 VAL 24 49  49  VAL VAL A . n 
B 2 25 ASN 25 50  50  ASN ASN A . n 
B 2 26 ASN 26 51  51  ASN ASN A . n 
B 2 27 GLY 27 52  52  GLY GLY A . n 
B 2 28 GLU 28 53  53  GLU GLU A . n 
B 2 29 ARG 29 54  54  ARG ARG A . n 
B 2 30 PHE 30 55  55  PHE PHE A . n 
B 2 31 SER 31 56  56  SER SER A . n 
B 2 32 THR 32 57  57  THR THR A . n 
B 2 33 TYR 33 58  58  TYR TYR A . n 
B 2 34 VAL 34 59  59  VAL VAL A . n 
B 2 35 ILE 35 60  60  ILE ILE A . n 
B 2 36 LEU 36 61  61  LEU LEU A . n 
B 2 37 GLY 37 62  62  GLY GLY A . n 
B 2 38 LYS 38 63  63  LYS LYS A . n 
B 2 39 LYS 39 64  64  LYS LYS A . n 
B 2 40 ARG 40 65  65  ARG ARG A . n 
B 2 41 GLY 41 66  66  GLY GLY A . n 
B 2 42 GLU 42 67  67  GLU GLU A . n 
B 2 43 ILE 43 68  68  ILE ILE A . n 
B 2 44 CYS 44 69  69  CYS CYS A . n 
B 2 45 VAL 45 70  70  VAL VAL A . n 
B 2 46 ASN 46 71  71  ASN ASN A . n 
B 2 47 GLY 47 72  72  GLY GLY A . n 
B 2 48 ALA 48 73  73  ALA ALA A . n 
B 2 49 ALA 49 74  74  ALA ALA A . n 
B 2 50 ALA 50 75  75  ALA ALA A . n 
B 2 51 ARG 51 76  76  ARG ARG A . n 
B 2 52 LYS 52 77  77  LYS LYS A . n 
B 2 53 VAL 53 78  78  VAL VAL A . n 
B 2 54 ALA 54 79  79  ALA ALA A . n 
B 2 55 ILE 55 80  80  ILE ILE A . n 
B 2 56 GLY 56 81  81  GLY GLY A . n 
B 2 57 ASP 57 82  82  ASP ASP A . n 
B 2 58 VAL 58 83  83  VAL VAL A . n 
B 2 59 VAL 59 84  84  VAL VAL A . n 
B 2 60 ILE 60 85  85  ILE ILE A . n 
B 2 61 ILE 61 86  86  ILE ILE A . n 
B 2 62 LEU 62 87  87  LEU LEU A . n 
B 2 63 ALA 63 88  88  ALA ALA A . n 
B 2 64 TYR 64 89  89  TYR TYR A . n 
B 2 65 ALA 65 90  90  ALA ALA A . n 
B 2 66 SER 66 91  91  SER SER A . n 
B 2 67 MET 67 92  92  MET MET A . n 
B 2 68 ASN 68 93  93  ASN ASN A . n 
B 2 69 GLU 69 94  94  GLU GLU A . n 
B 2 70 ASP 70 95  95  ASP ASP A . n 
B 2 71 GLU 71 96  96  GLU GLU A . n 
B 2 72 ILE 72 97  97  ILE ILE A . n 
B 2 73 ASN 73 98  98  ASN ASN A . n 
B 2 74 ALA 74 99  99  ALA ALA A . n 
B 2 75 HIS 75 100 100 HIS HIS A . n 
B 2 76 LYS 76 101 101 LYS LYS A . n 
B 2 77 PRO 77 102 102 PRO PRO A . n 
B 2 78 SER 78 103 103 SER SER A . n 
B 2 79 ILE 79 104 104 ILE ILE A . n 
B 2 80 VAL 80 105 105 VAL VAL A . n 
B 2 81 LEU 81 106 106 LEU LEU A . n 
B 2 82 VAL 82 107 107 VAL VAL A . n 
B 2 83 ASP 83 108 108 ASP ASP A . n 
B 2 84 GLU 84 109 109 GLU GLU A . n 
B 2 85 LYS 85 110 110 LYS LYS A . n 
B 2 86 ASN 86 111 111 ASN ASN A . n 
B 2 87 GLU 87 112 112 GLU GLU A . n 
B 2 88 ILE 88 113 113 ILE ILE A . n 
B 2 89 LEU 89 114 114 LEU LEU A . n 
B 2 90 GLU 90 115 115 GLU GLU A . n 
B 2 91 LYS 91 116 116 LYS LYS A . n 
B 2 92 GLY 92 117 117 GLY GLY A . n 
B 2 93 LEU 93 118 118 LEU LEU A . n 
B 2 94 GLU 94 119 119 GLU GLU A . n 
B 2 95 HIS 95 120 120 HIS HIS A . n 
B 2 96 HIS 96 121 121 HIS HIS A . n 
B 2 97 HIS 97 122 122 HIS HIS A . n 
# 
loop_
_pdbx_nonpoly_scheme.asym_id 
_pdbx_nonpoly_scheme.entity_id 
_pdbx_nonpoly_scheme.mon_id 
_pdbx_nonpoly_scheme.ndb_seq_num 
_pdbx_nonpoly_scheme.pdb_seq_num 
_pdbx_nonpoly_scheme.auth_seq_num 
_pdbx_nonpoly_scheme.pdb_mon_id 
_pdbx_nonpoly_scheme.auth_mon_id 
_pdbx_nonpoly_scheme.pdb_strand_id 
_pdbx_nonpoly_scheme.pdb_ins_code 
C 3 NSN 1  25  25 NSN SBI A . 
D 4 HOH 1  25  5  HOH TIP B . 
D 4 HOH 2  26  10 HOH TIP B . 
D 4 HOH 3  27  12 HOH TIP B . 
D 4 HOH 4  28  17 HOH TIP B . 
D 4 HOH 5  29  23 HOH TIP B . 
D 4 HOH 6  30  24 HOH TIP B . 
D 4 HOH 7  31  25 HOH TIP B . 
D 4 HOH 8  32  28 HOH TIP B . 
D 4 HOH 9  33  30 HOH TIP B . 
D 4 HOH 10 34  32 HOH TIP B . 
D 4 HOH 11 35  34 HOH TIP B . 
D 4 HOH 12 36  42 HOH TIP B . 
D 4 HOH 13 37  49 HOH TIP B . 
D 4 HOH 14 38  50 HOH TIP B . 
D 4 HOH 15 39  53 HOH TIP B . 
D 4 HOH 16 40  54 HOH TIP B . 
D 4 HOH 17 41  56 HOH TIP B . 
D 4 HOH 18 42  61 HOH TIP B . 
D 4 HOH 19 43  62 HOH TIP B . 
D 4 HOH 20 44  73 HOH TIP B . 
D 4 HOH 21 45  76 HOH TIP B . 
D 4 HOH 22 46  82 HOH TIP B . 
D 4 HOH 23 47  83 HOH TIP B . 
E 4 HOH 1  123 1  HOH TIP A . 
E 4 HOH 2  124 2  HOH TIP A . 
E 4 HOH 3  125 3  HOH TIP A . 
E 4 HOH 4  126 4  HOH TIP A . 
E 4 HOH 5  127 6  HOH TIP A . 
E 4 HOH 6  128 7  HOH TIP A . 
E 4 HOH 7  129 8  HOH TIP A . 
E 4 HOH 8  130 9  HOH TIP A . 
E 4 HOH 9  131 11 HOH TIP A . 
E 4 HOH 10 132 13 HOH TIP A . 
E 4 HOH 11 133 14 HOH TIP A . 
E 4 HOH 12 134 15 HOH TIP A . 
E 4 HOH 13 135 16 HOH TIP A . 
E 4 HOH 14 136 18 HOH TIP A . 
E 4 HOH 15 137 19 HOH TIP A . 
E 4 HOH 16 138 20 HOH TIP A . 
E 4 HOH 17 139 21 HOH TIP A . 
E 4 HOH 18 140 22 HOH TIP A . 
E 4 HOH 19 141 26 HOH TIP A . 
E 4 HOH 20 142 27 HOH TIP A . 
E 4 HOH 21 143 29 HOH TIP A . 
E 4 HOH 22 144 31 HOH TIP A . 
E 4 HOH 23 145 33 HOH TIP A . 
E 4 HOH 24 146 35 HOH TIP A . 
E 4 HOH 25 147 36 HOH TIP A . 
E 4 HOH 26 148 37 HOH TIP A . 
E 4 HOH 27 149 38 HOH TIP A . 
E 4 HOH 28 150 39 HOH TIP A . 
E 4 HOH 29 151 40 HOH TIP A . 
E 4 HOH 30 152 41 HOH TIP A . 
E 4 HOH 31 153 43 HOH TIP A . 
E 4 HOH 32 154 44 HOH TIP A . 
E 4 HOH 33 155 45 HOH TIP A . 
E 4 HOH 34 156 46 HOH TIP A . 
E 4 HOH 35 157 47 HOH TIP A . 
E 4 HOH 36 158 48 HOH TIP A . 
E 4 HOH 37 159 51 HOH TIP A . 
E 4 HOH 38 160 52 HOH TIP A . 
E 4 HOH 39 161 55 HOH TIP A . 
E 4 HOH 40 162 57 HOH TIP A . 
E 4 HOH 41 163 58 HOH TIP A . 
E 4 HOH 42 164 59 HOH TIP A . 
E 4 HOH 43 165 60 HOH TIP A . 
E 4 HOH 44 166 63 HOH TIP A . 
E 4 HOH 45 167 64 HOH TIP A . 
E 4 HOH 46 168 65 HOH TIP A . 
E 4 HOH 47 169 66 HOH TIP A . 
E 4 HOH 48 170 67 HOH TIP A . 
E 4 HOH 49 171 68 HOH TIP A . 
E 4 HOH 50 172 69 HOH TIP A . 
E 4 HOH 51 173 70 HOH TIP A . 
E 4 HOH 52 174 71 HOH TIP A . 
E 4 HOH 53 175 72 HOH TIP A . 
E 4 HOH 54 176 74 HOH TIP A . 
E 4 HOH 55 177 75 HOH TIP A . 
E 4 HOH 56 178 77 HOH TIP A . 
E 4 HOH 57 179 78 HOH TIP A . 
E 4 HOH 58 180 79 HOH TIP A . 
E 4 HOH 59 181 80 HOH TIP A . 
E 4 HOH 60 182 81 HOH TIP A . 
# 
loop_
_pdbx_unobs_or_zero_occ_atoms.id 
_pdbx_unobs_or_zero_occ_atoms.PDB_model_num 
_pdbx_unobs_or_zero_occ_atoms.polymer_flag 
_pdbx_unobs_or_zero_occ_atoms.occupancy_flag 
_pdbx_unobs_or_zero_occ_atoms.auth_asym_id 
_pdbx_unobs_or_zero_occ_atoms.auth_comp_id 
_pdbx_unobs_or_zero_occ_atoms.auth_seq_id 
_pdbx_unobs_or_zero_occ_atoms.PDB_ins_code 
_pdbx_unobs_or_zero_occ_atoms.auth_atom_id 
_pdbx_unobs_or_zero_occ_atoms.label_alt_id 
_pdbx_unobs_or_zero_occ_atoms.label_asym_id 
_pdbx_unobs_or_zero_occ_atoms.label_comp_id 
_pdbx_unobs_or_zero_occ_atoms.label_seq_id 
_pdbx_unobs_or_zero_occ_atoms.label_atom_id 
1  1 Y 0 A LYS 34  ? CG  ? B LYS 9  CG  
2  1 Y 0 A LYS 34  ? CD  ? B LYS 9  CD  
3  1 Y 0 A LYS 34  ? CE  ? B LYS 9  CE  
4  1 Y 0 A LYS 34  ? NZ  ? B LYS 9  NZ  
5  1 Y 0 A LEU 35  ? CD1 ? B LEU 10 CD1 
6  1 Y 0 A LEU 35  ? CD2 ? B LEU 10 CD2 
7  1 Y 0 A LYS 63  ? CD  ? B LYS 38 CD  
8  1 Y 0 A LYS 63  ? CE  ? B LYS 38 CE  
9  1 Y 0 A LYS 63  ? NZ  ? B LYS 38 NZ  
10 1 Y 0 A LYS 64  ? CD  ? B LYS 39 CD  
11 1 Y 0 A LYS 64  ? CE  ? B LYS 39 CE  
12 1 Y 0 A LYS 64  ? NZ  ? B LYS 39 NZ  
13 1 Y 0 A ARG 65  ? CD  ? B ARG 40 CD  
14 1 Y 0 A ARG 65  ? NE  ? B ARG 40 NE  
15 1 Y 0 A ARG 65  ? CZ  ? B ARG 40 CZ  
16 1 Y 0 A ARG 65  ? NH1 ? B ARG 40 NH1 
17 1 Y 0 A ARG 65  ? NH2 ? B ARG 40 NH2 
18 1 Y 0 A GLU 94  ? CG  ? B GLU 69 CG  
19 1 Y 0 A GLU 94  ? CD  ? B GLU 69 CD  
20 1 Y 0 A GLU 94  ? OE1 ? B GLU 69 OE1 
21 1 Y 0 A GLU 94  ? OE2 ? B GLU 69 OE2 
22 1 Y 0 A LYS 101 ? CG  ? B LYS 76 CG  
23 1 Y 0 A LYS 101 ? CD  ? B LYS 76 CD  
24 1 Y 0 A LYS 101 ? CE  ? B LYS 76 CE  
25 1 Y 0 A LYS 101 ? NZ  ? B LYS 76 NZ  
26 1 Y 0 A LYS 110 ? CB  ? B LYS 85 CB  
27 1 Y 0 A LYS 110 ? CG  ? B LYS 85 CG  
28 1 Y 0 A LYS 110 ? CD  ? B LYS 85 CD  
29 1 Y 0 A LYS 110 ? CE  ? B LYS 85 CE  
30 1 Y 0 A LYS 110 ? NZ  ? B LYS 85 NZ  
# 
loop_
_software.name 
_software.classification 
_software.version 
_software.citation_id 
_software.pdbx_ordinal 
CNS       refinement       1.1 ? 1 
DENZO     'data reduction' .   ? 2 
SCALEPACK 'data scaling'   .   ? 3 
CNS       phasing          .   ? 4 
# 
_cell.entry_id           1UHE 
_cell.length_a           81.826 
_cell.length_b           81.826 
_cell.length_c           93.777 
_cell.angle_alpha        90.00 
_cell.angle_beta         90.00 
_cell.angle_gamma        90.00 
_cell.Z_PDB              16 
_cell.pdbx_unique_axis   ? 
# 
_symmetry.entry_id                         1UHE 
_symmetry.space_group_name_H-M             'I 4 2 2' 
_symmetry.pdbx_full_space_group_name_H-M   ? 
_symmetry.cell_setting                     ? 
_symmetry.Int_Tables_number                97 
# 
_exptl.entry_id          1UHE 
_exptl.method            'X-RAY DIFFRACTION' 
_exptl.crystals_number   1 
# 
_exptl_crystal.id                    1 
_exptl_crystal.density_meas          ? 
_exptl_crystal.density_Matthews      2.68 
_exptl_crystal.density_percent_sol   53.83 
_exptl_crystal.description           ? 
# 
_exptl_crystal_grow.crystal_id      1 
_exptl_crystal_grow.method          'VAPOR DIFFUSION, HANGING DROP' 
_exptl_crystal_grow.temp            297 
_exptl_crystal_grow.temp_details    ? 
_exptl_crystal_grow.pH              7.5 
_exptl_crystal_grow.pdbx_details    'sodium formate, pH 7.5, VAPOR DIFFUSION, HANGING DROP, temperature 297K' 
_exptl_crystal_grow.pdbx_pH_range   . 
# 
_diffrn.id                     1 
_diffrn.ambient_temp           100 
_diffrn.ambient_temp_details   ? 
_diffrn.crystal_id             1 
# 
_diffrn_detector.diffrn_id              1 
_diffrn_detector.detector               'IMAGE PLATE' 
_diffrn_detector.type                   MACSCIENCE 
_diffrn_detector.pdbx_collection_date   ? 
_diffrn_detector.details                ? 
# 
_diffrn_radiation.diffrn_id                        1 
_diffrn_radiation.wavelength_id                    1 
_diffrn_radiation.pdbx_monochromatic_or_laue_m_l   M 
_diffrn_radiation.monochromator                    ? 
_diffrn_radiation.pdbx_diffrn_protocol             'SINGLE WAVELENGTH' 
_diffrn_radiation.pdbx_scattering_type             x-ray 
# 
_diffrn_radiation_wavelength.id           1 
_diffrn_radiation_wavelength.wavelength   0.9795 
_diffrn_radiation_wavelength.wt           1.0 
# 
_diffrn_source.diffrn_id                   1 
_diffrn_source.source                      SYNCHROTRON 
_diffrn_source.type                        'PAL/PLS BEAMLINE 6B' 
_diffrn_source.pdbx_synchrotron_site       PAL/PLS 
_diffrn_source.pdbx_synchrotron_beamline   6B 
_diffrn_source.pdbx_wavelength             ? 
_diffrn_source.pdbx_wavelength_list        0.9795 
# 
_reflns.entry_id                     1UHE 
_reflns.observed_criterion_sigma_I   0 
_reflns.observed_criterion_sigma_F   0 
_reflns.d_resolution_low             30 
_reflns.d_resolution_high            1.55 
_reflns.number_obs                   22394 
_reflns.number_all                   ? 
_reflns.percent_possible_obs         95.6 
_reflns.pdbx_Rmerge_I_obs            ? 
_reflns.pdbx_Rsym_value              0.032 
_reflns.pdbx_netI_over_sigmaI        ? 
_reflns.B_iso_Wilson_estimate        20.1 
_reflns.pdbx_redundancy              10 
_reflns.R_free_details               ? 
_reflns.limit_h_max                  ? 
_reflns.limit_h_min                  ? 
_reflns.limit_k_max                  ? 
_reflns.limit_k_min                  ? 
_reflns.limit_l_max                  ? 
_reflns.limit_l_min                  ? 
_reflns.observed_criterion_F_max     ? 
_reflns.observed_criterion_F_min     ? 
_reflns.pdbx_ordinal                 1 
_reflns.pdbx_diffrn_id               1 
# 
_reflns_shell.d_res_high             1.55 
_reflns_shell.d_res_low              1.61 
_reflns_shell.percent_possible_all   90.0 
_reflns_shell.Rmerge_I_obs           ? 
_reflns_shell.pdbx_Rsym_value        0.17 
_reflns_shell.meanI_over_sigI_obs    5 
_reflns_shell.pdbx_redundancy        2.9 
_reflns_shell.percent_possible_obs   ? 
_reflns_shell.number_unique_all      2057 
_reflns_shell.pdbx_ordinal           1 
_reflns_shell.pdbx_diffrn_id         1 
# 
_refine.entry_id                                 1UHE 
_refine.ls_number_reflns_obs                     22374 
_refine.ls_number_reflns_all                     ? 
_refine.pdbx_ls_sigma_I                          ? 
_refine.pdbx_ls_sigma_F                          0.0 
_refine.pdbx_data_cutoff_high_absF               1679240.26 
_refine.pdbx_data_cutoff_low_absF                0.00 
_refine.pdbx_data_cutoff_high_rms_absF           ? 
_refine.ls_d_res_low                             22.65 
_refine.ls_d_res_high                            1.55 
_refine.ls_percent_reflns_obs                    95.4 
_refine.ls_R_factor_obs                          0.206 
_refine.ls_R_factor_all                          ? 
_refine.ls_R_factor_R_work                       0.206 
_refine.ls_R_factor_R_free                       0.221 
_refine.ls_R_factor_R_free_error                 0.005 
_refine.ls_R_factor_R_free_error_details         ? 
_refine.ls_percent_reflns_R_free                 9.9 
_refine.ls_number_reflns_R_free                  2218 
_refine.ls_number_parameters                     ? 
_refine.ls_number_restraints                     ? 
_refine.occupancy_min                            ? 
_refine.occupancy_max                            ? 
_refine.correlation_coeff_Fo_to_Fc               ? 
_refine.correlation_coeff_Fo_to_Fc_free          ? 
_refine.B_iso_mean                               22.7 
_refine.aniso_B[1][1]                            0.09 
_refine.aniso_B[2][2]                            0.09 
_refine.aniso_B[3][3]                            -0.18 
_refine.aniso_B[1][2]                            0.00 
_refine.aniso_B[1][3]                            0.00 
_refine.aniso_B[2][3]                            0.00 
_refine.solvent_model_details                    'FLAT MODEL' 
_refine.solvent_model_param_ksol                 0.387016 
_refine.solvent_model_param_bsol                 64.3258 
_refine.pdbx_solvent_vdw_probe_radii             ? 
_refine.pdbx_solvent_ion_probe_radii             ? 
_refine.pdbx_solvent_shrinkage_radii             ? 
_refine.pdbx_ls_cross_valid_method               THROUGHOUT 
_refine.details                                  ? 
_refine.pdbx_starting_model                      ? 
_refine.pdbx_method_to_determine_struct          'MOLECULAR REPLACEMENT' 
_refine.pdbx_isotropic_thermal_model             RESTRAINED 
_refine.pdbx_stereochemistry_target_values       ? 
_refine.pdbx_stereochem_target_val_spec_case     ? 
_refine.pdbx_R_Free_selection_details            RANDOM 
_refine.pdbx_overall_ESU_R                       ? 
_refine.pdbx_overall_ESU_R_Free                  ? 
_refine.overall_SU_ML                            ? 
_refine.overall_SU_B                             ? 
_refine.ls_redundancy_reflns_obs                 ? 
_refine.B_iso_min                                ? 
_refine.B_iso_max                                ? 
_refine.overall_SU_R_Cruickshank_DPI             ? 
_refine.overall_SU_R_free                        ? 
_refine.pdbx_refine_id                           'X-RAY DIFFRACTION' 
_refine.pdbx_diffrn_id                           1 
_refine.pdbx_TLS_residual_ADP_flag               ? 
_refine.pdbx_overall_phase_error                 ? 
_refine.pdbx_overall_SU_R_free_Cruickshank_DPI   ? 
_refine.pdbx_overall_SU_R_Blow_DPI               ? 
_refine.pdbx_overall_SU_R_free_Blow_DPI          ? 
# 
_refine_analyze.entry_id                        1UHE 
_refine_analyze.Luzzati_coordinate_error_obs    0.17 
_refine_analyze.Luzzati_sigma_a_obs             0.09 
_refine_analyze.Luzzati_d_res_low_obs           5.00 
_refine_analyze.Luzzati_coordinate_error_free   0.19 
_refine_analyze.Luzzati_sigma_a_free            0.12 
_refine_analyze.Luzzati_d_res_low_free          ? 
_refine_analyze.number_disordered_residues      ? 
_refine_analyze.occupancy_sum_hydrogen          ? 
_refine_analyze.occupancy_sum_non_hydrogen      ? 
_refine_analyze.pdbx_Luzzati_d_res_high_obs     ? 
_refine_analyze.pdbx_refine_id                  'X-RAY DIFFRACTION' 
# 
_refine_hist.pdbx_refine_id                   'X-RAY DIFFRACTION' 
_refine_hist.cycle_id                         LAST 
_refine_hist.pdbx_number_atoms_protein        948 
_refine_hist.pdbx_number_atoms_nucleic_acid   0 
_refine_hist.pdbx_number_atoms_ligand         13 
_refine_hist.number_atoms_solvent             83 
_refine_hist.number_atoms_total               1044 
_refine_hist.d_res_high                       1.55 
_refine_hist.d_res_low                        22.65 
# 
loop_
_refine_ls_restr.type 
_refine_ls_restr.dev_ideal 
_refine_ls_restr.dev_ideal_target 
_refine_ls_restr.weight 
_refine_ls_restr.number 
_refine_ls_restr.pdbx_refine_id 
_refine_ls_restr.pdbx_restraint_function 
c_bond_d           0.006 ? ? ? 'X-RAY DIFFRACTION' ? 
c_angle_deg        1.3   ? ? ? 'X-RAY DIFFRACTION' ? 
c_dihedral_angle_d 25.9  ? ? ? 'X-RAY DIFFRACTION' ? 
c_improper_angle_d 0.78  ? ? ? 'X-RAY DIFFRACTION' ? 
# 
_refine_ls_shell.pdbx_total_number_of_bins_used   6 
_refine_ls_shell.d_res_high                       1.55 
_refine_ls_shell.d_res_low                        1.65 
_refine_ls_shell.number_reflns_R_work             3130 
_refine_ls_shell.R_factor_R_work                  0.218 
_refine_ls_shell.percent_reflns_obs               90.6 
_refine_ls_shell.R_factor_R_free                  0.256 
_refine_ls_shell.R_factor_R_free_error            0.014 
_refine_ls_shell.percent_reflns_R_free            9.6 
_refine_ls_shell.number_reflns_R_free             334 
_refine_ls_shell.number_reflns_obs                ? 
_refine_ls_shell.redundancy_reflns_obs            ? 
_refine_ls_shell.number_reflns_all                ? 
_refine_ls_shell.pdbx_refine_id                   'X-RAY DIFFRACTION' 
_refine_ls_shell.R_factor_all                     ? 
# 
loop_
_pdbx_xplor_file.serial_no 
_pdbx_xplor_file.param_file 
_pdbx_xplor_file.topol_file 
_pdbx_xplor_file.pdbx_refine_id 
1 PROTEIN_REP.PARAM     PROTEIN.TOP 'X-RAY DIFFRACTION' 
2 WATER.PARAM           ?           'X-RAY DIFFRACTION' 
3 PROTEIN_REP_SBI.PARAM ?           'X-RAY DIFFRACTION' 
# 
_struct.entry_id                  1UHE 
_struct.title                     'Crystal structure of aspartate decarboxylase, isoaspargine complex' 
_struct.pdbx_model_details        ? 
_struct.pdbx_CASP_flag            ? 
_struct.pdbx_model_type_details   ? 
# 
_struct_keywords.entry_id        1UHE 
_struct_keywords.pdbx_keywords   LYASE 
_struct_keywords.text            'double-psi beta barrel, LYASE' 
# 
loop_
_struct_asym.id 
_struct_asym.pdbx_blank_PDB_chainid_flag 
_struct_asym.pdbx_modified 
_struct_asym.entity_id 
_struct_asym.details 
A N N 1 ? 
B N N 2 ? 
C N N 3 ? 
D N N 4 ? 
E N N 4 ? 
# 
loop_
_struct_ref.id 
_struct_ref.db_name 
_struct_ref.db_code 
_struct_ref.pdbx_db_accession 
_struct_ref.entity_id 
_struct_ref.pdbx_seq_one_letter_code 
_struct_ref.pdbx_align_begin 
_struct_ref.pdbx_db_isoform 
1 UNP PAND_HELPY P56065 1 MTFEMLYSKIHRATITDANLNYIG                                                                        1  ? 
2 UNP PAND_HELPY P56065 2 
;ITIDEDLAKLAKLREGMKVEIVDVNNGERFSTYVILGKKRGEICVNGAAARKVAIGDVVIILAYASMNEDEINAHKPSIV
LVDEKNEILEKG
;
26 ? 
# 
loop_
_struct_ref_seq.align_id 
_struct_ref_seq.ref_id 
_struct_ref_seq.pdbx_PDB_id_code 
_struct_ref_seq.pdbx_strand_id 
_struct_ref_seq.seq_align_beg 
_struct_ref_seq.pdbx_seq_align_beg_ins_code 
_struct_ref_seq.seq_align_end 
_struct_ref_seq.pdbx_seq_align_end_ins_code 
_struct_ref_seq.pdbx_db_accession 
_struct_ref_seq.db_align_beg 
_struct_ref_seq.pdbx_db_align_beg_ins_code 
_struct_ref_seq.db_align_end 
_struct_ref_seq.pdbx_db_align_end_ins_code 
_struct_ref_seq.pdbx_auth_seq_align_beg 
_struct_ref_seq.pdbx_auth_seq_align_end 
1 1 1UHE B 1 ? 24 ? P56065 1  ? 24  ? 1  24  
2 2 1UHE A 1 ? 92 ? P56065 26 ? 117 ? 26 117 
# 
loop_
_struct_ref_seq_dif.align_id 
_struct_ref_seq_dif.pdbx_pdb_id_code 
_struct_ref_seq_dif.mon_id 
_struct_ref_seq_dif.pdbx_pdb_strand_id 
_struct_ref_seq_dif.seq_num 
_struct_ref_seq_dif.pdbx_pdb_ins_code 
_struct_ref_seq_dif.pdbx_seq_db_name 
_struct_ref_seq_dif.pdbx_seq_db_accession_code 
_struct_ref_seq_dif.db_mon_id 
_struct_ref_seq_dif.pdbx_seq_db_seq_num 
_struct_ref_seq_dif.details 
_struct_ref_seq_dif.pdbx_auth_seq_num 
_struct_ref_seq_dif.pdbx_ordinal 
2 1UHE LEU A 93 ? UNP P56065 ? ? 'cloning artifact' 118 1 
2 1UHE GLU A 94 ? UNP P56065 ? ? 'cloning artifact' 119 2 
2 1UHE HIS A 95 ? UNP P56065 ? ? 'cloning artifact' 120 3 
2 1UHE HIS A 96 ? UNP P56065 ? ? 'cloning artifact' 121 4 
2 1UHE HIS A 97 ? UNP P56065 ? ? 'cloning artifact' 122 5 
# 
loop_
_pdbx_struct_assembly.id 
_pdbx_struct_assembly.details 
_pdbx_struct_assembly.method_details 
_pdbx_struct_assembly.oligomeric_details 
_pdbx_struct_assembly.oligomeric_count 
1 author_and_software_defined_assembly PISA octameric     8  
2 software_defined_assembly            PQS  hexadecameric 16 
# 
loop_
_pdbx_struct_assembly_prop.biol_id 
_pdbx_struct_assembly_prop.type 
_pdbx_struct_assembly_prop.value 
_pdbx_struct_assembly_prop.details 
1 'ABSA (A^2)' 25990 ? 
1 MORE         -104  ? 
1 'SSA (A^2)'  18070 ? 
# 
loop_
_pdbx_struct_assembly_gen.assembly_id 
_pdbx_struct_assembly_gen.oper_expression 
_pdbx_struct_assembly_gen.asym_id_list 
1 1,2,3,4         A,B,C,D,E 
2 1,2,3,4,5,6,7,8 A,B,C,D,E 
# 
loop_
_pdbx_struct_oper_list.id 
_pdbx_struct_oper_list.type 
_pdbx_struct_oper_list.name 
_pdbx_struct_oper_list.symmetry_operation 
_pdbx_struct_oper_list.matrix[1][1] 
_pdbx_struct_oper_list.matrix[1][2] 
_pdbx_struct_oper_list.matrix[1][3] 
_pdbx_struct_oper_list.vector[1] 
_pdbx_struct_oper_list.matrix[2][1] 
_pdbx_struct_oper_list.matrix[2][2] 
_pdbx_struct_oper_list.matrix[2][3] 
_pdbx_struct_oper_list.vector[2] 
_pdbx_struct_oper_list.matrix[3][1] 
_pdbx_struct_oper_list.matrix[3][2] 
_pdbx_struct_oper_list.matrix[3][3] 
_pdbx_struct_oper_list.vector[3] 
1 'identity operation'         1_555 x,y,z        1.0000000000  0.0000000000  0.0000000000  0.0000000000   0.0000000000  1.0000000000  0.0000000000  0.0000000000  0.0000000000  0.0000000000  1.0000000000  0.0000000000   
2 'crystal symmetry operation' 2_575 -x,-y+2,z    0.9208755716  -0.0462514943 0.3871033208  -3.0481359843  -0.0462514943 -0.9988863408 -0.0093208052 27.0239546046 0.3871033208  -0.0093208052 -0.9219892308 18.3542425307  
3 'crystal symmetry operation' 3_665 -y+1,x+1,z   0.9604377858  -0.2206235563 0.1699544234  1.3610726278   0.1743720620  0.0005568296  -0.9846796809 22.8067331509 0.2171488974  0.9753588757  0.0390053846  -4.0289131848  
4 'crystal symmetry operation' 4_465 y-1,-x+1,z   0.9604377858  0.1743720620  0.2171488974  -4.4092086121  -0.2206235563 0.0005568296  0.9753588757  4.2172214537  0.1699544234  -0.9846796809 0.0390053846  22.3831557156  
5 'crystal symmetry operation' 5_555 -x,y,-z      -0.9209425037 0.0347289639  -0.3881479149 -34.0569022854 0.0347289639  -0.9847440029 -0.1705084976 29.2595332153 -0.3881479149 -0.1705084976 0.9056865067  -4.3187148213  
6 'crystal symmetry operation' 6_575 x,-y+2,-z    -0.9999330678 0.0115225305  0.0010445941  -37.4353913255 0.0115225305  0.9836303437  0.1798293028  -0.5875569403 0.0010445941  0.1798293028  -0.9836972759 8.8797887066   
7 'crystal symmetry operation' 7_465 y-1,x+1,-z   -0.9627381098 -0.1753825654 -0.2058550160 -32.9545034555 -0.1753825654 -0.1745173386 0.9689090021  7.5349720948  -0.2058550160 0.9689090021  0.1372554485  -12.3846864370 
8 'crystal symmetry operation' 8_665 -y+1,-x+1,-z -0.9581374617 0.2216340598  -0.1812483048 -38.5377901554 0.2216340598  0.1734036795  -0.9595881968 21.1370041801 -0.1812483048 -0.9595881968 -0.2152662177 16.9457603223 
# 
_struct_biol.id                    1 
_struct_biol.details               
;The biological assembly is tetramer from the monomer in the asymmetric unit by the operations: -y+1, x+1, z; -x, -y+2, z; y-1, -x+1,z
;
_struct_biol.pdbx_parent_biol_id   ? 
# 
loop_
_struct_conf.conf_type_id 
_struct_conf.id 
_struct_conf.pdbx_PDB_helix_id 
_struct_conf.beg_label_comp_id 
_struct_conf.beg_label_asym_id 
_struct_conf.beg_label_seq_id 
_struct_conf.pdbx_beg_PDB_ins_code 
_struct_conf.end_label_comp_id 
_struct_conf.end_label_asym_id 
_struct_conf.end_label_seq_id 
_struct_conf.pdbx_end_PDB_ins_code 
_struct_conf.beg_auth_comp_id 
_struct_conf.beg_auth_asym_id 
_struct_conf.beg_auth_seq_id 
_struct_conf.end_auth_comp_id 
_struct_conf.end_auth_asym_id 
_struct_conf.end_auth_seq_id 
_struct_conf.pdbx_PDB_helix_class 
_struct_conf.details 
_struct_conf.pdbx_PDB_helix_length 
HELX_P HELX_P1 1 GLU B 5  ? ALA B 11 ? GLU A 30 ALA A 36  1 ? 7 
HELX_P HELX_P2 2 ALA B 48 ? VAL B 53 ? ALA A 73 VAL A 78  5 ? 6 
HELX_P HELX_P3 3 ASN B 68 ? HIS B 75 ? ASN A 93 HIS A 100 1 ? 8 
# 
_struct_conf_type.id          HELX_P 
_struct_conf_type.criteria    ? 
_struct_conf_type.reference   ? 
# 
_struct_conn.id                            covale1 
_struct_conn.conn_type_id                  covale 
_struct_conn.pdbx_leaving_atom_flag        one 
_struct_conn.pdbx_PDB_id                   ? 
_struct_conn.ptnr1_label_asym_id           C 
_struct_conn.ptnr1_label_comp_id           NSN 
_struct_conn.ptnr1_label_seq_id            . 
_struct_conn.ptnr1_label_atom_id           C3 
_struct_conn.pdbx_ptnr1_label_alt_id       ? 
_struct_conn.pdbx_ptnr1_PDB_ins_code       ? 
_struct_conn.pdbx_ptnr1_standard_comp_id   ? 
_struct_conn.ptnr1_symmetry                1_555 
_struct_conn.ptnr2_label_asym_id           B 
_struct_conn.ptnr2_label_comp_id           ILE 
_struct_conn.ptnr2_label_seq_id            1 
_struct_conn.ptnr2_label_atom_id           N 
_struct_conn.pdbx_ptnr2_label_alt_id       ? 
_struct_conn.pdbx_ptnr2_PDB_ins_code       ? 
_struct_conn.ptnr1_auth_asym_id            A 
_struct_conn.ptnr1_auth_comp_id            NSN 
_struct_conn.ptnr1_auth_seq_id             25 
_struct_conn.ptnr2_auth_asym_id            A 
_struct_conn.ptnr2_auth_comp_id            ILE 
_struct_conn.ptnr2_auth_seq_id             26 
_struct_conn.ptnr2_symmetry                1_555 
_struct_conn.pdbx_ptnr3_label_atom_id      ? 
_struct_conn.pdbx_ptnr3_label_seq_id       ? 
_struct_conn.pdbx_ptnr3_label_comp_id      ? 
_struct_conn.pdbx_ptnr3_label_asym_id      ? 
_struct_conn.pdbx_ptnr3_label_alt_id       ? 
_struct_conn.pdbx_ptnr3_PDB_ins_code       ? 
_struct_conn.details                       ? 
_struct_conn.pdbx_dist_value               1.330 
_struct_conn.pdbx_value_order              ? 
_struct_conn.pdbx_role                     ? 
# 
_struct_conn_type.id          covale 
_struct_conn_type.criteria    ? 
_struct_conn_type.reference   ? 
# 
_pdbx_modification_feature.ordinal                            1 
_pdbx_modification_feature.label_comp_id                      NSN 
_pdbx_modification_feature.label_asym_id                      C 
_pdbx_modification_feature.label_seq_id                       . 
_pdbx_modification_feature.label_alt_id                       ? 
_pdbx_modification_feature.modified_residue_label_comp_id     ILE 
_pdbx_modification_feature.modified_residue_label_asym_id     B 
_pdbx_modification_feature.modified_residue_label_seq_id      1 
_pdbx_modification_feature.modified_residue_label_alt_id      ? 
_pdbx_modification_feature.auth_comp_id                       NSN 
_pdbx_modification_feature.auth_asym_id                       A 
_pdbx_modification_feature.auth_seq_id                        25 
_pdbx_modification_feature.PDB_ins_code                       ? 
_pdbx_modification_feature.symmetry                           1_555 
_pdbx_modification_feature.modified_residue_auth_comp_id      ILE 
_pdbx_modification_feature.modified_residue_auth_asym_id      A 
_pdbx_modification_feature.modified_residue_auth_seq_id       26 
_pdbx_modification_feature.modified_residue_PDB_ins_code      ? 
_pdbx_modification_feature.modified_residue_symmetry          1_555 
_pdbx_modification_feature.comp_id_linking_atom               C3 
_pdbx_modification_feature.modified_residue_id_linking_atom   N 
_pdbx_modification_feature.modified_residue_id                ILE 
_pdbx_modification_feature.ref_pcm_id                         1 
_pdbx_modification_feature.ref_comp_id                        NSN 
_pdbx_modification_feature.type                               None 
_pdbx_modification_feature.category                           'Covalent chemical modification' 
# 
loop_
_struct_sheet.id 
_struct_sheet.type 
_struct_sheet.number_strands 
_struct_sheet.details 
A ? 6 ? 
B ? 4 ? 
# 
loop_
_struct_sheet_order.sheet_id 
_struct_sheet_order.range_id_1 
_struct_sheet_order.range_id_2 
_struct_sheet_order.offset 
_struct_sheet_order.sense 
A 1 2 ? anti-parallel 
A 2 3 ? anti-parallel 
A 3 4 ? anti-parallel 
A 4 5 ? parallel      
A 5 6 ? anti-parallel 
B 1 2 ? parallel      
B 2 3 ? anti-parallel 
B 3 4 ? parallel      
# 
loop_
_struct_sheet_range.sheet_id 
_struct_sheet_range.id 
_struct_sheet_range.beg_label_comp_id 
_struct_sheet_range.beg_label_asym_id 
_struct_sheet_range.beg_label_seq_id 
_struct_sheet_range.pdbx_beg_PDB_ins_code 
_struct_sheet_range.end_label_comp_id 
_struct_sheet_range.end_label_asym_id 
_struct_sheet_range.end_label_seq_id 
_struct_sheet_range.pdbx_end_PDB_ins_code 
_struct_sheet_range.beg_auth_comp_id 
_struct_sheet_range.beg_auth_asym_id 
_struct_sheet_range.beg_auth_seq_id 
_struct_sheet_range.end_auth_comp_id 
_struct_sheet_range.end_auth_asym_id 
_struct_sheet_range.end_auth_seq_id 
A 1 ARG B 29 ? TYR B 33 ? ARG A 54  TYR A 58  
A 2 LYS B 18 ? ASP B 23 ? LYS A 43  ASP A 48  
A 3 VAL B 58 ? MET B 67 ? VAL A 83  MET A 92  
A 4 PHE A 3  ? THR A 14 ? PHE B 3   THR B 14  
A 5 SER B 78 ? VAL B 82 ? SER A 103 VAL A 107 
A 6 ILE B 88 ? GLY B 92 ? ILE A 113 GLY A 117 
B 1 ASP A 17 ? ASN A 19 ? ASP B 17  ASN B 19  
B 2 ILE B 43 ? ASN B 46 ? ILE A 68  ASN A 71  
B 3 THR B 2  ? ASP B 4  ? THR A 27  ASP A 29  
B 4 ILE B 35 ? GLY B 37 ? ILE A 60  GLY A 62  
# 
loop_
_pdbx_struct_sheet_hbond.sheet_id 
_pdbx_struct_sheet_hbond.range_id_1 
_pdbx_struct_sheet_hbond.range_id_2 
_pdbx_struct_sheet_hbond.range_1_label_atom_id 
_pdbx_struct_sheet_hbond.range_1_label_comp_id 
_pdbx_struct_sheet_hbond.range_1_label_asym_id 
_pdbx_struct_sheet_hbond.range_1_label_seq_id 
_pdbx_struct_sheet_hbond.range_1_PDB_ins_code 
_pdbx_struct_sheet_hbond.range_1_auth_atom_id 
_pdbx_struct_sheet_hbond.range_1_auth_comp_id 
_pdbx_struct_sheet_hbond.range_1_auth_asym_id 
_pdbx_struct_sheet_hbond.range_1_auth_seq_id 
_pdbx_struct_sheet_hbond.range_2_label_atom_id 
_pdbx_struct_sheet_hbond.range_2_label_comp_id 
_pdbx_struct_sheet_hbond.range_2_label_asym_id 
_pdbx_struct_sheet_hbond.range_2_label_seq_id 
_pdbx_struct_sheet_hbond.range_2_PDB_ins_code 
_pdbx_struct_sheet_hbond.range_2_auth_atom_id 
_pdbx_struct_sheet_hbond.range_2_auth_comp_id 
_pdbx_struct_sheet_hbond.range_2_auth_asym_id 
_pdbx_struct_sheet_hbond.range_2_auth_seq_id 
A 1 2 O PHE B 30 ? O PHE A 55  N ILE B 21 ? N ILE A 46  
A 2 3 N GLU B 20 ? N GLU A 45  O LEU B 62 ? O LEU A 87  
A 3 4 O ALA B 65 ? O ALA A 90  N MET A 5  ? N MET B 5   
A 4 5 N HIS A 11 ? N HIS B 11  O VAL B 80 ? O VAL A 105 
A 5 6 N LEU B 81 ? N LEU A 106 O LEU B 89 ? O LEU A 114 
B 1 2 N ASN A 19 ? N ASN B 19  O VAL B 45 ? O VAL A 70  
B 2 3 O CYS B 44 ? O CYS A 69  N THR B 2  ? N THR A 27  
B 3 4 N ILE B 3  ? N ILE A 28  O GLY B 37 ? O GLY A 62  
# 
_struct_site.id                   AC1 
_struct_site.pdbx_evidence_code   Software 
_struct_site.pdbx_auth_asym_id    A 
_struct_site.pdbx_auth_comp_id    NSN 
_struct_site.pdbx_auth_seq_id     25 
_struct_site.pdbx_auth_ins_code   ? 
_struct_site.pdbx_num_residues    9 
_struct_site.details              'BINDING SITE FOR RESIDUE NSN A 25' 
# 
loop_
_struct_site_gen.id 
_struct_site_gen.site_id 
_struct_site_gen.pdbx_num_res 
_struct_site_gen.label_comp_id 
_struct_site_gen.label_asym_id 
_struct_site_gen.label_seq_id 
_struct_site_gen.pdbx_auth_ins_code 
_struct_site_gen.auth_comp_id 
_struct_site_gen.auth_asym_id 
_struct_site_gen.auth_seq_id 
_struct_site_gen.label_atom_id 
_struct_site_gen.label_alt_id 
_struct_site_gen.symmetry 
_struct_site_gen.details 
1 AC1 9 ILE B 1  ? ILE A 26 . ? 1_555 ? 
2 AC1 9 ARG B 29 ? ARG A 54 . ? 4_465 ? 
3 AC1 9 THR B 32 ? THR A 57 . ? 1_555 ? 
4 AC1 9 TYR B 33 ? TYR A 58 . ? 1_555 ? 
5 AC1 9 ILE B 35 ? ILE A 60 . ? 1_555 ? 
6 AC1 9 ASN B 46 ? ASN A 71 . ? 1_555 ? 
7 AC1 9 ALA B 48 ? ALA A 73 . ? 1_555 ? 
8 AC1 9 ALA B 49 ? ALA A 74 . ? 1_555 ? 
9 AC1 9 LYS A 9  ? LYS B 9  . ? 4_465 ? 
# 
_pdbx_entry_details.entry_id                   1UHE 
_pdbx_entry_details.compound_details           ? 
_pdbx_entry_details.source_details             ? 
_pdbx_entry_details.nonpolymer_details         ? 
_pdbx_entry_details.sequence_details           ? 
_pdbx_entry_details.has_ligand_of_interest     ? 
_pdbx_entry_details.has_protein_modification   Y 
# 
loop_
_chem_comp_atom.comp_id 
_chem_comp_atom.atom_id 
_chem_comp_atom.type_symbol 
_chem_comp_atom.pdbx_aromatic_flag 
_chem_comp_atom.pdbx_stereo_config 
_chem_comp_atom.pdbx_ordinal 
ALA N    N N N 1   
ALA CA   C N S 2   
ALA C    C N N 3   
ALA O    O N N 4   
ALA CB   C N N 5   
ALA OXT  O N N 6   
ALA H    H N N 7   
ALA H2   H N N 8   
ALA HA   H N N 9   
ALA HB1  H N N 10  
ALA HB2  H N N 11  
ALA HB3  H N N 12  
ALA HXT  H N N 13  
ARG N    N N N 14  
ARG CA   C N S 15  
ARG C    C N N 16  
ARG O    O N N 17  
ARG CB   C N N 18  
ARG CG   C N N 19  
ARG CD   C N N 20  
ARG NE   N N N 21  
ARG CZ   C N N 22  
ARG NH1  N N N 23  
ARG NH2  N N N 24  
ARG OXT  O N N 25  
ARG H    H N N 26  
ARG H2   H N N 27  
ARG HA   H N N 28  
ARG HB2  H N N 29  
ARG HB3  H N N 30  
ARG HG2  H N N 31  
ARG HG3  H N N 32  
ARG HD2  H N N 33  
ARG HD3  H N N 34  
ARG HE   H N N 35  
ARG HH11 H N N 36  
ARG HH12 H N N 37  
ARG HH21 H N N 38  
ARG HH22 H N N 39  
ARG HXT  H N N 40  
ASN N    N N N 41  
ASN CA   C N S 42  
ASN C    C N N 43  
ASN O    O N N 44  
ASN CB   C N N 45  
ASN CG   C N N 46  
ASN OD1  O N N 47  
ASN ND2  N N N 48  
ASN OXT  O N N 49  
ASN H    H N N 50  
ASN H2   H N N 51  
ASN HA   H N N 52  
ASN HB2  H N N 53  
ASN HB3  H N N 54  
ASN HD21 H N N 55  
ASN HD22 H N N 56  
ASN HXT  H N N 57  
ASP N    N N N 58  
ASP CA   C N S 59  
ASP C    C N N 60  
ASP O    O N N 61  
ASP CB   C N N 62  
ASP CG   C N N 63  
ASP OD1  O N N 64  
ASP OD2  O N N 65  
ASP OXT  O N N 66  
ASP H    H N N 67  
ASP H2   H N N 68  
ASP HA   H N N 69  
ASP HB2  H N N 70  
ASP HB3  H N N 71  
ASP HD2  H N N 72  
ASP HXT  H N N 73  
CYS N    N N N 74  
CYS CA   C N R 75  
CYS C    C N N 76  
CYS O    O N N 77  
CYS CB   C N N 78  
CYS SG   S N N 79  
CYS OXT  O N N 80  
CYS H    H N N 81  
CYS H2   H N N 82  
CYS HA   H N N 83  
CYS HB2  H N N 84  
CYS HB3  H N N 85  
CYS HG   H N N 86  
CYS HXT  H N N 87  
GLU N    N N N 88  
GLU CA   C N S 89  
GLU C    C N N 90  
GLU O    O N N 91  
GLU CB   C N N 92  
GLU CG   C N N 93  
GLU CD   C N N 94  
GLU OE1  O N N 95  
GLU OE2  O N N 96  
GLU OXT  O N N 97  
GLU H    H N N 98  
GLU H2   H N N 99  
GLU HA   H N N 100 
GLU HB2  H N N 101 
GLU HB3  H N N 102 
GLU HG2  H N N 103 
GLU HG3  H N N 104 
GLU HE2  H N N 105 
GLU HXT  H N N 106 
GLY N    N N N 107 
GLY CA   C N N 108 
GLY C    C N N 109 
GLY O    O N N 110 
GLY OXT  O N N 111 
GLY H    H N N 112 
GLY H2   H N N 113 
GLY HA2  H N N 114 
GLY HA3  H N N 115 
GLY HXT  H N N 116 
HIS N    N N N 117 
HIS CA   C N S 118 
HIS C    C N N 119 
HIS O    O N N 120 
HIS CB   C N N 121 
HIS CG   C Y N 122 
HIS ND1  N Y N 123 
HIS CD2  C Y N 124 
HIS CE1  C Y N 125 
HIS NE2  N Y N 126 
HIS OXT  O N N 127 
HIS H    H N N 128 
HIS H2   H N N 129 
HIS HA   H N N 130 
HIS HB2  H N N 131 
HIS HB3  H N N 132 
HIS HD1  H N N 133 
HIS HD2  H N N 134 
HIS HE1  H N N 135 
HIS HE2  H N N 136 
HIS HXT  H N N 137 
HOH O    O N N 138 
HOH H1   H N N 139 
HOH H2   H N N 140 
ILE N    N N N 141 
ILE CA   C N S 142 
ILE C    C N N 143 
ILE O    O N N 144 
ILE CB   C N S 145 
ILE CG1  C N N 146 
ILE CG2  C N N 147 
ILE CD1  C N N 148 
ILE OXT  O N N 149 
ILE H    H N N 150 
ILE H2   H N N 151 
ILE HA   H N N 152 
ILE HB   H N N 153 
ILE HG12 H N N 154 
ILE HG13 H N N 155 
ILE HG21 H N N 156 
ILE HG22 H N N 157 
ILE HG23 H N N 158 
ILE HD11 H N N 159 
ILE HD12 H N N 160 
ILE HD13 H N N 161 
ILE HXT  H N N 162 
LEU N    N N N 163 
LEU CA   C N S 164 
LEU C    C N N 165 
LEU O    O N N 166 
LEU CB   C N N 167 
LEU CG   C N N 168 
LEU CD1  C N N 169 
LEU CD2  C N N 170 
LEU OXT  O N N 171 
LEU H    H N N 172 
LEU H2   H N N 173 
LEU HA   H N N 174 
LEU HB2  H N N 175 
LEU HB3  H N N 176 
LEU HG   H N N 177 
LEU HD11 H N N 178 
LEU HD12 H N N 179 
LEU HD13 H N N 180 
LEU HD21 H N N 181 
LEU HD22 H N N 182 
LEU HD23 H N N 183 
LEU HXT  H N N 184 
LYS N    N N N 185 
LYS CA   C N S 186 
LYS C    C N N 187 
LYS O    O N N 188 
LYS CB   C N N 189 
LYS CG   C N N 190 
LYS CD   C N N 191 
LYS CE   C N N 192 
LYS NZ   N N N 193 
LYS OXT  O N N 194 
LYS H    H N N 195 
LYS H2   H N N 196 
LYS HA   H N N 197 
LYS HB2  H N N 198 
LYS HB3  H N N 199 
LYS HG2  H N N 200 
LYS HG3  H N N 201 
LYS HD2  H N N 202 
LYS HD3  H N N 203 
LYS HE2  H N N 204 
LYS HE3  H N N 205 
LYS HZ1  H N N 206 
LYS HZ2  H N N 207 
LYS HZ3  H N N 208 
LYS HXT  H N N 209 
MET N    N N N 210 
MET CA   C N S 211 
MET C    C N N 212 
MET O    O N N 213 
MET CB   C N N 214 
MET CG   C N N 215 
MET SD   S N N 216 
MET CE   C N N 217 
MET OXT  O N N 218 
MET H    H N N 219 
MET H2   H N N 220 
MET HA   H N N 221 
MET HB2  H N N 222 
MET HB3  H N N 223 
MET HG2  H N N 224 
MET HG3  H N N 225 
MET HE1  H N N 226 
MET HE2  H N N 227 
MET HE3  H N N 228 
MET HXT  H N N 229 
NSN C1   C N N 230 
NSN C2   C N N 231 
NSN C3   C N N 232 
NSN O1   O N N 233 
NSN N1   N N N 234 
NSN C4   C N S 235 
NSN C5   C N N 236 
NSN C6   C N N 237 
NSN O2   O N N 238 
NSN O3   O N N 239 
NSN C7   C N N 240 
NSN N2   N N N 241 
NSN O4   O N N 242 
NSN N3   N N N 243 
NSN H11  H N N 244 
NSN H12  H N N 245 
NSN H13  H N N 246 
NSN HN1  H N N 247 
NSN H4   H N N 248 
NSN H51  H N N 249 
NSN H52  H N N 250 
NSN HN21 H N N 251 
NSN HN22 H N N 252 
NSN HN31 H N N 253 
NSN HN32 H N N 254 
PHE N    N N N 255 
PHE CA   C N S 256 
PHE C    C N N 257 
PHE O    O N N 258 
PHE CB   C N N 259 
PHE CG   C Y N 260 
PHE CD1  C Y N 261 
PHE CD2  C Y N 262 
PHE CE1  C Y N 263 
PHE CE2  C Y N 264 
PHE CZ   C Y N 265 
PHE OXT  O N N 266 
PHE H    H N N 267 
PHE H2   H N N 268 
PHE HA   H N N 269 
PHE HB2  H N N 270 
PHE HB3  H N N 271 
PHE HD1  H N N 272 
PHE HD2  H N N 273 
PHE HE1  H N N 274 
PHE HE2  H N N 275 
PHE HZ   H N N 276 
PHE HXT  H N N 277 
PRO N    N N N 278 
PRO CA   C N S 279 
PRO C    C N N 280 
PRO O    O N N 281 
PRO CB   C N N 282 
PRO CG   C N N 283 
PRO CD   C N N 284 
PRO OXT  O N N 285 
PRO H    H N N 286 
PRO HA   H N N 287 
PRO HB2  H N N 288 
PRO HB3  H N N 289 
PRO HG2  H N N 290 
PRO HG3  H N N 291 
PRO HD2  H N N 292 
PRO HD3  H N N 293 
PRO HXT  H N N 294 
SER N    N N N 295 
SER CA   C N S 296 
SER C    C N N 297 
SER O    O N N 298 
SER CB   C N N 299 
SER OG   O N N 300 
SER OXT  O N N 301 
SER H    H N N 302 
SER H2   H N N 303 
SER HA   H N N 304 
SER HB2  H N N 305 
SER HB3  H N N 306 
SER HG   H N N 307 
SER HXT  H N N 308 
THR N    N N N 309 
THR CA   C N S 310 
THR C    C N N 311 
THR O    O N N 312 
THR CB   C N R 313 
THR OG1  O N N 314 
THR CG2  C N N 315 
THR OXT  O N N 316 
THR H    H N N 317 
THR H2   H N N 318 
THR HA   H N N 319 
THR HB   H N N 320 
THR HG1  H N N 321 
THR HG21 H N N 322 
THR HG22 H N N 323 
THR HG23 H N N 324 
THR HXT  H N N 325 
TYR N    N N N 326 
TYR CA   C N S 327 
TYR C    C N N 328 
TYR O    O N N 329 
TYR CB   C N N 330 
TYR CG   C Y N 331 
TYR CD1  C Y N 332 
TYR CD2  C Y N 333 
TYR CE1  C Y N 334 
TYR CE2  C Y N 335 
TYR CZ   C Y N 336 
TYR OH   O N N 337 
TYR OXT  O N N 338 
TYR H    H N N 339 
TYR H2   H N N 340 
TYR HA   H N N 341 
TYR HB2  H N N 342 
TYR HB3  H N N 343 
TYR HD1  H N N 344 
TYR HD2  H N N 345 
TYR HE1  H N N 346 
TYR HE2  H N N 347 
TYR HH   H N N 348 
TYR HXT  H N N 349 
VAL N    N N N 350 
VAL CA   C N S 351 
VAL C    C N N 352 
VAL O    O N N 353 
VAL CB   C N N 354 
VAL CG1  C N N 355 
VAL CG2  C N N 356 
VAL OXT  O N N 357 
VAL H    H N N 358 
VAL H2   H N N 359 
VAL HA   H N N 360 
VAL HB   H N N 361 
VAL HG11 H N N 362 
VAL HG12 H N N 363 
VAL HG13 H N N 364 
VAL HG21 H N N 365 
VAL HG22 H N N 366 
VAL HG23 H N N 367 
VAL HXT  H N N 368 
# 
loop_
_chem_comp_bond.comp_id 
_chem_comp_bond.atom_id_1 
_chem_comp_bond.atom_id_2 
_chem_comp_bond.value_order 
_chem_comp_bond.pdbx_aromatic_flag 
_chem_comp_bond.pdbx_stereo_config 
_chem_comp_bond.pdbx_ordinal 
ALA N   CA   sing N N 1   
ALA N   H    sing N N 2   
ALA N   H2   sing N N 3   
ALA CA  C    sing N N 4   
ALA CA  CB   sing N N 5   
ALA CA  HA   sing N N 6   
ALA C   O    doub N N 7   
ALA C   OXT  sing N N 8   
ALA CB  HB1  sing N N 9   
ALA CB  HB2  sing N N 10  
ALA CB  HB3  sing N N 11  
ALA OXT HXT  sing N N 12  
ARG N   CA   sing N N 13  
ARG N   H    sing N N 14  
ARG N   H2   sing N N 15  
ARG CA  C    sing N N 16  
ARG CA  CB   sing N N 17  
ARG CA  HA   sing N N 18  
ARG C   O    doub N N 19  
ARG C   OXT  sing N N 20  
ARG CB  CG   sing N N 21  
ARG CB  HB2  sing N N 22  
ARG CB  HB3  sing N N 23  
ARG CG  CD   sing N N 24  
ARG CG  HG2  sing N N 25  
ARG CG  HG3  sing N N 26  
ARG CD  NE   sing N N 27  
ARG CD  HD2  sing N N 28  
ARG CD  HD3  sing N N 29  
ARG NE  CZ   sing N N 30  
ARG NE  HE   sing N N 31  
ARG CZ  NH1  sing N N 32  
ARG CZ  NH2  doub N N 33  
ARG NH1 HH11 sing N N 34  
ARG NH1 HH12 sing N N 35  
ARG NH2 HH21 sing N N 36  
ARG NH2 HH22 sing N N 37  
ARG OXT HXT  sing N N 38  
ASN N   CA   sing N N 39  
ASN N   H    sing N N 40  
ASN N   H2   sing N N 41  
ASN CA  C    sing N N 42  
ASN CA  CB   sing N N 43  
ASN CA  HA   sing N N 44  
ASN C   O    doub N N 45  
ASN C   OXT  sing N N 46  
ASN CB  CG   sing N N 47  
ASN CB  HB2  sing N N 48  
ASN CB  HB3  sing N N 49  
ASN CG  OD1  doub N N 50  
ASN CG  ND2  sing N N 51  
ASN ND2 HD21 sing N N 52  
ASN ND2 HD22 sing N N 53  
ASN OXT HXT  sing N N 54  
ASP N   CA   sing N N 55  
ASP N   H    sing N N 56  
ASP N   H2   sing N N 57  
ASP CA  C    sing N N 58  
ASP CA  CB   sing N N 59  
ASP CA  HA   sing N N 60  
ASP C   O    doub N N 61  
ASP C   OXT  sing N N 62  
ASP CB  CG   sing N N 63  
ASP CB  HB2  sing N N 64  
ASP CB  HB3  sing N N 65  
ASP CG  OD1  doub N N 66  
ASP CG  OD2  sing N N 67  
ASP OD2 HD2  sing N N 68  
ASP OXT HXT  sing N N 69  
CYS N   CA   sing N N 70  
CYS N   H    sing N N 71  
CYS N   H2   sing N N 72  
CYS CA  C    sing N N 73  
CYS CA  CB   sing N N 74  
CYS CA  HA   sing N N 75  
CYS C   O    doub N N 76  
CYS C   OXT  sing N N 77  
CYS CB  SG   sing N N 78  
CYS CB  HB2  sing N N 79  
CYS CB  HB3  sing N N 80  
CYS SG  HG   sing N N 81  
CYS OXT HXT  sing N N 82  
GLU N   CA   sing N N 83  
GLU N   H    sing N N 84  
GLU N   H2   sing N N 85  
GLU CA  C    sing N N 86  
GLU CA  CB   sing N N 87  
GLU CA  HA   sing N N 88  
GLU C   O    doub N N 89  
GLU C   OXT  sing N N 90  
GLU CB  CG   sing N N 91  
GLU CB  HB2  sing N N 92  
GLU CB  HB3  sing N N 93  
GLU CG  CD   sing N N 94  
GLU CG  HG2  sing N N 95  
GLU CG  HG3  sing N N 96  
GLU CD  OE1  doub N N 97  
GLU CD  OE2  sing N N 98  
GLU OE2 HE2  sing N N 99  
GLU OXT HXT  sing N N 100 
GLY N   CA   sing N N 101 
GLY N   H    sing N N 102 
GLY N   H2   sing N N 103 
GLY CA  C    sing N N 104 
GLY CA  HA2  sing N N 105 
GLY CA  HA3  sing N N 106 
GLY C   O    doub N N 107 
GLY C   OXT  sing N N 108 
GLY OXT HXT  sing N N 109 
HIS N   CA   sing N N 110 
HIS N   H    sing N N 111 
HIS N   H2   sing N N 112 
HIS CA  C    sing N N 113 
HIS CA  CB   sing N N 114 
HIS CA  HA   sing N N 115 
HIS C   O    doub N N 116 
HIS C   OXT  sing N N 117 
HIS CB  CG   sing N N 118 
HIS CB  HB2  sing N N 119 
HIS CB  HB3  sing N N 120 
HIS CG  ND1  sing Y N 121 
HIS CG  CD2  doub Y N 122 
HIS ND1 CE1  doub Y N 123 
HIS ND1 HD1  sing N N 124 
HIS CD2 NE2  sing Y N 125 
HIS CD2 HD2  sing N N 126 
HIS CE1 NE2  sing Y N 127 
HIS CE1 HE1  sing N N 128 
HIS NE2 HE2  sing N N 129 
HIS OXT HXT  sing N N 130 
HOH O   H1   sing N N 131 
HOH O   H2   sing N N 132 
ILE N   CA   sing N N 133 
ILE N   H    sing N N 134 
ILE N   H2   sing N N 135 
ILE CA  C    sing N N 136 
ILE CA  CB   sing N N 137 
ILE CA  HA   sing N N 138 
ILE C   O    doub N N 139 
ILE C   OXT  sing N N 140 
ILE CB  CG1  sing N N 141 
ILE CB  CG2  sing N N 142 
ILE CB  HB   sing N N 143 
ILE CG1 CD1  sing N N 144 
ILE CG1 HG12 sing N N 145 
ILE CG1 HG13 sing N N 146 
ILE CG2 HG21 sing N N 147 
ILE CG2 HG22 sing N N 148 
ILE CG2 HG23 sing N N 149 
ILE CD1 HD11 sing N N 150 
ILE CD1 HD12 sing N N 151 
ILE CD1 HD13 sing N N 152 
ILE OXT HXT  sing N N 153 
LEU N   CA   sing N N 154 
LEU N   H    sing N N 155 
LEU N   H2   sing N N 156 
LEU CA  C    sing N N 157 
LEU CA  CB   sing N N 158 
LEU CA  HA   sing N N 159 
LEU C   O    doub N N 160 
LEU C   OXT  sing N N 161 
LEU CB  CG   sing N N 162 
LEU CB  HB2  sing N N 163 
LEU CB  HB3  sing N N 164 
LEU CG  CD1  sing N N 165 
LEU CG  CD2  sing N N 166 
LEU CG  HG   sing N N 167 
LEU CD1 HD11 sing N N 168 
LEU CD1 HD12 sing N N 169 
LEU CD1 HD13 sing N N 170 
LEU CD2 HD21 sing N N 171 
LEU CD2 HD22 sing N N 172 
LEU CD2 HD23 sing N N 173 
LEU OXT HXT  sing N N 174 
LYS N   CA   sing N N 175 
LYS N   H    sing N N 176 
LYS N   H2   sing N N 177 
LYS CA  C    sing N N 178 
LYS CA  CB   sing N N 179 
LYS CA  HA   sing N N 180 
LYS C   O    doub N N 181 
LYS C   OXT  sing N N 182 
LYS CB  CG   sing N N 183 
LYS CB  HB2  sing N N 184 
LYS CB  HB3  sing N N 185 
LYS CG  CD   sing N N 186 
LYS CG  HG2  sing N N 187 
LYS CG  HG3  sing N N 188 
LYS CD  CE   sing N N 189 
LYS CD  HD2  sing N N 190 
LYS CD  HD3  sing N N 191 
LYS CE  NZ   sing N N 192 
LYS CE  HE2  sing N N 193 
LYS CE  HE3  sing N N 194 
LYS NZ  HZ1  sing N N 195 
LYS NZ  HZ2  sing N N 196 
LYS NZ  HZ3  sing N N 197 
LYS OXT HXT  sing N N 198 
MET N   CA   sing N N 199 
MET N   H    sing N N 200 
MET N   H2   sing N N 201 
MET CA  C    sing N N 202 
MET CA  CB   sing N N 203 
MET CA  HA   sing N N 204 
MET C   O    doub N N 205 
MET C   OXT  sing N N 206 
MET CB  CG   sing N N 207 
MET CB  HB2  sing N N 208 
MET CB  HB3  sing N N 209 
MET CG  SD   sing N N 210 
MET CG  HG2  sing N N 211 
MET CG  HG3  sing N N 212 
MET SD  CE   sing N N 213 
MET CE  HE1  sing N N 214 
MET CE  HE2  sing N N 215 
MET CE  HE3  sing N N 216 
MET OXT HXT  sing N N 217 
NSN C1  C2   sing N N 218 
NSN C1  H11  sing N N 219 
NSN C1  H12  sing N N 220 
NSN C1  H13  sing N N 221 
NSN C2  C3   sing N N 222 
NSN C2  N1   doub N N 223 
NSN C3  O1   doub N N 224 
NSN C3  N3   sing N N 225 
NSN N1  C4   sing N N 226 
NSN N1  HN1  sing N N 227 
NSN C4  C5   sing N N 228 
NSN C4  C7   sing N N 229 
NSN C4  H4   sing N N 230 
NSN C5  C6   sing N N 231 
NSN C5  H51  sing N N 232 
NSN C5  H52  sing N N 233 
NSN C6  O2   sing N N 234 
NSN C6  O3   doub N N 235 
NSN C7  N2   sing N N 236 
NSN C7  O4   doub N N 237 
NSN N2  HN21 sing N N 238 
NSN N2  HN22 sing N N 239 
NSN N3  HN31 sing N N 240 
NSN N3  HN32 sing N N 241 
PHE N   CA   sing N N 242 
PHE N   H    sing N N 243 
PHE N   H2   sing N N 244 
PHE CA  C    sing N N 245 
PHE CA  CB   sing N N 246 
PHE CA  HA   sing N N 247 
PHE C   O    doub N N 248 
PHE C   OXT  sing N N 249 
PHE CB  CG   sing N N 250 
PHE CB  HB2  sing N N 251 
PHE CB  HB3  sing N N 252 
PHE CG  CD1  doub Y N 253 
PHE CG  CD2  sing Y N 254 
PHE CD1 CE1  sing Y N 255 
PHE CD1 HD1  sing N N 256 
PHE CD2 CE2  doub Y N 257 
PHE CD2 HD2  sing N N 258 
PHE CE1 CZ   doub Y N 259 
PHE CE1 HE1  sing N N 260 
PHE CE2 CZ   sing Y N 261 
PHE CE2 HE2  sing N N 262 
PHE CZ  HZ   sing N N 263 
PHE OXT HXT  sing N N 264 
PRO N   CA   sing N N 265 
PRO N   CD   sing N N 266 
PRO N   H    sing N N 267 
PRO CA  C    sing N N 268 
PRO CA  CB   sing N N 269 
PRO CA  HA   sing N N 270 
PRO C   O    doub N N 271 
PRO C   OXT  sing N N 272 
PRO CB  CG   sing N N 273 
PRO CB  HB2  sing N N 274 
PRO CB  HB3  sing N N 275 
PRO CG  CD   sing N N 276 
PRO CG  HG2  sing N N 277 
PRO CG  HG3  sing N N 278 
PRO CD  HD2  sing N N 279 
PRO CD  HD3  sing N N 280 
PRO OXT HXT  sing N N 281 
SER N   CA   sing N N 282 
SER N   H    sing N N 283 
SER N   H2   sing N N 284 
SER CA  C    sing N N 285 
SER CA  CB   sing N N 286 
SER CA  HA   sing N N 287 
SER C   O    doub N N 288 
SER C   OXT  sing N N 289 
SER CB  OG   sing N N 290 
SER CB  HB2  sing N N 291 
SER CB  HB3  sing N N 292 
SER OG  HG   sing N N 293 
SER OXT HXT  sing N N 294 
THR N   CA   sing N N 295 
THR N   H    sing N N 296 
THR N   H2   sing N N 297 
THR CA  C    sing N N 298 
THR CA  CB   sing N N 299 
THR CA  HA   sing N N 300 
THR C   O    doub N N 301 
THR C   OXT  sing N N 302 
THR CB  OG1  sing N N 303 
THR CB  CG2  sing N N 304 
THR CB  HB   sing N N 305 
THR OG1 HG1  sing N N 306 
THR CG2 HG21 sing N N 307 
THR CG2 HG22 sing N N 308 
THR CG2 HG23 sing N N 309 
THR OXT HXT  sing N N 310 
TYR N   CA   sing N N 311 
TYR N   H    sing N N 312 
TYR N   H2   sing N N 313 
TYR CA  C    sing N N 314 
TYR CA  CB   sing N N 315 
TYR CA  HA   sing N N 316 
TYR C   O    doub N N 317 
TYR C   OXT  sing N N 318 
TYR CB  CG   sing N N 319 
TYR CB  HB2  sing N N 320 
TYR CB  HB3  sing N N 321 
TYR CG  CD1  doub Y N 322 
TYR CG  CD2  sing Y N 323 
TYR CD1 CE1  sing Y N 324 
TYR CD1 HD1  sing N N 325 
TYR CD2 CE2  doub Y N 326 
TYR CD2 HD2  sing N N 327 
TYR CE1 CZ   doub Y N 328 
TYR CE1 HE1  sing N N 329 
TYR CE2 CZ   sing Y N 330 
TYR CE2 HE2  sing N N 331 
TYR CZ  OH   sing N N 332 
TYR OH  HH   sing N N 333 
TYR OXT HXT  sing N N 334 
VAL N   CA   sing N N 335 
VAL N   H    sing N N 336 
VAL N   H2   sing N N 337 
VAL CA  C    sing N N 338 
VAL CA  CB   sing N N 339 
VAL CA  HA   sing N N 340 
VAL C   O    doub N N 341 
VAL C   OXT  sing N N 342 
VAL CB  CG1  sing N N 343 
VAL CB  CG2  sing N N 344 
VAL CB  HB   sing N N 345 
VAL CG1 HG11 sing N N 346 
VAL CG1 HG12 sing N N 347 
VAL CG1 HG13 sing N N 348 
VAL CG2 HG21 sing N N 349 
VAL CG2 HG22 sing N N 350 
VAL CG2 HG23 sing N N 351 
VAL OXT HXT  sing N N 352 
# 
_atom_sites.entry_id                    1UHE 
_atom_sites.fract_transf_matrix[1][1]   0.00007070 
_atom_sites.fract_transf_matrix[1][2]   0.01217088 
_atom_sites.fract_transf_matrix[1][3]   0.00110337 
_atom_sites.fract_transf_matrix[2][1]   -0.00242976 
_atom_sites.fract_transf_matrix[2][2]   -0.00106736 
_atom_sites.fract_transf_matrix[2][3]   0.01192937 
_atom_sites.fract_transf_matrix[3][1]   0.01045093 
_atom_sites.fract_transf_matrix[3][2]   -0.00025164 
_atom_sites.fract_transf_matrix[3][3]   0.00210612 
_atom_sites.fract_transf_vector[1]      -0.174471 
_atom_sites.fract_transf_vector[2]      0.901237 
_atom_sites.fract_transf_vector[3]      0.186192 
# 
loop_
_atom_type.symbol 
C 
N 
O 
S 
# 
loop_
_atom_site.group_PDB 
_atom_site.id 
_atom_site.type_symbol 
_atom_site.label_atom_id 
_atom_site.label_alt_id 
_atom_site.label_comp_id 
_atom_site.label_asym_id 
_atom_site.label_entity_id 
_atom_site.label_seq_id 
_atom_site.pdbx_PDB_ins_code 
_atom_site.Cartn_x 
_atom_site.Cartn_y 
_atom_site.Cartn_z 
_atom_site.occupancy 
_atom_site.B_iso_or_equiv 
_atom_site.pdbx_formal_charge 
_atom_site.auth_seq_id 
_atom_site.auth_comp_id 
_atom_site.auth_asym_id 
_atom_site.auth_atom_id 
_atom_site.pdbx_PDB_model_num 
ATOM   1    N N   . MET A 1 1  ? 17.484  19.030  8.072   1.00 26.79 ? 1   MET B N   1 
ATOM   2    C CA  . MET A 1 1  ? 16.090  19.268  7.594   1.00 24.17 ? 1   MET B CA  1 
ATOM   3    C C   . MET A 1 1  ? 15.633  18.074  6.765   1.00 22.63 ? 1   MET B C   1 
ATOM   4    O O   . MET A 1 1  ? 16.375  17.589  5.914   1.00 23.49 ? 1   MET B O   1 
ATOM   5    C CB  . MET A 1 1  ? 16.047  20.533  6.737   1.00 27.97 ? 1   MET B CB  1 
ATOM   6    C CG  . MET A 1 1  ? 14.651  21.016  6.392   1.00 26.24 ? 1   MET B CG  1 
ATOM   7    S SD  . MET A 1 1  ? 14.670  22.437  5.290   1.00 24.30 ? 1   MET B SD  1 
ATOM   8    C CE  . MET A 1 1  ? 15.271  23.718  6.390   1.00 27.19 ? 1   MET B CE  1 
ATOM   9    N N   . THR A 1 2  ? 14.415  17.598  7.011   1.00 17.85 ? 2   THR B N   1 
ATOM   10   C CA  . THR A 1 2  ? 13.898  16.463  6.254   1.00 18.01 ? 2   THR B CA  1 
ATOM   11   C C   . THR A 1 2  ? 12.518  16.730  5.664   1.00 15.51 ? 2   THR B C   1 
ATOM   12   O O   . THR A 1 2  ? 11.786  17.609  6.126   1.00 16.17 ? 2   THR B O   1 
ATOM   13   C CB  . THR A 1 2  ? 13.824  15.185  7.122   1.00 18.29 ? 2   THR B CB  1 
ATOM   14   O OG1 . THR A 1 2  ? 12.990  15.420  8.264   1.00 22.30 ? 2   THR B OG1 1 
ATOM   15   C CG2 . THR A 1 2  ? 15.214  14.777  7.588   1.00 20.35 ? 2   THR B CG2 1 
ATOM   16   N N   . PHE A 1 3  ? 12.188  15.970  4.625   1.00 15.99 ? 3   PHE B N   1 
ATOM   17   C CA  . PHE A 1 3  ? 10.906  16.085  3.944   1.00 16.64 ? 3   PHE B CA  1 
ATOM   18   C C   . PHE A 1 3  ? 10.309  14.697  3.753   1.00 17.40 ? 3   PHE B C   1 
ATOM   19   O O   . PHE A 1 3  ? 11.037  13.728  3.540   1.00 17.84 ? 3   PHE B O   1 
ATOM   20   C CB  . PHE A 1 3  ? 11.068  16.712  2.551   1.00 18.15 ? 3   PHE B CB  1 
ATOM   21   C CG  . PHE A 1 3  ? 11.859  17.991  2.534   1.00 23.15 ? 3   PHE B CG  1 
ATOM   22   C CD1 . PHE A 1 3  ? 13.234  17.977  2.746   1.00 28.08 ? 3   PHE B CD1 1 
ATOM   23   C CD2 . PHE A 1 3  ? 11.232  19.207  2.287   1.00 25.65 ? 3   PHE B CD2 1 
ATOM   24   C CE1 . PHE A 1 3  ? 13.975  19.155  2.712   1.00 28.97 ? 3   PHE B CE1 1 
ATOM   25   C CE2 . PHE A 1 3  ? 11.965  20.394  2.251   1.00 24.30 ? 3   PHE B CE2 1 
ATOM   26   C CZ  . PHE A 1 3  ? 13.338  20.366  2.465   1.00 27.76 ? 3   PHE B CZ  1 
ATOM   27   N N   . GLU A 1 4  ? 8.986   14.599  3.833   1.00 17.70 ? 4   GLU B N   1 
ATOM   28   C CA  . GLU A 1 4  ? 8.333   13.318  3.603   1.00 16.40 ? 4   GLU B CA  1 
ATOM   29   C C   . GLU A 1 4  ? 8.321   13.110  2.096   1.00 14.80 ? 4   GLU B C   1 
ATOM   30   O O   . GLU A 1 4  ? 7.826   13.952  1.347   1.00 14.27 ? 4   GLU B O   1 
ATOM   31   C CB  . GLU A 1 4  ? 6.901   13.327  4.140   1.00 17.71 ? 4   GLU B CB  1 
ATOM   32   C CG  . GLU A 1 4  ? 6.809   13.090  5.637   1.00 23.93 ? 4   GLU B CG  1 
ATOM   33   C CD  . GLU A 1 4  ? 5.377   12.917  6.106   1.00 30.10 ? 4   GLU B CD  1 
ATOM   34   O OE1 . GLU A 1 4  ? 4.701   13.936  6.351   1.00 30.89 ? 4   GLU B OE1 1 
ATOM   35   O OE2 . GLU A 1 4  ? 4.922   11.758  6.214   1.00 35.77 ? 4   GLU B OE2 1 
ATOM   36   N N   . MET A 1 5  ? 8.881   11.987  1.661   1.00 14.78 ? 5   MET B N   1 
ATOM   37   C CA  . MET A 1 5  ? 8.967   11.653  0.246   1.00 14.55 ? 5   MET B CA  1 
ATOM   38   C C   . MET A 1 5  ? 8.305   10.316  -0.036  1.00 15.17 ? 5   MET B C   1 
ATOM   39   O O   . MET A 1 5  ? 8.350   9.407   0.797   1.00 15.09 ? 5   MET B O   1 
ATOM   40   C CB  . MET A 1 5  ? 10.434  11.567  -0.179  1.00 16.99 ? 5   MET B CB  1 
ATOM   41   C CG  . MET A 1 5  ? 11.238  12.837  0.029   1.00 16.83 ? 5   MET B CG  1 
ATOM   42   S SD  . MET A 1 5  ? 10.740  14.165  -1.063  1.00 19.32 ? 5   MET B SD  1 
ATOM   43   C CE  . MET A 1 5  ? 11.177  13.471  -2.627  1.00 19.46 ? 5   MET B CE  1 
ATOM   44   N N   . LEU A 1 6  ? 7.707   10.193  -1.216  1.00 15.23 ? 6   LEU B N   1 
ATOM   45   C CA  . LEU A 1 6  ? 7.066   8.949   -1.611  1.00 14.45 ? 6   LEU B CA  1 
ATOM   46   C C   . LEU A 1 6  ? 8.180   7.913   -1.714  1.00 15.68 ? 6   LEU B C   1 
ATOM   47   O O   . LEU A 1 6  ? 9.074   8.031   -2.554  1.00 15.77 ? 6   LEU B O   1 
ATOM   48   C CB  . LEU A 1 6  ? 6.351   9.120   -2.956  1.00 15.08 ? 6   LEU B CB  1 
ATOM   49   C CG  . LEU A 1 6  ? 5.438   7.984   -3.439  1.00 18.37 ? 6   LEU B CG  1 
ATOM   50   C CD1 . LEU A 1 6  ? 6.271   6.823   -3.940  1.00 23.85 ? 6   LEU B CD1 1 
ATOM   51   C CD2 . LEU A 1 6  ? 4.509   7.550   -2.308  1.00 18.74 ? 6   LEU B CD2 1 
ATOM   52   N N   . TYR A 1 7  ? 8.127   6.918   -0.837  1.00 13.70 ? 7   TYR B N   1 
ATOM   53   C CA  . TYR A 1 7  ? 9.130   5.860   -0.790  1.00 16.20 ? 7   TYR B CA  1 
ATOM   54   C C   . TYR A 1 7  ? 8.751   4.715   -1.721  1.00 17.33 ? 7   TYR B C   1 
ATOM   55   O O   . TYR A 1 7  ? 9.571   4.242   -2.506  1.00 17.97 ? 7   TYR B O   1 
ATOM   56   C CB  . TYR A 1 7  ? 9.259   5.351   0.645   1.00 16.45 ? 7   TYR B CB  1 
ATOM   57   C CG  . TYR A 1 7  ? 10.252  4.229   0.830   1.00 17.42 ? 7   TYR B CG  1 
ATOM   58   C CD1 . TYR A 1 7  ? 11.624  4.467   0.777   1.00 19.26 ? 7   TYR B CD1 1 
ATOM   59   C CD2 . TYR A 1 7  ? 9.813   2.932   1.084   1.00 20.30 ? 7   TYR B CD2 1 
ATOM   60   C CE1 . TYR A 1 7  ? 12.541  3.431   0.980   1.00 19.93 ? 7   TYR B CE1 1 
ATOM   61   C CE2 . TYR A 1 7  ? 10.715  1.895   1.286   1.00 21.38 ? 7   TYR B CE2 1 
ATOM   62   C CZ  . TYR A 1 7  ? 12.075  2.150   1.235   1.00 23.24 ? 7   TYR B CZ  1 
ATOM   63   O OH  . TYR A 1 7  ? 12.957  1.118   1.463   1.00 25.33 ? 7   TYR B OH  1 
ATOM   64   N N   . SER A 1 8  ? 7.504   4.271   -1.630  1.00 15.13 ? 8   SER B N   1 
ATOM   65   C CA  . SER A 1 8  ? 7.020   3.191   -2.477  1.00 15.26 ? 8   SER B CA  1 
ATOM   66   C C   . SER A 1 8  ? 5.504   3.235   -2.517  1.00 16.75 ? 8   SER B C   1 
ATOM   67   O O   . SER A 1 8  ? 4.866   3.902   -1.701  1.00 16.13 ? 8   SER B O   1 
ATOM   68   C CB  . SER A 1 8  ? 7.473   1.838   -1.929  1.00 19.97 ? 8   SER B CB  1 
ATOM   69   O OG  . SER A 1 8  ? 6.858   1.569   -0.680  1.00 21.01 ? 8   SER B OG  1 
ATOM   70   N N   . LYS A 1 9  ? 4.926   2.532   -3.479  1.00 15.16 ? 9   LYS B N   1 
ATOM   71   C CA  . LYS A 1 9  ? 3.480   2.484   -3.594  1.00 16.02 ? 9   LYS B CA  1 
ATOM   72   C C   . LYS A 1 9  ? 3.022   1.286   -4.399  1.00 17.38 ? 9   LYS B C   1 
ATOM   73   O O   . LYS A 1 9  ? 3.764   0.747   -5.225  1.00 17.31 ? 9   LYS B O   1 
ATOM   74   C CB  . LYS A 1 9  ? 2.948   3.756   -4.258  1.00 19.01 ? 9   LYS B CB  1 
ATOM   75   C CG  . LYS A 1 9  ? 3.489   3.988   -5.656  1.00 19.12 ? 9   LYS B CG  1 
ATOM   76   C CD  . LYS A 1 9  ? 2.840   5.182   -6.347  1.00 26.00 ? 9   LYS B CD  1 
ATOM   77   C CE  . LYS A 1 9  ? 1.391   4.911   -6.704  1.00 23.65 ? 9   LYS B CE  1 
ATOM   78   N NZ  . LYS A 1 9  ? 0.857   5.925   -7.661  1.00 23.32 ? 9   LYS B NZ  1 
ATOM   79   N N   . ILE A 1 10 ? 1.796   0.864   -4.122  1.00 13.80 ? 10  ILE B N   1 
ATOM   80   C CA  . ILE A 1 10 ? 1.163   -0.226  -4.840  1.00 13.35 ? 10  ILE B CA  1 
ATOM   81   C C   . ILE A 1 10 ? -0.016  0.492   -5.468  1.00 17.72 ? 10  ILE B C   1 
ATOM   82   O O   . ILE A 1 10 ? -0.925  0.956   -4.770  1.00 15.35 ? 10  ILE B O   1 
ATOM   83   C CB  . ILE A 1 10 ? 0.674   -1.339  -3.902  1.00 13.39 ? 10  ILE B CB  1 
ATOM   84   C CG1 . ILE A 1 10 ? 1.864   -1.961  -3.170  1.00 14.33 ? 10  ILE B CG1 1 
ATOM   85   C CG2 . ILE A 1 10 ? -0.048  -2.408  -4.712  1.00 14.67 ? 10  ILE B CG2 1 
ATOM   86   C CD1 . ILE A 1 10 ? 1.477   -3.022  -2.158  1.00 16.92 ? 10  ILE B CD1 1 
ATOM   87   N N   . HIS A 1 11 ? 0.023   0.609   -6.787  1.00 16.29 ? 11  HIS B N   1 
ATOM   88   C CA  . HIS A 1 11 ? -0.999  1.325   -7.526  1.00 15.28 ? 11  HIS B CA  1 
ATOM   89   C C   . HIS A 1 11 ? -2.156  0.478   -8.024  1.00 17.56 ? 11  HIS B C   1 
ATOM   90   O O   . HIS A 1 11 ? -1.966  -0.524  -8.721  1.00 18.56 ? 11  HIS B O   1 
ATOM   91   C CB  . HIS A 1 11 ? -0.351  2.046   -8.707  1.00 18.10 ? 11  HIS B CB  1 
ATOM   92   C CG  . HIS A 1 11 ? -1.190  3.144   -9.275  1.00 19.05 ? 11  HIS B CG  1 
ATOM   93   N ND1 . HIS A 1 11 ? -1.751  3.081   -10.532 1.00 23.00 ? 11  HIS B ND1 1 
ATOM   94   C CD2 . HIS A 1 11 ? -1.555  4.340   -8.757  1.00 18.51 ? 11  HIS B CD2 1 
ATOM   95   C CE1 . HIS A 1 11 ? -2.427  4.193   -10.764 1.00 17.71 ? 11  HIS B CE1 1 
ATOM   96   N NE2 . HIS A 1 11 ? -2.322  4.973   -9.704  1.00 22.48 ? 11  HIS B NE2 1 
ATOM   97   N N   . ARG A 1 12 ? -3.359  0.909   -7.659  1.00 15.36 ? 12  ARG B N   1 
ATOM   98   C CA  . ARG A 1 12 ? -4.597  0.265   -8.061  1.00 16.85 ? 12  ARG B CA  1 
ATOM   99   C C   . ARG A 1 12 ? -4.739  -1.217  -7.726  1.00 17.17 ? 12  ARG B C   1 
ATOM   100  O O   . ARG A 1 12 ? -5.063  -2.038  -8.589  1.00 17.76 ? 12  ARG B O   1 
ATOM   101  C CB  . ARG A 1 12 ? -4.828  0.506   -9.557  1.00 16.83 ? 12  ARG B CB  1 
ATOM   102  C CG  . ARG A 1 12 ? -5.002  1.985   -9.909  1.00 16.29 ? 12  ARG B CG  1 
ATOM   103  C CD  . ARG A 1 12 ? -5.211  2.187   -11.406 1.00 17.82 ? 12  ARG B CD  1 
ATOM   104  N NE  . ARG A 1 12 ? -6.445  1.560   -11.870 1.00 17.27 ? 12  ARG B NE  1 
ATOM   105  C CZ  . ARG A 1 12 ? -7.658  2.094   -11.752 1.00 20.90 ? 12  ARG B CZ  1 
ATOM   106  N NH1 . ARG A 1 12 ? -7.817  3.283   -11.186 1.00 19.78 ? 12  ARG B NH1 1 
ATOM   107  N NH2 . ARG A 1 12 ? -8.721  1.432   -12.195 1.00 21.13 ? 12  ARG B NH2 1 
ATOM   108  N N   . ALA A 1 13 ? -4.498  -1.546  -6.461  1.00 15.16 ? 13  ALA B N   1 
ATOM   109  C CA  . ALA A 1 13 ? -4.646  -2.906  -5.967  1.00 15.48 ? 13  ALA B CA  1 
ATOM   110  C C   . ALA A 1 13 ? -6.130  -3.066  -5.658  1.00 17.46 ? 13  ALA B C   1 
ATOM   111  O O   . ALA A 1 13 ? -6.853  -2.077  -5.570  1.00 18.15 ? 13  ALA B O   1 
ATOM   112  C CB  . ALA A 1 13 ? -3.821  -3.096  -4.705  1.00 16.98 ? 13  ALA B CB  1 
ATOM   113  N N   . THR A 1 14 ? -6.587  -4.303  -5.496  1.00 15.51 ? 14  THR B N   1 
ATOM   114  C CA  . THR A 1 14 ? -7.991  -4.563  -5.205  1.00 15.50 ? 14  THR B CA  1 
ATOM   115  C C   . THR A 1 14 ? -8.196  -5.118  -3.798  1.00 17.18 ? 14  THR B C   1 
ATOM   116  O O   . THR A 1 14 ? -7.499  -6.039  -3.375  1.00 17.53 ? 14  THR B O   1 
ATOM   117  C CB  . THR A 1 14 ? -8.594  -5.565  -6.232  1.00 17.20 ? 14  THR B CB  1 
ATOM   118  O OG1 . THR A 1 14 ? -8.649  -4.949  -7.526  1.00 18.43 ? 14  THR B OG1 1 
ATOM   119  C CG2 . THR A 1 14 ? -10.002 -5.984  -5.822  1.00 17.87 ? 14  THR B CG2 1 
ATOM   120  N N   . ILE A 1 15 ? -9.148  -4.543  -3.067  1.00 15.17 ? 15  ILE B N   1 
ATOM   121  C CA  . ILE A 1 15 ? -9.452  -5.020  -1.723  1.00 15.82 ? 15  ILE B CA  1 
ATOM   122  C C   . ILE A 1 15 ? -10.173 -6.355  -1.900  1.00 14.94 ? 15  ILE B C   1 
ATOM   123  O O   . ILE A 1 15 ? -11.203 -6.423  -2.568  1.00 16.31 ? 15  ILE B O   1 
ATOM   124  C CB  . ILE A 1 15 ? -10.380 -4.040  -0.973  1.00 16.96 ? 15  ILE B CB  1 
ATOM   125  C CG1 . ILE A 1 15 ? -9.698  -2.674  -0.837  1.00 17.15 ? 15  ILE B CG1 1 
ATOM   126  C CG2 . ILE A 1 15 ? -10.746 -4.612  0.391   1.00 15.07 ? 15  ILE B CG2 1 
ATOM   127  C CD1 . ILE A 1 15 ? -8.410  -2.691  -0.040  1.00 18.62 ? 15  ILE B CD1 1 
ATOM   128  N N   . THR A 1 16 ? -9.628  -7.416  -1.313  1.00 14.04 ? 16  THR B N   1 
ATOM   129  C CA  . THR A 1 16 ? -10.233 -8.738  -1.452  1.00 17.03 ? 16  THR B CA  1 
ATOM   130  C C   . THR A 1 16 ? -11.056 -9.170  -0.249  1.00 16.79 ? 16  THR B C   1 
ATOM   131  O O   . THR A 1 16 ? -11.857 -10.101 -0.344  1.00 19.17 ? 16  THR B O   1 
ATOM   132  C CB  . THR A 1 16 ? -9.162  -9.815  -1.709  1.00 15.21 ? 16  THR B CB  1 
ATOM   133  O OG1 . THR A 1 16 ? -8.253  -9.856  -0.605  1.00 17.76 ? 16  THR B OG1 1 
ATOM   134  C CG2 . THR A 1 16 ? -8.396  -9.512  -2.988  1.00 18.74 ? 16  THR B CG2 1 
ATOM   135  N N   . ASP A 1 17 ? -10.864 -8.500  0.882   1.00 16.49 ? 17  ASP B N   1 
ATOM   136  C CA  . ASP A 1 17 ? -11.607 -8.852  2.083   1.00 18.08 ? 17  ASP B CA  1 
ATOM   137  C C   . ASP A 1 17 ? -11.603 -7.687  3.065   1.00 18.19 ? 17  ASP B C   1 
ATOM   138  O O   . ASP A 1 17 ? -10.807 -6.755  2.937   1.00 16.66 ? 17  ASP B O   1 
ATOM   139  C CB  . ASP A 1 17 ? -10.983 -10.101 2.719   1.00 19.54 ? 17  ASP B CB  1 
ATOM   140  C CG  . ASP A 1 17 ? -11.877 -10.743 3.765   1.00 22.50 ? 17  ASP B CG  1 
ATOM   141  O OD1 . ASP A 1 17 ? -13.097 -10.475 3.766   1.00 23.31 ? 17  ASP B OD1 1 
ATOM   142  O OD2 . ASP A 1 17 ? -11.355 -11.536 4.579   1.00 29.11 ? 17  ASP B OD2 1 
ATOM   143  N N   . ALA A 1 18 ? -12.515 -7.736  4.030   1.00 18.53 ? 18  ALA B N   1 
ATOM   144  C CA  . ALA A 1 18 ? -12.621 -6.699  5.050   1.00 17.63 ? 18  ALA B CA  1 
ATOM   145  C C   . ALA A 1 18 ? -13.042 -7.377  6.342   1.00 20.04 ? 18  ALA B C   1 
ATOM   146  O O   . ALA A 1 18 ? -13.886 -8.273  6.333   1.00 23.60 ? 18  ALA B O   1 
ATOM   147  C CB  . ALA A 1 18 ? -13.646 -5.657  4.640   1.00 17.93 ? 18  ALA B CB  1 
ATOM   148  N N   . ASN A 1 19 ? -12.454 -6.953  7.454   1.00 16.14 ? 19  ASN B N   1 
ATOM   149  C CA  . ASN A 1 19 ? -12.769 -7.561  8.738   1.00 17.96 ? 19  ASN B CA  1 
ATOM   150  C C   . ASN A 1 19 ? -12.884 -6.505  9.832   1.00 15.22 ? 19  ASN B C   1 
ATOM   151  O O   . ASN A 1 19 ? -11.915 -6.202  10.528  1.00 15.46 ? 19  ASN B O   1 
ATOM   152  C CB  . ASN A 1 19 ? -11.681 -8.581  9.087   1.00 19.10 ? 19  ASN B CB  1 
ATOM   153  C CG  . ASN A 1 19 ? -12.031 -9.428  10.296  1.00 24.17 ? 19  ASN B CG  1 
ATOM   154  O OD1 . ASN A 1 19 ? -11.267 -10.315 10.680  1.00 31.97 ? 19  ASN B OD1 1 
ATOM   155  N ND2 . ASN A 1 19 ? -13.181 -9.163  10.900  1.00 23.16 ? 19  ASN B ND2 1 
ATOM   156  N N   . LEU A 1 20 ? -14.084 -5.954  9.978   1.00 14.22 ? 20  LEU B N   1 
ATOM   157  C CA  . LEU A 1 20 ? -14.350 -4.930  10.973  1.00 13.98 ? 20  LEU B CA  1 
ATOM   158  C C   . LEU A 1 20 ? -13.951 -5.333  12.389  1.00 16.02 ? 20  LEU B C   1 
ATOM   159  O O   . LEU A 1 20 ? -13.365 -4.543  13.124  1.00 16.40 ? 20  LEU B O   1 
ATOM   160  C CB  . LEU A 1 20 ? -15.837 -4.569  10.957  1.00 16.65 ? 20  LEU B CB  1 
ATOM   161  C CG  . LEU A 1 20 ? -16.297 -3.525  11.978  1.00 14.13 ? 20  LEU B CG  1 
ATOM   162  C CD1 . LEU A 1 20 ? -15.696 -2.168  11.640  1.00 16.44 ? 20  LEU B CD1 1 
ATOM   163  C CD2 . LEU A 1 20 ? -17.812 -3.449  11.967  1.00 16.60 ? 20  LEU B CD2 1 
ATOM   164  N N   . ASN A 1 21 ? -14.260 -6.563  12.775  1.00 17.34 ? 21  ASN B N   1 
ATOM   165  C CA  . ASN A 1 21 ? -13.945 -6.988  14.127  1.00 18.72 ? 21  ASN B CA  1 
ATOM   166  C C   . ASN A 1 21 ? -12.698 -7.841  14.273  1.00 20.85 ? 21  ASN B C   1 
ATOM   167  O O   . ASN A 1 21 ? -12.616 -8.718  15.132  1.00 23.66 ? 21  ASN B O   1 
ATOM   168  C CB  . ASN A 1 21 ? -15.169 -7.666  14.735  1.00 22.24 ? 21  ASN B CB  1 
ATOM   169  C CG  . ASN A 1 21 ? -16.320 -6.693  14.912  1.00 23.69 ? 21  ASN B CG  1 
ATOM   170  O OD1 . ASN A 1 21 ? -16.176 -5.670  15.582  1.00 25.05 ? 21  ASN B OD1 1 
ATOM   171  N ND2 . ASN A 1 21 ? -17.460 -6.995  14.300  1.00 27.81 ? 21  ASN B ND2 1 
ATOM   172  N N   . TYR A 1 22 ? -11.721 -7.544  13.425  1.00 19.82 ? 22  TYR B N   1 
ATOM   173  C CA  . TYR A 1 22 ? -10.427 -8.210  13.421  1.00 19.86 ? 22  TYR B CA  1 
ATOM   174  C C   . TYR A 1 22 ? -9.850  -8.130  14.832  1.00 23.85 ? 22  TYR B C   1 
ATOM   175  O O   . TYR A 1 22 ? -9.934  -7.087  15.481  1.00 21.55 ? 22  TYR B O   1 
ATOM   176  C CB  . TYR A 1 22 ? -9.506  -7.482  12.440  1.00 19.41 ? 22  TYR B CB  1 
ATOM   177  C CG  . TYR A 1 22 ? -8.107  -8.040  12.316  1.00 21.61 ? 22  TYR B CG  1 
ATOM   178  C CD1 . TYR A 1 22 ? -7.876  -9.258  11.682  1.00 23.60 ? 22  TYR B CD1 1 
ATOM   179  C CD2 . TYR A 1 22 ? -7.009  -7.326  12.795  1.00 21.37 ? 22  TYR B CD2 1 
ATOM   180  C CE1 . TYR A 1 22 ? -6.584  -9.751  11.523  1.00 24.69 ? 22  TYR B CE1 1 
ATOM   181  C CE2 . TYR A 1 22 ? -5.711  -7.811  12.640  1.00 24.33 ? 22  TYR B CE2 1 
ATOM   182  C CZ  . TYR A 1 22 ? -5.508  -9.024  12.003  1.00 25.28 ? 22  TYR B CZ  1 
ATOM   183  O OH  . TYR A 1 22 ? -4.230  -9.509  11.844  1.00 23.62 ? 22  TYR B OH  1 
ATOM   184  N N   . ILE A 1 23 ? -9.269  -9.227  15.309  1.00 25.06 ? 23  ILE B N   1 
ATOM   185  C CA  . ILE A 1 23 ? -8.684  -9.243  16.644  1.00 31.73 ? 23  ILE B CA  1 
ATOM   186  C C   . ILE A 1 23 ? -7.166  -9.341  16.584  1.00 36.68 ? 23  ILE B C   1 
ATOM   187  O O   . ILE A 1 23 ? -6.615  -10.209 15.907  1.00 39.01 ? 23  ILE B O   1 
ATOM   188  C CB  . ILE A 1 23 ? -9.218  -10.422 17.481  1.00 34.01 ? 23  ILE B CB  1 
ATOM   189  C CG1 . ILE A 1 23 ? -10.738 -10.316 17.621  1.00 36.50 ? 23  ILE B CG1 1 
ATOM   190  C CG2 . ILE A 1 23 ? -8.561  -10.420 18.858  1.00 36.95 ? 23  ILE B CG2 1 
ATOM   191  C CD1 . ILE A 1 23 ? -11.369 -11.455 18.398  1.00 41.04 ? 23  ILE B CD1 1 
ATOM   192  N N   . GLY A 1 24 ? -6.498  -8.444  17.302  1.00 40.86 ? 24  GLY B N   1 
ATOM   193  C CA  . GLY A 1 24 ? -5.047  -8.434  17.329  1.00 45.64 ? 24  GLY B CA  1 
ATOM   194  C C   . GLY A 1 24 ? -4.439  -8.018  16.005  1.00 48.19 ? 24  GLY B C   1 
ATOM   195  O O   . GLY A 1 24 ? -3.866  -6.909  15.932  1.00 49.07 ? 24  GLY B O   1 
ATOM   196  O OXT . GLY A 1 24 ? -4.541  -8.799  15.037  1.00 51.13 ? 24  GLY B OXT 1 
ATOM   197  N N   . ILE B 2 1  ? -4.059  -3.079  7.702   1.00 15.88 ? 26  ILE A N   1 
ATOM   198  C CA  . ILE B 2 1  ? -4.281  -3.644  6.383   1.00 14.36 ? 26  ILE A CA  1 
ATOM   199  C C   . ILE B 2 1  ? -3.341  -4.821  6.165   1.00 14.53 ? 26  ILE A C   1 
ATOM   200  O O   . ILE B 2 1  ? -2.119  -4.696  6.272   1.00 14.76 ? 26  ILE A O   1 
ATOM   201  C CB  . ILE B 2 1  ? -4.096  -2.574  5.259   1.00 12.43 ? 26  ILE A CB  1 
ATOM   202  C CG1 . ILE B 2 1  ? -4.498  -3.167  3.904   1.00 13.80 ? 26  ILE A CG1 1 
ATOM   203  C CG2 . ILE B 2 1  ? -2.657  -2.062  5.232   1.00 14.55 ? 26  ILE A CG2 1 
ATOM   204  C CD1 . ILE B 2 1  ? -4.570  -2.145  2.778   1.00 14.15 ? 26  ILE A CD1 1 
ATOM   205  N N   . THR B 2 2  ? -3.929  -5.980  5.899   1.00 14.91 ? 27  THR A N   1 
ATOM   206  C CA  . THR B 2 2  ? -3.149  -7.183  5.663   1.00 17.83 ? 27  THR A CA  1 
ATOM   207  C C   . THR B 2 2  ? -2.847  -7.281  4.175   1.00 15.45 ? 27  THR A C   1 
ATOM   208  O O   . THR B 2 2  ? -3.758  -7.323  3.343   1.00 16.28 ? 27  THR A O   1 
ATOM   209  C CB  . THR B 2 2  ? -3.916  -8.437  6.125   1.00 18.03 ? 27  THR A CB  1 
ATOM   210  O OG1 . THR B 2 2  ? -4.194  -8.331  7.527   1.00 18.84 ? 27  THR A OG1 1 
ATOM   211  C CG2 . THR B 2 2  ? -3.089  -9.693  5.873   1.00 17.00 ? 27  THR A CG2 1 
ATOM   212  N N   . ILE B 2 3  ? -1.560  -7.302  3.844   1.00 17.19 ? 28  ILE A N   1 
ATOM   213  C CA  . ILE B 2 3  ? -1.123  -7.380  2.456   1.00 16.36 ? 28  ILE A CA  1 
ATOM   214  C C   . ILE B 2 3  ? -0.277  -8.622  2.211   1.00 16.58 ? 28  ILE A C   1 
ATOM   215  O O   . ILE B 2 3  ? 0.615   -8.935  2.994   1.00 18.58 ? 28  ILE A O   1 
ATOM   216  C CB  . ILE B 2 3  ? -0.276  -6.145  2.070   1.00 16.48 ? 28  ILE A CB  1 
ATOM   217  C CG1 . ILE B 2 3  ? -1.086  -4.864  2.285   1.00 17.66 ? 28  ILE A CG1 1 
ATOM   218  C CG2 . ILE B 2 3  ? 0.174   -6.253  0.619   1.00 18.20 ? 28  ILE A CG2 1 
ATOM   219  C CD1 . ILE B 2 3  ? -0.280  -3.593  2.072   1.00 17.05 ? 28  ILE A CD1 1 
ATOM   220  N N   . ASP B 2 4  ? -0.580  -9.328  1.126   1.00 18.25 ? 29  ASP A N   1 
ATOM   221  C CA  . ASP B 2 4  ? 0.172   -10.518 0.728   1.00 20.09 ? 29  ASP A CA  1 
ATOM   222  C C   . ASP B 2 4  ? 1.650   -10.188 0.941   1.00 20.20 ? 29  ASP A C   1 
ATOM   223  O O   . ASP B 2 4  ? 2.179   -9.275  0.313   1.00 20.47 ? 29  ASP A O   1 
ATOM   224  C CB  . ASP B 2 4  ? -0.122  -10.809 -0.748  1.00 22.74 ? 29  ASP A CB  1 
ATOM   225  C CG  . ASP B 2 4  ? 0.718   -11.939 -1.317  1.00 24.45 ? 29  ASP A CG  1 
ATOM   226  O OD1 . ASP B 2 4  ? 0.397   -12.380 -2.440  1.00 26.92 ? 29  ASP A OD1 1 
ATOM   227  O OD2 . ASP B 2 4  ? 1.686   -12.380 -0.664  1.00 29.69 ? 29  ASP A OD2 1 
ATOM   228  N N   . GLU B 2 5  ? 2.304   -10.925 1.837   1.00 21.89 ? 30  GLU A N   1 
ATOM   229  C CA  . GLU B 2 5  ? 3.709   -10.683 2.158   1.00 23.76 ? 30  GLU A CA  1 
ATOM   230  C C   . GLU B 2 5  ? 4.635   -10.554 0.956   1.00 22.84 ? 30  GLU A C   1 
ATOM   231  O O   . GLU B 2 5  ? 5.583   -9.769  0.984   1.00 24.94 ? 30  GLU A O   1 
ATOM   232  C CB  . GLU B 2 5  ? 4.243   -11.774 3.090   1.00 26.52 ? 30  GLU A CB  1 
ATOM   233  C CG  . GLU B 2 5  ? 4.105   -13.187 2.554   1.00 32.22 ? 30  GLU A CG  1 
ATOM   234  C CD  . GLU B 2 5  ? 4.829   -14.204 3.416   1.00 35.42 ? 30  GLU A CD  1 
ATOM   235  O OE1 . GLU B 2 5  ? 4.642   -14.183 4.650   1.00 37.89 ? 30  GLU A OE1 1 
ATOM   236  O OE2 . GLU B 2 5  ? 5.582   -15.030 2.857   1.00 42.19 ? 30  GLU A OE2 1 
ATOM   237  N N   . ASP B 2 6  ? 4.373   -11.324 -0.094  1.00 24.16 ? 31  ASP A N   1 
ATOM   238  C CA  . ASP B 2 6  ? 5.209   -11.263 -1.285  1.00 24.62 ? 31  ASP A CA  1 
ATOM   239  C C   . ASP B 2 6  ? 5.011   -9.938  -2.011  1.00 24.19 ? 31  ASP A C   1 
ATOM   240  O O   . ASP B 2 6  ? 5.965   -9.356  -2.530  1.00 24.43 ? 31  ASP A O   1 
ATOM   241  C CB  . ASP B 2 6  ? 4.895   -12.432 -2.224  1.00 26.01 ? 31  ASP A CB  1 
ATOM   242  C CG  . ASP B 2 6  ? 5.183   -13.781 -1.590  1.00 31.63 ? 31  ASP A CG  1 
ATOM   243  O OD1 . ASP B 2 6  ? 6.258   -13.928 -0.970  1.00 33.91 ? 31  ASP A OD1 1 
ATOM   244  O OD2 . ASP B 2 6  ? 4.342   -14.695 -1.716  1.00 36.54 ? 31  ASP A OD2 1 
ATOM   245  N N   . LEU B 2 7  ? 3.770   -9.463  -2.039  1.00 20.06 ? 32  LEU A N   1 
ATOM   246  C CA  . LEU B 2 7  ? 3.450   -8.199  -2.690  1.00 20.52 ? 32  LEU A CA  1 
ATOM   247  C C   . LEU B 2 7  ? 4.075   -7.070  -1.870  1.00 20.11 ? 32  LEU A C   1 
ATOM   248  O O   . LEU B 2 7  ? 4.675   -6.143  -2.417  1.00 20.41 ? 32  LEU A O   1 
ATOM   249  C CB  . LEU B 2 7  ? 1.932   -8.009  -2.753  1.00 21.38 ? 32  LEU A CB  1 
ATOM   250  C CG  . LEU B 2 7  ? 1.347   -7.155  -3.884  1.00 28.88 ? 32  LEU A CG  1 
ATOM   251  C CD1 . LEU B 2 7  ? -0.084  -6.790  -3.523  1.00 20.91 ? 32  LEU A CD1 1 
ATOM   252  C CD2 . LEU B 2 7  ? 2.168   -5.902  -4.112  1.00 29.02 ? 32  LEU A CD2 1 
ATOM   253  N N   . ALA B 2 8  ? 3.931   -7.162  -0.553  1.00 19.10 ? 33  ALA A N   1 
ATOM   254  C CA  . ALA B 2 8  ? 4.480   -6.161  0.352   1.00 19.12 ? 33  ALA A CA  1 
ATOM   255  C C   . ALA B 2 8  ? 5.990   -6.047  0.173   1.00 21.28 ? 33  ALA A C   1 
ATOM   256  O O   . ALA B 2 8  ? 6.535   -4.945  0.093   1.00 18.86 ? 33  ALA A O   1 
ATOM   257  C CB  . ALA B 2 8  ? 4.153   -6.527  1.792   1.00 21.97 ? 33  ALA A CB  1 
ATOM   258  N N   . LYS B 2 9  ? 6.659   -7.194  0.107   1.00 21.68 ? 34  LYS A N   1 
ATOM   259  C CA  . LYS B 2 9  ? 8.109   -7.231  -0.059  1.00 25.09 ? 34  LYS A CA  1 
ATOM   260  C C   . LYS B 2 9  ? 8.538   -6.510  -1.334  1.00 22.56 ? 34  LYS A C   1 
ATOM   261  O O   . LYS B 2 9  ? 9.498   -5.739  -1.330  1.00 23.31 ? 34  LYS A O   1 
ATOM   262  C CB  . LYS B 2 9  ? 8.595   -8.683  -0.098  1.00 27.30 ? 34  LYS A CB  1 
ATOM   263  C CG  . LYS B 2 9  ? 10.108  -8.838  -0.178  0.00 28.17 ? 34  LYS A CG  1 
ATOM   264  C CD  . LYS B 2 9  ? 10.789  -8.283  1.064   0.00 29.47 ? 34  LYS A CD  1 
ATOM   265  C CE  . LYS B 2 9  ? 12.296  -8.468  0.997   0.00 30.19 ? 34  LYS A CE  1 
ATOM   266  N NZ  . LYS B 2 9  ? 12.975  -7.945  2.215   0.00 30.88 ? 34  LYS A NZ  1 
ATOM   267  N N   . LEU B 2 10 ? 7.820   -6.762  -2.425  1.00 24.01 ? 35  LEU A N   1 
ATOM   268  C CA  . LEU B 2 10 ? 8.128   -6.135  -3.706  1.00 24.27 ? 35  LEU A CA  1 
ATOM   269  C C   . LEU B 2 10 ? 8.002   -4.620  -3.632  1.00 25.34 ? 35  LEU A C   1 
ATOM   270  O O   . LEU B 2 10 ? 8.696   -3.894  -4.345  1.00 24.13 ? 35  LEU A O   1 
ATOM   271  C CB  . LEU B 2 10 ? 7.202   -6.679  -4.797  1.00 28.28 ? 35  LEU A CB  1 
ATOM   272  C CG  . LEU B 2 10 ? 7.349   -8.168  -5.120  1.00 32.75 ? 35  LEU A CG  1 
ATOM   273  C CD1 . LEU B 2 10 ? 6.295   -8.581  -6.129  0.00 31.21 ? 35  LEU A CD1 1 
ATOM   274  C CD2 . LEU B 2 10 ? 8.745   -8.442  -5.661  0.00 31.14 ? 35  LEU A CD2 1 
ATOM   275  N N   . ALA B 2 11 ? 7.110   -4.148  -2.767  1.00 21.92 ? 36  ALA A N   1 
ATOM   276  C CA  . ALA B 2 11 ? 6.897   -2.719  -2.591  1.00 21.29 ? 36  ALA A CA  1 
ATOM   277  C C   . ALA B 2 11 ? 7.735   -2.201  -1.425  1.00 20.28 ? 36  ALA A C   1 
ATOM   278  O O   . ALA B 2 11 ? 7.595   -1.054  -1.006  1.00 23.61 ? 36  ALA A O   1 
ATOM   279  C CB  . ALA B 2 11 ? 5.418   -2.438  -2.344  1.00 21.28 ? 36  ALA A CB  1 
ATOM   280  N N   . LYS B 2 12 ? 8.606   -3.062  -0.908  1.00 19.63 ? 37  LYS A N   1 
ATOM   281  C CA  . LYS B 2 12 ? 9.490   -2.726  0.205   1.00 20.58 ? 37  LYS A CA  1 
ATOM   282  C C   . LYS B 2 12 ? 8.767   -2.246  1.458   1.00 19.10 ? 37  LYS A C   1 
ATOM   283  O O   . LYS B 2 12 ? 9.262   -1.379  2.180   1.00 20.28 ? 37  LYS A O   1 
ATOM   284  C CB  . LYS B 2 12 ? 10.528  -1.689  -0.237  1.00 25.39 ? 37  LYS A CB  1 
ATOM   285  C CG  . LYS B 2 12 ? 11.459  -2.208  -1.329  1.00 28.76 ? 37  LYS A CG  1 
ATOM   286  C CD  . LYS B 2 12 ? 12.730  -1.376  -1.458  1.00 34.10 ? 37  LYS A CD  1 
ATOM   287  C CE  . LYS B 2 12 ? 12.434  0.052   -1.870  1.00 36.77 ? 37  LYS A CE  1 
ATOM   288  N NZ  . LYS B 2 12 ? 13.687  0.841   -2.052  1.00 37.02 ? 37  LYS A NZ  1 
ATOM   289  N N   . LEU B 2 13 ? 7.604   -2.832  1.718   1.00 18.83 ? 38  LEU A N   1 
ATOM   290  C CA  . LEU B 2 13 ? 6.815   -2.489  2.894   1.00 19.78 ? 38  LEU A CA  1 
ATOM   291  C C   . LEU B 2 13 ? 7.171   -3.446  4.020   1.00 21.55 ? 38  LEU A C   1 
ATOM   292  O O   . LEU B 2 13 ? 7.174   -4.661  3.833   1.00 28.36 ? 38  LEU A O   1 
ATOM   293  C CB  . LEU B 2 13 ? 5.319   -2.600  2.588   1.00 17.34 ? 38  LEU A CB  1 
ATOM   294  C CG  . LEU B 2 13 ? 4.774   -1.732  1.453   1.00 17.50 ? 38  LEU A CG  1 
ATOM   295  C CD1 . LEU B 2 13 ? 3.282   -2.010  1.268   1.00 19.10 ? 38  LEU A CD1 1 
ATOM   296  C CD2 . LEU B 2 13 ? 5.012   -0.258  1.768   1.00 18.76 ? 38  LEU A CD2 1 
ATOM   297  N N   . ARG B 2 14 ? 7.479   -2.898  5.188   1.00 19.41 ? 39  ARG A N   1 
ATOM   298  C CA  . ARG B 2 14 ? 7.826   -3.717  6.339   1.00 18.49 ? 39  ARG A CA  1 
ATOM   299  C C   . ARG B 2 14 ? 6.602   -3.843  7.229   1.00 18.88 ? 39  ARG A C   1 
ATOM   300  O O   . ARG B 2 14 ? 5.741   -2.959  7.244   1.00 18.96 ? 39  ARG A O   1 
ATOM   301  C CB  . ARG B 2 14 ? 8.972   -3.074  7.122   1.00 20.77 ? 39  ARG A CB  1 
ATOM   302  C CG  . ARG B 2 14 ? 10.277  -2.957  6.344   1.00 26.50 ? 39  ARG A CG  1 
ATOM   303  C CD  . ARG B 2 14 ? 10.843  -4.328  6.011   1.00 29.42 ? 39  ARG A CD  1 
ATOM   304  N NE  . ARG B 2 14 ? 11.236  -5.072  7.207   1.00 29.36 ? 39  ARG A NE  1 
ATOM   305  C CZ  . ARG B 2 14 ? 12.330  -4.828  7.922   1.00 31.47 ? 39  ARG A CZ  1 
ATOM   306  N NH1 . ARG B 2 14 ? 13.158  -3.854  7.568   1.00 28.74 ? 39  ARG A NH1 1 
ATOM   307  N NH2 . ARG B 2 14 ? 12.597  -5.561  8.994   1.00 29.08 ? 39  ARG A NH2 1 
ATOM   308  N N   . GLU B 2 15 ? 6.509   -4.941  7.969   1.00 18.10 ? 40  GLU A N   1 
ATOM   309  C CA  . GLU B 2 15 ? 5.368   -5.122  8.851   1.00 18.54 ? 40  GLU A CA  1 
ATOM   310  C C   . GLU B 2 15 ? 5.389   -4.030  9.913   1.00 16.90 ? 40  GLU A C   1 
ATOM   311  O O   . GLU B 2 15 ? 6.420   -3.771  10.531  1.00 17.94 ? 40  GLU A O   1 
ATOM   312  C CB  . GLU B 2 15 ? 5.400   -6.499  9.511   1.00 16.83 ? 40  GLU A CB  1 
ATOM   313  C CG  . GLU B 2 15 ? 4.135   -6.807  10.289  1.00 20.18 ? 40  GLU A CG  1 
ATOM   314  C CD  . GLU B 2 15 ? 3.963   -8.282  10.558  1.00 22.81 ? 40  GLU A CD  1 
ATOM   315  O OE1 . GLU B 2 15 ? 4.741   -8.837  11.363  1.00 25.52 ? 40  GLU A OE1 1 
ATOM   316  O OE2 . GLU B 2 15 ? 3.052   -8.886  9.954   1.00 22.41 ? 40  GLU A OE2 1 
ATOM   317  N N   . GLY B 2 16 ? 4.243   -3.382  10.105  1.00 15.71 ? 41  GLY A N   1 
ATOM   318  C CA  . GLY B 2 16 ? 4.154   -2.320  11.091  1.00 15.45 ? 41  GLY A CA  1 
ATOM   319  C C   . GLY B 2 16 ? 4.350   -0.942  10.487  1.00 14.91 ? 41  GLY A C   1 
ATOM   320  O O   . GLY B 2 16 ? 4.155   0.075   11.150  1.00 14.21 ? 41  GLY A O   1 
ATOM   321  N N   . MET B 2 17 ? 4.739   -0.903  9.220   1.00 13.51 ? 42  MET A N   1 
ATOM   322  C CA  . MET B 2 17 ? 4.964   0.363   8.540   1.00 13.61 ? 42  MET A CA  1 
ATOM   323  C C   . MET B 2 17 ? 3.649   1.096   8.292   1.00 13.03 ? 42  MET A C   1 
ATOM   324  O O   . MET B 2 17 ? 2.673   0.502   7.829   1.00 13.99 ? 42  MET A O   1 
ATOM   325  C CB  . MET B 2 17 ? 5.677   0.116   7.209   1.00 15.81 ? 42  MET A CB  1 
ATOM   326  C CG  . MET B 2 17 ? 6.034   1.375   6.450   1.00 16.94 ? 42  MET A CG  1 
ATOM   327  S SD  . MET B 2 17 ? 6.955   0.982   4.948   1.00 23.07 ? 42  MET A SD  1 
ATOM   328  C CE  . MET B 2 17 ? 8.507   0.483   5.637   1.00 19.47 ? 42  MET A CE  1 
ATOM   329  N N   . LYS B 2 18 ? 3.622   2.385   8.612   1.00 14.03 ? 43  LYS A N   1 
ATOM   330  C CA  . LYS B 2 18 ? 2.427   3.187   8.388   1.00 13.01 ? 43  LYS A CA  1 
ATOM   331  C C   . LYS B 2 18 ? 2.309   3.453   6.893   1.00 13.73 ? 43  LYS A C   1 
ATOM   332  O O   . LYS B 2 18 ? 3.293   3.789   6.226   1.00 14.62 ? 43  LYS A O   1 
ATOM   333  C CB  . LYS B 2 18 ? 2.533   4.515   9.138   1.00 14.09 ? 43  LYS A CB  1 
ATOM   334  C CG  . LYS B 2 18 ? 1.261   5.356   9.131   1.00 16.41 ? 43  LYS A CG  1 
ATOM   335  C CD  . LYS B 2 18 ? 1.454   6.580   10.016  1.00 18.09 ? 43  LYS A CD  1 
ATOM   336  C CE  . LYS B 2 18 ? 0.169   7.352   10.213  1.00 24.09 ? 43  LYS A CE  1 
ATOM   337  N NZ  . LYS B 2 18 ? 0.424   8.539   11.079  1.00 25.19 ? 43  LYS A NZ  1 
ATOM   338  N N   . VAL B 2 19 ? 1.105   3.281   6.366   1.00 12.21 ? 44  VAL A N   1 
ATOM   339  C CA  . VAL B 2 19 ? 0.849   3.527   4.958   1.00 12.20 ? 44  VAL A CA  1 
ATOM   340  C C   . VAL B 2 19 ? -0.446  4.302   4.823   1.00 12.56 ? 44  VAL A C   1 
ATOM   341  O O   . VAL B 2 19 ? -1.299  4.269   5.708   1.00 14.31 ? 44  VAL A O   1 
ATOM   342  C CB  . VAL B 2 19 ? 0.713   2.215   4.148   1.00 13.48 ? 44  VAL A CB  1 
ATOM   343  C CG1 . VAL B 2 19 ? 2.067   1.534   4.023   1.00 13.93 ? 44  VAL A CG1 1 
ATOM   344  C CG2 . VAL B 2 19 ? -0.287  1.278   4.825   1.00 13.87 ? 44  VAL A CG2 1 
ATOM   345  N N   . GLU B 2 20 ? -0.574  5.018   3.717   1.00 13.06 ? 45  GLU A N   1 
ATOM   346  C CA  . GLU B 2 20 ? -1.781  5.773   3.450   1.00 11.90 ? 45  GLU A CA  1 
ATOM   347  C C   . GLU B 2 20 ? -2.533  5.016   2.373   1.00 14.14 ? 45  GLU A C   1 
ATOM   348  O O   . GLU B 2 20 ? -1.958  4.592   1.368   1.00 16.00 ? 45  GLU A O   1 
ATOM   349  C CB  . GLU B 2 20 ? -1.426  7.193   3.005   1.00 14.11 ? 45  GLU A CB  1 
ATOM   350  C CG  . GLU B 2 20 ? -0.850  8.004   4.160   1.00 22.89 ? 45  GLU A CG  1 
ATOM   351  C CD  . GLU B 2 20 ? -0.382  9.386   3.761   1.00 28.07 ? 45  GLU A CD  1 
ATOM   352  O OE1 . GLU B 2 20 ? -1.183  10.150  3.181   1.00 28.94 ? 45  GLU A OE1 1 
ATOM   353  O OE2 . GLU B 2 20 ? 0.791   9.714   4.038   1.00 32.76 ? 45  GLU A OE2 1 
ATOM   354  N N   . ILE B 2 21 ? -3.819  4.815   2.618   1.00 11.17 ? 46  ILE A N   1 
ATOM   355  C CA  . ILE B 2 21 ? -4.675  4.092   1.698   1.00 11.22 ? 46  ILE A CA  1 
ATOM   356  C C   . ILE B 2 21 ? -5.675  5.070   1.108   1.00 11.45 ? 46  ILE A C   1 
ATOM   357  O O   . ILE B 2 21 ? -6.376  5.766   1.849   1.00 11.59 ? 46  ILE A O   1 
ATOM   358  C CB  . ILE B 2 21 ? -5.468  2.980   2.434   1.00 13.18 ? 46  ILE A CB  1 
ATOM   359  C CG1 . ILE B 2 21 ? -4.521  2.125   3.280   1.00 15.61 ? 46  ILE A CG1 1 
ATOM   360  C CG2 . ILE B 2 21 ? -6.217  2.119   1.431   1.00 13.52 ? 46  ILE A CG2 1 
ATOM   361  C CD1 . ILE B 2 21 ? -3.448  1.426   2.480   1.00 15.66 ? 46  ILE A CD1 1 
ATOM   362  N N   . VAL B 2 22 ? -5.736  5.146   -0.218  1.00 10.32 ? 47  VAL A N   1 
ATOM   363  C CA  . VAL B 2 22 ? -6.705  6.026   -0.855  1.00 9.64  ? 47  VAL A CA  1 
ATOM   364  C C   . VAL B 2 22 ? -7.531  5.152   -1.785  1.00 13.26 ? 47  VAL A C   1 
ATOM   365  O O   . VAL B 2 22 ? -7.005  4.420   -2.624  1.00 12.36 ? 47  VAL A O   1 
ATOM   366  C CB  . VAL B 2 22 ? -6.027  7.218   -1.591  1.00 11.71 ? 47  VAL A CB  1 
ATOM   367  C CG1 . VAL B 2 22 ? -5.240  8.058   -0.577  1.00 13.18 ? 47  VAL A CG1 1 
ATOM   368  C CG2 . VAL B 2 22 ? -5.118  6.727   -2.698  1.00 15.81 ? 47  VAL A CG2 1 
ATOM   369  N N   . ASP B 2 23 ? -8.840  5.210   -1.584  1.00 11.98 ? 48  ASP A N   1 
ATOM   370  C CA  . ASP B 2 23 ? -9.803  4.395   -2.318  1.00 11.82 ? 48  ASP A CA  1 
ATOM   371  C C   . ASP B 2 23 ? -10.321 5.124   -3.551  1.00 12.59 ? 48  ASP A C   1 
ATOM   372  O O   . ASP B 2 23 ? -10.993 6.148   -3.443  1.00 11.31 ? 48  ASP A O   1 
ATOM   373  C CB  . ASP B 2 23 ? -10.951 4.062   -1.358  1.00 13.36 ? 48  ASP A CB  1 
ATOM   374  C CG  . ASP B 2 23 ? -11.890 2.998   -1.884  1.00 12.18 ? 48  ASP A CG  1 
ATOM   375  O OD1 . ASP B 2 23 ? -12.291 3.074   -3.057  1.00 12.53 ? 48  ASP A OD1 1 
ATOM   376  O OD2 . ASP B 2 23 ? -12.251 2.093   -1.096  1.00 12.10 ? 48  ASP A OD2 1 
ATOM   377  N N   . VAL B 2 24 ? -10.014 4.583   -4.727  1.00 10.53 ? 49  VAL A N   1 
ATOM   378  C CA  . VAL B 2 24 ? -10.434 5.194   -5.980  1.00 13.18 ? 49  VAL A CA  1 
ATOM   379  C C   . VAL B 2 24 ? -11.949 5.163   -6.184  1.00 12.75 ? 49  VAL A C   1 
ATOM   380  O O   . VAL B 2 24 ? -12.518 6.082   -6.779  1.00 13.61 ? 49  VAL A O   1 
ATOM   381  C CB  . VAL B 2 24 ? -9.731  4.504   -7.178  1.00 13.91 ? 49  VAL A CB  1 
ATOM   382  C CG1 . VAL B 2 24 ? -10.199 5.110   -8.486  1.00 15.80 ? 49  VAL A CG1 1 
ATOM   383  C CG2 . VAL B 2 24 ? -8.221  4.656   -7.043  1.00 16.03 ? 49  VAL A CG2 1 
ATOM   384  N N   . ASN B 2 25 ? -12.602 4.115   -5.691  1.00 12.11 ? 50  ASN A N   1 
ATOM   385  C CA  . ASN B 2 25 ? -14.052 3.996   -5.832  1.00 11.53 ? 50  ASN A CA  1 
ATOM   386  C C   . ASN B 2 25 ? -14.821 5.050   -5.054  1.00 12.08 ? 50  ASN A C   1 
ATOM   387  O O   . ASN B 2 25 ? -15.707 5.707   -5.599  1.00 11.13 ? 50  ASN A O   1 
ATOM   388  C CB  . ASN B 2 25 ? -14.552 2.625   -5.353  1.00 11.86 ? 50  ASN A CB  1 
ATOM   389  C CG  . ASN B 2 25 ? -14.147 1.497   -6.270  1.00 14.13 ? 50  ASN A CG  1 
ATOM   390  O OD1 . ASN B 2 25 ? -14.998 0.781   -6.817  1.00 18.19 ? 50  ASN A OD1 1 
ATOM   391  N ND2 . ASN B 2 25 ? -12.849 1.323   -6.441  1.00 12.35 ? 50  ASN A ND2 1 
ATOM   392  N N   . ASN B 2 26 ? -14.480 5.215   -3.780  1.00 11.83 ? 51  ASN A N   1 
ATOM   393  C CA  . ASN B 2 26 ? -15.221 6.147   -2.941  1.00 10.99 ? 51  ASN A CA  1 
ATOM   394  C C   . ASN B 2 26 ? -14.501 7.406   -2.471  1.00 10.85 ? 51  ASN A C   1 
ATOM   395  O O   . ASN B 2 26 ? -15.102 8.248   -1.799  1.00 14.37 ? 51  ASN A O   1 
ATOM   396  C CB  . ASN B 2 26 ? -15.795 5.400   -1.724  1.00 10.08 ? 51  ASN A CB  1 
ATOM   397  C CG  . ASN B 2 26 ? -14.716 4.844   -0.818  1.00 12.28 ? 51  ASN A CG  1 
ATOM   398  O OD1 . ASN B 2 26 ? -13.562 5.250   -0.897  1.00 10.70 ? 51  ASN A OD1 1 
ATOM   399  N ND2 . ASN B 2 26 ? -15.095 3.926   0.065   1.00 11.56 ? 51  ASN A ND2 1 
ATOM   400  N N   . GLY B 2 27 ? -13.224 7.534   -2.816  1.00 10.97 ? 52  GLY A N   1 
ATOM   401  C CA  . GLY B 2 27 ? -12.471 8.717   -2.437  1.00 11.31 ? 52  GLY A CA  1 
ATOM   402  C C   . GLY B 2 27 ? -11.953 8.784   -1.013  1.00 9.37  ? 52  GLY A C   1 
ATOM   403  O O   . GLY B 2 27 ? -11.311 9.769   -0.638  1.00 12.24 ? 52  GLY A O   1 
ATOM   404  N N   . GLU B 2 28 ? -12.221 7.759   -0.210  1.00 9.98  ? 53  GLU A N   1 
ATOM   405  C CA  . GLU B 2 28 ? -11.750 7.765   1.170   1.00 9.59  ? 53  GLU A CA  1 
ATOM   406  C C   . GLU B 2 28 ? -10.232 7.712   1.240   1.00 11.68 ? 53  GLU A C   1 
ATOM   407  O O   . GLU B 2 28 ? -9.582  7.016   0.456   1.00 11.86 ? 53  GLU A O   1 
ATOM   408  C CB  . GLU B 2 28 ? -12.327 6.580   1.951   1.00 10.73 ? 53  GLU A CB  1 
ATOM   409  C CG  . GLU B 2 28 ? -13.826 6.664   2.252   1.00 11.49 ? 53  GLU A CG  1 
ATOM   410  C CD  . GLU B 2 28 ? -14.183 7.804   3.191   1.00 18.16 ? 53  GLU A CD  1 
ATOM   411  O OE1 . GLU B 2 28 ? -13.351 8.163   4.047   1.00 17.10 ? 53  GLU A OE1 1 
ATOM   412  O OE2 . GLU B 2 28 ? -15.308 8.336   3.083   1.00 24.73 ? 53  GLU A OE2 1 
ATOM   413  N N   . ARG B 2 29 ? -9.674  8.453   2.188   1.00 11.11 ? 54  ARG A N   1 
ATOM   414  C CA  . ARG B 2 29 ? -8.232  8.497   2.384   1.00 11.25 ? 54  ARG A CA  1 
ATOM   415  C C   . ARG B 2 29 ? -7.984  8.291   3.874   1.00 10.44 ? 54  ARG A C   1 
ATOM   416  O O   . ARG B 2 29 ? -8.536  9.017   4.704   1.00 11.19 ? 54  ARG A O   1 
ATOM   417  C CB  . ARG B 2 29 ? -7.683  9.858   1.945   1.00 11.45 ? 54  ARG A CB  1 
ATOM   418  C CG  . ARG B 2 29 ? -8.122  10.267  0.544   1.00 10.02 ? 54  ARG A CG  1 
ATOM   419  C CD  . ARG B 2 29 ? -7.645  11.662  0.166   1.00 9.30  ? 54  ARG A CD  1 
ATOM   420  N NE  . ARG B 2 29 ? -6.229  11.707  -0.200  1.00 10.85 ? 54  ARG A NE  1 
ATOM   421  C CZ  . ARG B 2 29 ? -5.743  11.303  -1.371  1.00 11.53 ? 54  ARG A CZ  1 
ATOM   422  N NH1 . ARG B 2 29 ? -6.554  10.819  -2.304  1.00 10.79 ? 54  ARG A NH1 1 
ATOM   423  N NH2 . ARG B 2 29 ? -4.442  11.389  -1.613  1.00 13.09 ? 54  ARG A NH2 1 
ATOM   424  N N   . PHE B 2 30 ? -7.178  7.293   4.221   1.00 11.00 ? 55  PHE A N   1 
ATOM   425  C CA  . PHE B 2 30 ? -6.888  7.033   5.625   1.00 10.81 ? 55  PHE A CA  1 
ATOM   426  C C   . PHE B 2 30 ? -5.514  6.421   5.820   1.00 13.02 ? 55  PHE A C   1 
ATOM   427  O O   . PHE B 2 30 ? -4.882  5.972   4.863   1.00 12.79 ? 55  PHE A O   1 
ATOM   428  C CB  . PHE B 2 30 ? -7.977  6.140   6.239   1.00 11.95 ? 55  PHE A CB  1 
ATOM   429  C CG  . PHE B 2 30 ? -8.105  4.786   5.596   1.00 11.47 ? 55  PHE A CG  1 
ATOM   430  C CD1 . PHE B 2 30 ? -7.421  3.687   6.114   1.00 13.05 ? 55  PHE A CD1 1 
ATOM   431  C CD2 . PHE B 2 30 ? -8.923  4.603   4.484   1.00 12.30 ? 55  PHE A CD2 1 
ATOM   432  C CE1 . PHE B 2 30 ? -7.551  2.426   5.534   1.00 13.74 ? 55  PHE A CE1 1 
ATOM   433  C CE2 . PHE B 2 30 ? -9.060  3.340   3.893   1.00 15.65 ? 55  PHE A CE2 1 
ATOM   434  C CZ  . PHE B 2 30 ? -8.371  2.251   4.421   1.00 14.36 ? 55  PHE A CZ  1 
ATOM   435  N N   . SER B 2 31 ? -5.047  6.426   7.063   1.00 13.22 ? 56  SER A N   1 
ATOM   436  C CA  . SER B 2 31 ? -3.740  5.873   7.394   1.00 13.03 ? 56  SER A CA  1 
ATOM   437  C C   . SER B 2 31 ? -3.877  4.682   8.321   1.00 12.56 ? 56  SER A C   1 
ATOM   438  O O   . SER B 2 31 ? -4.703  4.684   9.234   1.00 14.99 ? 56  SER A O   1 
ATOM   439  C CB  . SER B 2 31 ? -2.871  6.927   8.085   1.00 14.05 ? 56  SER A CB  1 
ATOM   440  O OG  . SER B 2 31 ? -2.608  8.032   7.231   1.00 19.12 ? 56  SER A OG  1 
ATOM   441  N N   . THR B 2 32 ? -3.069  3.661   8.074   1.00 11.79 ? 57  THR A N   1 
ATOM   442  C CA  . THR B 2 32 ? -3.067  2.479   8.917   1.00 13.07 ? 57  THR A CA  1 
ATOM   443  C C   . THR B 2 32 ? -1.685  1.846   8.792   1.00 13.77 ? 57  THR A C   1 
ATOM   444  O O   . THR B 2 32 ? -0.781  2.464   8.242   1.00 14.69 ? 57  THR A O   1 
ATOM   445  C CB  . THR B 2 32 ? -4.180  1.502   8.499   1.00 16.63 ? 57  THR A CB  1 
ATOM   446  O OG1 . THR B 2 32 ? -4.289  0.473   9.485   1.00 18.41 ? 57  THR A OG1 1 
ATOM   447  C CG2 . THR B 2 32 ? -3.895  0.887   7.137   1.00 19.16 ? 57  THR A CG2 1 
ATOM   448  N N   . TYR B 2 33 ? -1.499  0.641   9.319   1.00 13.81 ? 58  TYR A N   1 
ATOM   449  C CA  . TYR B 2 33 ? -0.190  0.005   9.221   1.00 13.88 ? 58  TYR A CA  1 
ATOM   450  C C   . TYR B 2 33 ? -0.264  -1.349  8.528   1.00 13.56 ? 58  TYR A C   1 
ATOM   451  O O   . TYR B 2 33 ? -1.328  -1.964  8.434   1.00 12.84 ? 58  TYR A O   1 
ATOM   452  C CB  . TYR B 2 33 ? 0.460   -0.111  10.608  1.00 13.92 ? 58  TYR A CB  1 
ATOM   453  C CG  . TYR B 2 33 ? -0.248  -1.028  11.569  1.00 13.82 ? 58  TYR A CG  1 
ATOM   454  C CD1 . TYR B 2 33 ? 0.028   -2.395  11.590  1.00 15.05 ? 58  TYR A CD1 1 
ATOM   455  C CD2 . TYR B 2 33 ? -1.206  -0.531  12.451  1.00 15.40 ? 58  TYR A CD2 1 
ATOM   456  C CE1 . TYR B 2 33 ? -0.632  -3.245  12.469  1.00 15.16 ? 58  TYR A CE1 1 
ATOM   457  C CE2 . TYR B 2 33 ? -1.873  -1.369  13.331  1.00 15.56 ? 58  TYR A CE2 1 
ATOM   458  C CZ  . TYR B 2 33 ? -1.583  -2.725  13.337  1.00 16.52 ? 58  TYR A CZ  1 
ATOM   459  O OH  . TYR B 2 33 ? -2.254  -3.554  14.203  1.00 17.80 ? 58  TYR A OH  1 
ATOM   460  N N   . VAL B 2 34 ? 0.880   -1.801  8.032   1.00 13.04 ? 59  VAL A N   1 
ATOM   461  C CA  . VAL B 2 34 ? 0.951   -3.053  7.301   1.00 14.46 ? 59  VAL A CA  1 
ATOM   462  C C   . VAL B 2 34 ? 1.093   -4.309  8.141   1.00 14.30 ? 59  VAL A C   1 
ATOM   463  O O   . VAL B 2 34 ? 1.896   -4.366  9.075   1.00 14.48 ? 59  VAL A O   1 
ATOM   464  C CB  . VAL B 2 34 ? 2.129   -3.028  6.302   1.00 14.35 ? 59  VAL A CB  1 
ATOM   465  C CG1 . VAL B 2 34 ? 2.229   -4.362  5.563   1.00 16.25 ? 59  VAL A CG1 1 
ATOM   466  C CG2 . VAL B 2 34 ? 1.949   -1.883  5.316   1.00 15.23 ? 59  VAL A CG2 1 
ATOM   467  N N   . ILE B 2 35 ? 0.294   -5.310  7.793   1.00 15.91 ? 60  ILE A N   1 
ATOM   468  C CA  . ILE B 2 35 ? 0.348   -6.618  8.432   1.00 18.07 ? 60  ILE A CA  1 
ATOM   469  C C   . ILE B 2 35 ? 0.673   -7.556  7.276   1.00 17.77 ? 60  ILE A C   1 
ATOM   470  O O   . ILE B 2 35 ? -0.007  -7.539  6.251   1.00 18.72 ? 60  ILE A O   1 
ATOM   471  C CB  . ILE B 2 35 ? -1.005  -7.032  9.044   1.00 17.43 ? 60  ILE A CB  1 
ATOM   472  C CG1 . ILE B 2 35 ? -1.340  -6.129  10.233  1.00 20.31 ? 60  ILE A CG1 1 
ATOM   473  C CG2 . ILE B 2 35 ? -0.942  -8.489  9.493   1.00 21.02 ? 60  ILE A CG2 1 
ATOM   474  C CD1 . ILE B 2 35 ? -2.693  -6.425  10.861  1.00 25.44 ? 60  ILE A CD1 1 
ATOM   475  N N   . LEU B 2 36 ? 1.725   -8.356  7.416   1.00 19.95 ? 61  LEU A N   1 
ATOM   476  C CA  . LEU B 2 36 ? 2.099   -9.270  6.344   1.00 19.60 ? 61  LEU A CA  1 
ATOM   477  C C   . LEU B 2 36 ? 1.151   -10.461 6.304   1.00 20.62 ? 61  LEU A C   1 
ATOM   478  O O   . LEU B 2 36 ? 0.945   -11.135 7.311   1.00 24.37 ? 61  LEU A O   1 
ATOM   479  C CB  . LEU B 2 36 ? 3.545   -9.735  6.533   1.00 22.24 ? 61  LEU A CB  1 
ATOM   480  C CG  . LEU B 2 36 ? 4.583   -8.607  6.530   1.00 21.25 ? 61  LEU A CG  1 
ATOM   481  C CD1 . LEU B 2 36 ? 5.967   -9.184  6.810   1.00 25.57 ? 61  LEU A CD1 1 
ATOM   482  C CD2 . LEU B 2 36 ? 4.557   -7.882  5.192   1.00 21.58 ? 61  LEU A CD2 1 
ATOM   483  N N   . GLY B 2 37 ? 0.573   -10.710 5.131   1.00 20.01 ? 62  GLY A N   1 
ATOM   484  C CA  . GLY B 2 37 ? -0.367  -11.806 4.982   1.00 23.96 ? 62  GLY A CA  1 
ATOM   485  C C   . GLY B 2 37 ? 0.223   -13.043 4.338   1.00 24.90 ? 62  GLY A C   1 
ATOM   486  O O   . GLY B 2 37 ? 1.176   -12.960 3.563   1.00 23.39 ? 62  GLY A O   1 
ATOM   487  N N   . LYS B 2 38 ? -0.362  -14.195 4.653   1.00 27.38 ? 63  LYS A N   1 
ATOM   488  C CA  . LYS B 2 38 ? 0.105   -15.470 4.123   1.00 29.52 ? 63  LYS A CA  1 
ATOM   489  C C   . LYS B 2 38 ? -0.761  -15.959 2.967   1.00 30.36 ? 63  LYS A C   1 
ATOM   490  O O   . LYS B 2 38 ? -0.463  -16.982 2.349   1.00 32.05 ? 63  LYS A O   1 
ATOM   491  C CB  . LYS B 2 38 ? 0.107   -16.523 5.235   1.00 32.54 ? 63  LYS A CB  1 
ATOM   492  C CG  . LYS B 2 38 ? 0.817   -16.087 6.509   1.00 34.52 ? 63  LYS A CG  1 
ATOM   493  C CD  . LYS B 2 38 ? 2.289   -15.799 6.266   0.00 35.23 ? 63  LYS A CD  1 
ATOM   494  C CE  . LYS B 2 38 ? 2.975   -15.356 7.547   0.00 35.96 ? 63  LYS A CE  1 
ATOM   495  N NZ  . LYS B 2 38 ? 2.869   -16.387 8.617   0.00 36.47 ? 63  LYS A NZ  1 
ATOM   496  N N   . LYS B 2 39 ? -1.833  -15.228 2.679   1.00 26.63 ? 64  LYS A N   1 
ATOM   497  C CA  . LYS B 2 39 ? -2.739  -15.598 1.598   1.00 27.08 ? 64  LYS A CA  1 
ATOM   498  C C   . LYS B 2 39 ? -2.381  -14.878 0.302   1.00 27.45 ? 64  LYS A C   1 
ATOM   499  O O   . LYS B 2 39 ? -2.375  -13.649 0.237   1.00 24.79 ? 64  LYS A O   1 
ATOM   500  C CB  . LYS B 2 39 ? -4.182  -15.272 1.988   1.00 29.94 ? 64  LYS A CB  1 
ATOM   501  C CG  . LYS B 2 39 ? -5.217  -15.670 0.950   1.00 34.44 ? 64  LYS A CG  1 
ATOM   502  C CD  . LYS B 2 39 ? -5.260  -17.177 0.754   0.00 34.17 ? 64  LYS A CD  1 
ATOM   503  C CE  . LYS B 2 39 ? -6.330  -17.574 -0.250  0.00 35.02 ? 64  LYS A CE  1 
ATOM   504  N NZ  . LYS B 2 39 ? -6.092  -16.964 -1.588  0.00 35.33 ? 64  LYS A NZ  1 
ATOM   505  N N   . ARG B 2 40 ? -2.090  -15.659 -0.732  1.00 24.64 ? 65  ARG A N   1 
ATOM   506  C CA  . ARG B 2 40 ? -1.725  -15.120 -2.035  1.00 25.38 ? 65  ARG A CA  1 
ATOM   507  C C   . ARG B 2 40 ? -2.773  -14.178 -2.629  1.00 24.39 ? 65  ARG A C   1 
ATOM   508  O O   . ARG B 2 40 ? -3.950  -14.529 -2.745  1.00 24.65 ? 65  ARG A O   1 
ATOM   509  C CB  . ARG B 2 40 ? -1.457  -16.278 -3.003  1.00 29.49 ? 65  ARG A CB  1 
ATOM   510  C CG  . ARG B 2 40 ? -1.321  -15.876 -4.463  1.00 34.05 ? 65  ARG A CG  1 
ATOM   511  C CD  . ARG B 2 40 ? -0.989  -17.089 -5.319  0.00 36.31 ? 65  ARG A CD  1 
ATOM   512  N NE  . ARG B 2 40 ? -1.151  -16.826 -6.746  0.00 39.04 ? 65  ARG A NE  1 
ATOM   513  C CZ  . ARG B 2 40 ? -2.316  -16.569 -7.332  0.00 40.36 ? 65  ARG A CZ  1 
ATOM   514  N NH1 . ARG B 2 40 ? -3.430  -16.540 -6.612  0.00 41.29 ? 65  ARG A NH1 1 
ATOM   515  N NH2 . ARG B 2 40 ? -2.371  -16.348 -8.637  0.00 41.25 ? 65  ARG A NH2 1 
ATOM   516  N N   . GLY B 2 41 ? -2.328  -12.980 -2.999  1.00 23.45 ? 66  GLY A N   1 
ATOM   517  C CA  . GLY B 2 41 ? -3.210  -11.996 -3.603  1.00 23.76 ? 66  GLY A CA  1 
ATOM   518  C C   . GLY B 2 41 ? -4.196  -11.330 -2.665  1.00 22.28 ? 66  GLY A C   1 
ATOM   519  O O   . GLY B 2 41 ? -5.075  -10.599 -3.115  1.00 24.55 ? 66  GLY A O   1 
ATOM   520  N N   . GLU B 2 42 ? -4.049  -11.571 -1.367  1.00 20.58 ? 67  GLU A N   1 
ATOM   521  C CA  . GLU B 2 42 ? -4.955  -10.996 -0.380  1.00 22.59 ? 67  GLU A CA  1 
ATOM   522  C C   . GLU B 2 42 ? -4.605  -9.584  0.074   1.00 20.55 ? 67  GLU A C   1 
ATOM   523  O O   . GLU B 2 42 ? -3.444  -9.262  0.323   1.00 21.80 ? 67  GLU A O   1 
ATOM   524  C CB  . GLU B 2 42 ? -5.023  -11.888 0.866   1.00 26.57 ? 67  GLU A CB  1 
ATOM   525  C CG  . GLU B 2 42 ? -5.952  -11.354 1.958   1.00 31.37 ? 67  GLU A CG  1 
ATOM   526  C CD  . GLU B 2 42 ? -5.701  -11.984 3.317   1.00 32.08 ? 67  GLU A CD  1 
ATOM   527  O OE1 . GLU B 2 42 ? -6.569  -11.854 4.204   1.00 36.33 ? 67  GLU A OE1 1 
ATOM   528  O OE2 . GLU B 2 42 ? -4.631  -12.601 3.504   1.00 37.32 ? 67  GLU A OE2 1 
ATOM   529  N N   . ILE B 2 43 ? -5.632  -8.745  0.158   1.00 19.48 ? 68  ILE A N   1 
ATOM   530  C CA  . ILE B 2 43 ? -5.509  -7.379  0.656   1.00 16.59 ? 68  ILE A CA  1 
ATOM   531  C C   . ILE B 2 43 ? -6.777  -7.212  1.481   1.00 16.32 ? 68  ILE A C   1 
ATOM   532  O O   . ILE B 2 43 ? -7.869  -7.017  0.940   1.00 16.92 ? 68  ILE A O   1 
ATOM   533  C CB  . ILE B 2 43 ? -5.461  -6.330  -0.470  1.00 17.52 ? 68  ILE A CB  1 
ATOM   534  C CG1 . ILE B 2 43 ? -4.161  -6.487  -1.265  1.00 20.47 ? 68  ILE A CG1 1 
ATOM   535  C CG2 . ILE B 2 43 ? -5.521  -4.927  0.132   1.00 21.98 ? 68  ILE A CG2 1 
ATOM   536  C CD1 . ILE B 2 43 ? -3.941  -5.418  -2.304  1.00 20.43 ? 68  ILE A CD1 1 
ATOM   537  N N   . CYS B 2 44 ? -6.621  -7.322  2.794   1.00 16.11 ? 69  CYS A N   1 
ATOM   538  C CA  . CYS B 2 44 ? -7.745  -7.245  3.713   1.00 16.12 ? 69  CYS A CA  1 
ATOM   539  C C   . CYS B 2 44 ? -7.657  -6.048  4.645   1.00 14.56 ? 69  CYS A C   1 
ATOM   540  O O   . CYS B 2 44 ? -6.681  -5.883  5.371   1.00 14.59 ? 69  CYS A O   1 
ATOM   541  C CB  . CYS B 2 44 ? -7.810  -8.534  4.537   1.00 16.52 ? 69  CYS A CB  1 
ATOM   542  S SG  . CYS B 2 44 ? -9.233  -8.655  5.642   1.00 20.80 ? 69  CYS A SG  1 
ATOM   543  N N   . VAL B 2 45 ? -8.689  -5.213  4.620   1.00 13.69 ? 70  VAL A N   1 
ATOM   544  C CA  . VAL B 2 45 ? -8.734  -4.037  5.478   1.00 15.59 ? 70  VAL A CA  1 
ATOM   545  C C   . VAL B 2 45 ? -9.408  -4.440  6.790   1.00 16.14 ? 70  VAL A C   1 
ATOM   546  O O   . VAL B 2 45 ? -10.555 -4.891  6.799   1.00 15.34 ? 70  VAL A O   1 
ATOM   547  C CB  . VAL B 2 45 ? -9.500  -2.895  4.791   1.00 14.89 ? 70  VAL A CB  1 
ATOM   548  C CG1 . VAL B 2 45 ? -9.583  -1.694  5.713   1.00 13.42 ? 70  VAL A CG1 1 
ATOM   549  C CG2 . VAL B 2 45 ? -8.785  -2.507  3.497   1.00 16.87 ? 70  VAL A CG2 1 
ATOM   550  N N   . ASN B 2 46 ? -8.679  -4.268  7.891   1.00 15.09 ? 71  ASN A N   1 
ATOM   551  C CA  . ASN B 2 46 ? -9.149  -4.657  9.221   1.00 16.28 ? 71  ASN A CA  1 
ATOM   552  C C   . ASN B 2 46 ? -9.514  -3.517  10.166  1.00 17.19 ? 71  ASN A C   1 
ATOM   553  O O   . ASN B 2 46 ? -9.080  -2.380  9.996   1.00 16.24 ? 71  ASN A O   1 
ATOM   554  C CB  . ASN B 2 46 ? -8.074  -5.504  9.905   1.00 17.61 ? 71  ASN A CB  1 
ATOM   555  C CG  . ASN B 2 46 ? -7.594  -6.641  9.035   1.00 20.13 ? 71  ASN A CG  1 
ATOM   556  O OD1 . ASN B 2 46 ? -8.366  -7.525  8.669   1.00 22.21 ? 71  ASN A OD1 1 
ATOM   557  N ND2 . ASN B 2 46 ? -6.309  -6.622  8.695   1.00 21.83 ? 71  ASN A ND2 1 
ATOM   558  N N   . GLY B 2 47 ? -10.301 -3.849  11.183  1.00 14.64 ? 72  GLY A N   1 
ATOM   559  C CA  . GLY B 2 47 ? -10.687 -2.863  12.174  1.00 15.96 ? 72  GLY A CA  1 
ATOM   560  C C   . GLY B 2 47 ? -11.607 -1.773  11.671  1.00 12.40 ? 72  GLY A C   1 
ATOM   561  O O   . GLY B 2 47 ? -12.387 -1.982  10.748  1.00 13.40 ? 72  GLY A O   1 
ATOM   562  N N   . ALA B 2 48 ? -11.510 -0.605  12.298  1.00 13.50 ? 73  ALA A N   1 
ATOM   563  C CA  . ALA B 2 48 ? -12.337 0.535   11.937  1.00 14.40 ? 73  ALA A CA  1 
ATOM   564  C C   . ALA B 2 48 ? -12.221 0.892   10.466  1.00 11.59 ? 73  ALA A C   1 
ATOM   565  O O   . ALA B 2 48 ? -13.185 1.360   9.858   1.00 11.79 ? 73  ALA A O   1 
ATOM   566  C CB  . ALA B 2 48 ? -11.963 1.744   12.793  1.00 10.68 ? 73  ALA A CB  1 
ATOM   567  N N   . ALA B 2 49 ? -11.041 0.667   9.892   1.00 12.76 ? 74  ALA A N   1 
ATOM   568  C CA  . ALA B 2 49 ? -10.811 0.991   8.488   1.00 11.77 ? 74  ALA A CA  1 
ATOM   569  C C   . ALA B 2 49 ? -11.739 0.244   7.542   1.00 11.36 ? 74  ALA A C   1 
ATOM   570  O O   . ALA B 2 49 ? -11.963 0.681   6.414   1.00 12.63 ? 74  ALA A O   1 
ATOM   571  C CB  . ALA B 2 49 ? -9.352  0.706   8.118   1.00 13.35 ? 74  ALA A CB  1 
ATOM   572  N N   . ALA B 2 50 ? -12.282 -0.881  7.997   1.00 11.50 ? 75  ALA A N   1 
ATOM   573  C CA  . ALA B 2 50 ? -13.180 -1.665  7.158   1.00 11.43 ? 75  ALA A CA  1 
ATOM   574  C C   . ALA B 2 50 ? -14.392 -0.839  6.728   1.00 12.34 ? 75  ALA A C   1 
ATOM   575  O O   . ALA B 2 50 ? -14.983 -1.095  5.685   1.00 14.25 ? 75  ALA A O   1 
ATOM   576  C CB  . ALA B 2 50 ? -13.631 -2.923  7.903   1.00 12.74 ? 75  ALA A CB  1 
ATOM   577  N N   . ARG B 2 51 ? -14.758 0.157   7.527   1.00 13.02 ? 76  ARG A N   1 
ATOM   578  C CA  . ARG B 2 51 ? -15.904 0.993   7.199   1.00 11.90 ? 76  ARG A CA  1 
ATOM   579  C C   . ARG B 2 51 ? -15.610 2.010   6.104   1.00 14.07 ? 76  ARG A C   1 
ATOM   580  O O   . ARG B 2 51 ? -16.530 2.632   5.571   1.00 15.61 ? 76  ARG A O   1 
ATOM   581  C CB  . ARG B 2 51 ? -16.402 1.727   8.443   1.00 10.60 ? 76  ARG A CB  1 
ATOM   582  C CG  . ARG B 2 51 ? -17.029 0.804   9.479   1.00 10.62 ? 76  ARG A CG  1 
ATOM   583  C CD  . ARG B 2 51 ? -17.630 1.591   10.637  1.00 11.35 ? 76  ARG A CD  1 
ATOM   584  N NE  . ARG B 2 51 ? -18.232 0.716   11.640  1.00 12.13 ? 76  ARG A NE  1 
ATOM   585  C CZ  . ARG B 2 51 ? -19.470 0.231   11.581  1.00 12.38 ? 76  ARG A CZ  1 
ATOM   586  N NH1 . ARG B 2 51 ? -20.266 0.529   10.561  1.00 11.10 ? 76  ARG A NH1 1 
ATOM   587  N NH2 . ARG B 2 51 ? -19.916 -0.556  12.552  1.00 12.97 ? 76  ARG A NH2 1 
ATOM   588  N N   . LYS B 2 52 ? -14.335 2.173   5.762   1.00 11.84 ? 77  LYS A N   1 
ATOM   589  C CA  . LYS B 2 52 ? -13.939 3.134   4.734   1.00 13.50 ? 77  LYS A CA  1 
ATOM   590  C C   . LYS B 2 52 ? -13.804 2.516   3.346   1.00 13.38 ? 77  LYS A C   1 
ATOM   591  O O   . LYS B 2 52 ? -13.479 3.219   2.388   1.00 14.94 ? 77  LYS A O   1 
ATOM   592  C CB  . LYS B 2 52 ? -12.595 3.782   5.087   1.00 14.56 ? 77  LYS A CB  1 
ATOM   593  C CG  . LYS B 2 52 ? -12.510 4.443   6.451   1.00 18.67 ? 77  LYS A CG  1 
ATOM   594  C CD  . LYS B 2 52 ? -13.494 5.583   6.588   1.00 17.30 ? 77  LYS A CD  1 
ATOM   595  C CE  . LYS B 2 52 ? -13.138 6.454   7.784   1.00 18.68 ? 77  LYS A CE  1 
ATOM   596  N NZ  . LYS B 2 52 ? -14.173 7.492   8.036   1.00 25.31 ? 77  LYS A NZ  1 
ATOM   597  N N   . VAL B 2 53 ? -14.034 1.213   3.232   1.00 13.23 ? 78  VAL A N   1 
ATOM   598  C CA  . VAL B 2 53 ? -13.897 0.546   1.941   1.00 14.06 ? 78  VAL A CA  1 
ATOM   599  C C   . VAL B 2 53 ? -14.940 -0.536  1.751   1.00 15.38 ? 78  VAL A C   1 
ATOM   600  O O   . VAL B 2 53 ? -15.640 -0.906  2.685   1.00 15.60 ? 78  VAL A O   1 
ATOM   601  C CB  . VAL B 2 53 ? -12.512 -0.142  1.797   1.00 14.99 ? 78  VAL A CB  1 
ATOM   602  C CG1 . VAL B 2 53 ? -11.392 0.856   2.055   1.00 16.10 ? 78  VAL A CG1 1 
ATOM   603  C CG2 . VAL B 2 53 ? -12.411 -1.323  2.768   1.00 16.15 ? 78  VAL A CG2 1 
ATOM   604  N N   . ALA B 2 54 ? -15.035 -1.029  0.520   1.00 14.75 ? 79  ALA A N   1 
ATOM   605  C CA  . ALA B 2 54 ? -15.939 -2.118  0.191   1.00 13.85 ? 79  ALA A CA  1 
ATOM   606  C C   . ALA B 2 54 ? -15.061 -3.142  -0.515  1.00 15.81 ? 79  ALA A C   1 
ATOM   607  O O   . ALA B 2 54 ? -14.099 -2.777  -1.193  1.00 15.64 ? 79  ALA A O   1 
ATOM   608  C CB  . ALA B 2 54 ? -17.048 -1.639  -0.745  1.00 14.94 ? 79  ALA A CB  1 
ATOM   609  N N   . ILE B 2 55 ? -15.368 -4.420  -0.332  1.00 14.17 ? 80  ILE A N   1 
ATOM   610  C CA  . ILE B 2 55 ? -14.600 -5.462  -0.995  1.00 16.10 ? 80  ILE A CA  1 
ATOM   611  C C   . ILE B 2 55 ? -14.767 -5.233  -2.492  1.00 16.24 ? 80  ILE A C   1 
ATOM   612  O O   . ILE B 2 55 ? -15.875 -4.981  -2.976  1.00 16.89 ? 80  ILE A O   1 
ATOM   613  C CB  . ILE B 2 55 ? -15.111 -6.865  -0.591  1.00 17.04 ? 80  ILE A CB  1 
ATOM   614  C CG1 . ILE B 2 55 ? -14.775 -7.121  0.882   1.00 21.42 ? 80  ILE A CG1 1 
ATOM   615  C CG2 . ILE B 2 55 ? -14.494 -7.935  -1.489  1.00 18.67 ? 80  ILE A CG2 1 
ATOM   616  C CD1 . ILE B 2 55 ? -15.371 -8.398  1.443   1.00 23.68 ? 80  ILE A CD1 1 
ATOM   617  N N   . GLY B 2 56 ? -13.659 -5.289  -3.223  1.00 15.68 ? 81  GLY A N   1 
ATOM   618  C CA  . GLY B 2 56 ? -13.710 -5.068  -4.655  1.00 16.38 ? 81  GLY A CA  1 
ATOM   619  C C   . GLY B 2 56 ? -13.210 -3.692  -5.055  1.00 15.36 ? 81  GLY A C   1 
ATOM   620  O O   . GLY B 2 56 ? -12.930 -3.445  -6.227  1.00 17.09 ? 81  GLY A O   1 
ATOM   621  N N   . ASP B 2 57 ? -13.090 -2.790  -4.086  1.00 13.25 ? 82  ASP A N   1 
ATOM   622  C CA  . ASP B 2 57 ? -12.620 -1.438  -4.374  1.00 12.88 ? 82  ASP A CA  1 
ATOM   623  C C   . ASP B 2 57 ? -11.175 -1.417  -4.851  1.00 11.87 ? 82  ASP A C   1 
ATOM   624  O O   . ASP B 2 57 ? -10.357 -2.240  -4.436  1.00 15.40 ? 82  ASP A O   1 
ATOM   625  C CB  . ASP B 2 57 ? -12.708 -0.548  -3.131  1.00 12.45 ? 82  ASP A CB  1 
ATOM   626  C CG  . ASP B 2 57 ? -14.119 -0.075  -2.836  1.00 13.17 ? 82  ASP A CG  1 
ATOM   627  O OD1 . ASP B 2 57 ? -15.054 -0.427  -3.586  1.00 13.24 ? 82  ASP A OD1 1 
ATOM   628  O OD2 . ASP B 2 57 ? -14.281 0.664   -1.841  1.00 13.13 ? 82  ASP A OD2 1 
ATOM   629  N N   . VAL B 2 58 ? -10.876 -0.457  -5.719  1.00 11.91 ? 83  VAL A N   1 
ATOM   630  C CA  . VAL B 2 58 ? -9.524  -0.274  -6.231  1.00 13.78 ? 83  VAL A CA  1 
ATOM   631  C C   . VAL B 2 58 ? -8.895  0.770   -5.314  1.00 14.61 ? 83  VAL A C   1 
ATOM   632  O O   . VAL B 2 58 ? -9.499  1.811   -5.049  1.00 14.04 ? 83  VAL A O   1 
ATOM   633  C CB  . VAL B 2 58 ? -9.544  0.261   -7.676  1.00 13.54 ? 83  VAL A CB  1 
ATOM   634  C CG1 . VAL B 2 58 ? -8.126  0.596   -8.131  1.00 16.71 ? 83  VAL A CG1 1 
ATOM   635  C CG2 . VAL B 2 58 ? -10.166 -0.778  -8.603  1.00 18.07 ? 83  VAL A CG2 1 
ATOM   636  N N   . VAL B 2 59 ? -7.696  0.488   -4.815  1.00 13.90 ? 84  VAL A N   1 
ATOM   637  C CA  . VAL B 2 59 ? -7.019  1.415   -3.916  1.00 13.67 ? 84  VAL A CA  1 
ATOM   638  C C   . VAL B 2 59 ? -5.571  1.640   -4.304  1.00 13.37 ? 84  VAL A C   1 
ATOM   639  O O   . VAL B 2 59 ? -4.991  0.873   -5.074  1.00 14.51 ? 84  VAL A O   1 
ATOM   640  C CB  . VAL B 2 59 ? -7.023  0.901   -2.452  1.00 15.75 ? 84  VAL A CB  1 
ATOM   641  C CG1 . VAL B 2 59 ? -8.447  0.714   -1.962  1.00 14.51 ? 84  VAL A CG1 1 
ATOM   642  C CG2 . VAL B 2 59 ? -6.245  -0.414  -2.354  1.00 15.69 ? 84  VAL A CG2 1 
ATOM   643  N N   . ILE B 2 60 ? -5.001  2.708   -3.760  1.00 13.73 ? 85  ILE A N   1 
ATOM   644  C CA  . ILE B 2 60 ? -3.607  3.051   -3.972  1.00 13.02 ? 85  ILE A CA  1 
ATOM   645  C C   . ILE B 2 60 ? -3.017  3.062   -2.571  1.00 14.09 ? 85  ILE A C   1 
ATOM   646  O O   . ILE B 2 60 ? -3.549  3.713   -1.663  1.00 13.98 ? 85  ILE A O   1 
ATOM   647  C CB  . ILE B 2 60 ? -3.455  4.435   -4.630  1.00 13.22 ? 85  ILE A CB  1 
ATOM   648  C CG1 . ILE B 2 60 ? -4.126  4.423   -6.005  1.00 15.44 ? 85  ILE A CG1 1 
ATOM   649  C CG2 . ILE B 2 60 ? -1.971  4.790   -4.769  1.00 13.63 ? 85  ILE A CG2 1 
ATOM   650  C CD1 . ILE B 2 60 ? -4.268  5.798   -6.633  1.00 13.90 ? 85  ILE A CD1 1 
ATOM   651  N N   . ILE B 2 61 ? -1.940  2.308   -2.393  1.00 13.34 ? 86  ILE A N   1 
ATOM   652  C CA  . ILE B 2 61 ? -1.269  2.187   -1.107  1.00 13.11 ? 86  ILE A CA  1 
ATOM   653  C C   . ILE B 2 61 ? 0.045   2.949   -1.193  1.00 14.58 ? 86  ILE A C   1 
ATOM   654  O O   . ILE B 2 61 ? 0.918   2.605   -1.988  1.00 16.42 ? 86  ILE A O   1 
ATOM   655  C CB  . ILE B 2 61 ? -1.017  0.698   -0.777  1.00 12.69 ? 86  ILE A CB  1 
ATOM   656  C CG1 . ILE B 2 61 ? -2.348  -0.063  -0.818  1.00 14.05 ? 86  ILE A CG1 1 
ATOM   657  C CG2 . ILE B 2 61 ? -0.368  0.566   0.591   1.00 14.35 ? 86  ILE A CG2 1 
ATOM   658  C CD1 . ILE B 2 61 ? -2.213  -1.565  -0.672  1.00 18.06 ? 86  ILE A CD1 1 
ATOM   659  N N   . LEU B 2 62 ? 0.176   3.984   -0.370  1.00 13.38 ? 87  LEU A N   1 
ATOM   660  C CA  . LEU B 2 62 ? 1.358   4.841   -0.376  1.00 14.20 ? 87  LEU A CA  1 
ATOM   661  C C   . LEU B 2 62 ? 2.197   4.752   0.891   1.00 15.65 ? 87  LEU A C   1 
ATOM   662  O O   . LEU B 2 62 ? 1.667   4.779   2.000   1.00 14.63 ? 87  LEU A O   1 
ATOM   663  C CB  . LEU B 2 62 ? 0.927   6.302   -0.559  1.00 15.29 ? 87  LEU A CB  1 
ATOM   664  C CG  . LEU B 2 62 ? -0.021  6.662   -1.708  1.00 16.17 ? 87  LEU A CG  1 
ATOM   665  C CD1 . LEU B 2 62 ? -0.588  8.056   -1.471  1.00 22.92 ? 87  LEU A CD1 1 
ATOM   666  C CD2 . LEU B 2 62 ? 0.714   6.599   -3.033  1.00 17.63 ? 87  LEU A CD2 1 
ATOM   667  N N   . ALA B 2 63 ? 3.514   4.662   0.718   1.00 13.86 ? 88  ALA A N   1 
ATOM   668  C CA  . ALA B 2 63 ? 4.434   4.625   1.843   1.00 13.03 ? 88  ALA A CA  1 
ATOM   669  C C   . ALA B 2 63 ? 5.382   5.809   1.691   1.00 14.39 ? 88  ALA A C   1 
ATOM   670  O O   . ALA B 2 63 ? 5.968   6.005   0.626   1.00 14.90 ? 88  ALA A O   1 
ATOM   671  C CB  . ALA B 2 63 ? 5.222   3.318   1.851   1.00 15.04 ? 88  ALA A CB  1 
ATOM   672  N N   . TYR B 2 64 ? 5.508   6.610   2.742   1.00 12.42 ? 89  TYR A N   1 
ATOM   673  C CA  . TYR B 2 64 ? 6.394   7.764   2.718   1.00 13.25 ? 89  TYR A CA  1 
ATOM   674  C C   . TYR B 2 64 ? 7.531   7.573   3.705   1.00 14.25 ? 89  TYR A C   1 
ATOM   675  O O   . TYR B 2 64 ? 7.405   6.834   4.675   1.00 16.01 ? 89  TYR A O   1 
ATOM   676  C CB  . TYR B 2 64 ? 5.645   9.041   3.109   1.00 14.50 ? 89  TYR A CB  1 
ATOM   677  C CG  . TYR B 2 64 ? 4.614   9.507   2.112   1.00 13.20 ? 89  TYR A CG  1 
ATOM   678  C CD1 . TYR B 2 64 ? 3.297   9.052   2.172   1.00 16.36 ? 89  TYR A CD1 1 
ATOM   679  C CD2 . TYR B 2 64 ? 4.952   10.422  1.117   1.00 14.09 ? 89  TYR A CD2 1 
ATOM   680  C CE1 . TYR B 2 64 ? 2.339   9.504   1.261   1.00 14.06 ? 89  TYR A CE1 1 
ATOM   681  C CE2 . TYR B 2 64 ? 4.009   10.876  0.204   1.00 14.73 ? 89  TYR A CE2 1 
ATOM   682  C CZ  . TYR B 2 64 ? 2.702   10.417  0.282   1.00 14.37 ? 89  TYR A CZ  1 
ATOM   683  O OH  . TYR B 2 64 ? 1.768   10.878  -0.618  1.00 16.14 ? 89  TYR A OH  1 
ATOM   684  N N   . ALA B 2 65 ? 8.646   8.246   3.450   1.00 14.37 ? 90  ALA A N   1 
ATOM   685  C CA  . ALA B 2 65 ? 9.787   8.183   4.347   1.00 14.49 ? 90  ALA A CA  1 
ATOM   686  C C   . ALA B 2 65 ? 10.322  9.596   4.498   1.00 15.79 ? 90  ALA A C   1 
ATOM   687  O O   . ALA B 2 65 ? 10.215  10.405  3.576   1.00 17.39 ? 90  ALA A O   1 
ATOM   688  C CB  . ALA B 2 65 ? 10.877  7.269   3.772   1.00 16.20 ? 90  ALA A CB  1 
ATOM   689  N N   . SER B 2 66 ? 10.876  9.899   5.667   1.00 17.16 ? 91  SER A N   1 
ATOM   690  C CA  . SER B 2 66 ? 11.458  11.214  5.913   1.00 15.69 ? 91  SER A CA  1 
ATOM   691  C C   . SER B 2 66 ? 12.895  11.169  5.409   1.00 18.24 ? 91  SER A C   1 
ATOM   692  O O   . SER B 2 66 ? 13.696  10.362  5.876   1.00 18.53 ? 91  SER A O   1 
ATOM   693  C CB  . SER B 2 66 ? 11.432  11.543  7.403   1.00 20.51 ? 91  SER A CB  1 
ATOM   694  O OG  . SER B 2 66 ? 10.104  11.774  7.837   1.00 24.92 ? 91  SER A OG  1 
ATOM   695  N N   . MET B 2 67 ? 13.213  12.041  4.460   1.00 17.18 ? 92  MET A N   1 
ATOM   696  C CA  . MET B 2 67 ? 14.544  12.070  3.859   1.00 17.90 ? 92  MET A CA  1 
ATOM   697  C C   . MET B 2 67 ? 15.207  13.436  3.874   1.00 19.47 ? 92  MET A C   1 
ATOM   698  O O   . MET B 2 67 ? 14.533  14.465  3.847   1.00 18.15 ? 92  MET A O   1 
ATOM   699  C CB  . MET B 2 67 ? 14.459  11.627  2.401   1.00 18.28 ? 92  MET A CB  1 
ATOM   700  C CG  . MET B 2 67 ? 13.881  10.253  2.172   1.00 21.27 ? 92  MET A CG  1 
ATOM   701  S SD  . MET B 2 67 ? 13.807  9.926   0.410   1.00 19.37 ? 92  MET A SD  1 
ATOM   702  C CE  . MET B 2 67 ? 12.612  8.596   0.362   1.00 20.05 ? 92  MET A CE  1 
ATOM   703  N N   . ASN B 2 68 ? 16.537  13.438  3.901   1.00 20.77 ? 93  ASN A N   1 
ATOM   704  C CA  . ASN B 2 68 ? 17.284  14.685  3.852   1.00 22.34 ? 93  ASN A CA  1 
ATOM   705  C C   . ASN B 2 68 ? 17.620  14.949  2.385   1.00 23.82 ? 93  ASN A C   1 
ATOM   706  O O   . ASN B 2 68 ? 17.300  14.140  1.512   1.00 22.19 ? 93  ASN A O   1 
ATOM   707  C CB  . ASN B 2 68 ? 18.570  14.602  4.688   1.00 23.93 ? 93  ASN A CB  1 
ATOM   708  C CG  . ASN B 2 68 ? 19.480  13.465  4.263   1.00 24.91 ? 93  ASN A CG  1 
ATOM   709  O OD1 . ASN B 2 68 ? 19.776  13.298  3.083   1.00 26.46 ? 93  ASN A OD1 1 
ATOM   710  N ND2 . ASN B 2 68 ? 19.940  12.683  5.234   1.00 29.72 ? 93  ASN A ND2 1 
ATOM   711  N N   . GLU B 2 69 ? 18.267  16.077  2.120   1.00 24.90 ? 94  GLU A N   1 
ATOM   712  C CA  . GLU B 2 69 ? 18.632  16.466  0.761   1.00 27.23 ? 94  GLU A CA  1 
ATOM   713  C C   . GLU B 2 69 ? 19.402  15.406  -0.030  1.00 26.66 ? 94  GLU A C   1 
ATOM   714  O O   . GLU B 2 69 ? 19.053  15.101  -1.171  1.00 26.29 ? 94  GLU A O   1 
ATOM   715  C CB  . GLU B 2 69 ? 19.439  17.767  0.803   1.00 26.72 ? 94  GLU A CB  1 
ATOM   716  C CG  . GLU B 2 69 ? 20.667  17.705  1.698   0.00 27.55 ? 94  GLU A CG  1 
ATOM   717  C CD  . GLU B 2 69 ? 21.348  19.050  1.847   0.00 27.78 ? 94  GLU A CD  1 
ATOM   718  O OE1 . GLU B 2 69 ? 21.756  19.629  0.819   0.00 28.04 ? 94  GLU A OE1 1 
ATOM   719  O OE2 . GLU B 2 69 ? 21.477  19.528  2.994   0.00 28.02 ? 94  GLU A OE2 1 
ATOM   720  N N   . ASP B 2 70 ? 20.449  14.848  0.569   1.00 26.97 ? 95  ASP A N   1 
ATOM   721  C CA  . ASP B 2 70 ? 21.247  13.835  -0.113  1.00 27.32 ? 95  ASP A CA  1 
ATOM   722  C C   . ASP B 2 70 ? 20.443  12.575  -0.401  1.00 26.37 ? 95  ASP A C   1 
ATOM   723  O O   . ASP B 2 70 ? 20.583  11.967  -1.461  1.00 26.02 ? 95  ASP A O   1 
ATOM   724  C CB  . ASP B 2 70 ? 22.485  13.478  0.714   1.00 28.98 ? 95  ASP A CB  1 
ATOM   725  C CG  . ASP B 2 70 ? 23.447  14.642  0.854   1.00 33.77 ? 95  ASP A CG  1 
ATOM   726  O OD1 . ASP B 2 70 ? 23.725  15.307  -0.165  1.00 32.61 ? 95  ASP A OD1 1 
ATOM   727  O OD2 . ASP B 2 70 ? 23.933  14.887  1.979   1.00 38.87 ? 95  ASP A OD2 1 
ATOM   728  N N   . GLU B 2 71 ? 19.597  12.184  0.544   1.00 24.88 ? 96  GLU A N   1 
ATOM   729  C CA  . GLU B 2 71 ? 18.779  10.993  0.367   1.00 23.94 ? 96  GLU A CA  1 
ATOM   730  C C   . GLU B 2 71 ? 17.780  11.187  -0.768  1.00 24.08 ? 96  GLU A C   1 
ATOM   731  O O   . GLU B 2 71 ? 17.518  10.265  -1.541  1.00 23.44 ? 96  GLU A O   1 
ATOM   732  C CB  . GLU B 2 71 ? 18.063  10.655  1.677   1.00 22.54 ? 96  GLU A CB  1 
ATOM   733  C CG  . GLU B 2 71 ? 19.012  10.106  2.739   1.00 23.91 ? 96  GLU A CG  1 
ATOM   734  C CD  . GLU B 2 71 ? 18.399  10.041  4.122   1.00 24.38 ? 96  GLU A CD  1 
ATOM   735  O OE1 . GLU B 2 71 ? 18.961  9.333   4.985   1.00 24.39 ? 96  GLU A OE1 1 
ATOM   736  O OE2 . GLU B 2 71 ? 17.366  10.705  4.356   1.00 25.20 ? 96  GLU A OE2 1 
ATOM   737  N N   . ILE B 2 72 ? 17.234  12.393  -0.876  1.00 21.93 ? 97  ILE A N   1 
ATOM   738  C CA  . ILE B 2 72 ? 16.278  12.697  -1.935  1.00 22.27 ? 97  ILE A CA  1 
ATOM   739  C C   . ILE B 2 72 ? 16.935  12.580  -3.309  1.00 23.86 ? 97  ILE A C   1 
ATOM   740  O O   . ILE B 2 72 ? 16.367  11.993  -4.229  1.00 23.62 ? 97  ILE A O   1 
ATOM   741  C CB  . ILE B 2 72 ? 15.707  14.123  -1.774  1.00 22.21 ? 97  ILE A CB  1 
ATOM   742  C CG1 . ILE B 2 72 ? 14.852  14.194  -0.507  1.00 21.84 ? 97  ILE A CG1 1 
ATOM   743  C CG2 . ILE B 2 72 ? 14.880  14.499  -2.995  1.00 22.71 ? 97  ILE A CG2 1 
ATOM   744  C CD1 . ILE B 2 72 ? 14.337  15.587  -0.194  1.00 20.87 ? 97  ILE A CD1 1 
ATOM   745  N N   . ASN B 2 73 ? 18.139  13.128  -3.444  1.00 24.72 ? 98  ASN A N   1 
ATOM   746  C CA  . ASN B 2 73 ? 18.845  13.078  -4.720  1.00 25.98 ? 98  ASN A CA  1 
ATOM   747  C C   . ASN B 2 73 ? 19.170  11.661  -5.181  1.00 24.38 ? 98  ASN A C   1 
ATOM   748  O O   . ASN B 2 73 ? 19.181  11.384  -6.377  1.00 28.11 ? 98  ASN A O   1 
ATOM   749  C CB  . ASN B 2 73 ? 20.138  13.898  -4.649  1.00 27.08 ? 98  ASN A CB  1 
ATOM   750  C CG  . ASN B 2 73 ? 19.878  15.376  -4.457  1.00 29.95 ? 98  ASN A CG  1 
ATOM   751  O OD1 . ASN B 2 73 ? 19.003  15.952  -5.103  1.00 31.37 ? 98  ASN A OD1 1 
ATOM   752  N ND2 . ASN B 2 73 ? 20.646  16.003  -3.572  1.00 33.85 ? 98  ASN A ND2 1 
ATOM   753  N N   . ALA B 2 74 ? 19.425  10.764  -4.234  1.00 24.28 ? 99  ALA A N   1 
ATOM   754  C CA  . ALA B 2 74 ? 19.764  9.383   -4.564  1.00 24.81 ? 99  ALA A CA  1 
ATOM   755  C C   . ALA B 2 74 ? 18.569  8.434   -4.522  1.00 24.74 ? 99  ALA A C   1 
ATOM   756  O O   . ALA B 2 74 ? 18.673  7.279   -4.933  1.00 26.59 ? 99  ALA A O   1 
ATOM   757  C CB  . ALA B 2 74 ? 20.848  8.881   -3.617  1.00 24.47 ? 99  ALA A CB  1 
ATOM   758  N N   . HIS B 2 75 ? 17.436  8.924   -4.038  1.00 22.17 ? 100 HIS A N   1 
ATOM   759  C CA  . HIS B 2 75 ? 16.243  8.096   -3.915  1.00 23.02 ? 100 HIS A CA  1 
ATOM   760  C C   . HIS B 2 75 ? 15.569  7.666   -5.214  1.00 21.55 ? 100 HIS A C   1 
ATOM   761  O O   . HIS B 2 75 ? 15.452  8.440   -6.164  1.00 24.41 ? 100 HIS A O   1 
ATOM   762  C CB  . HIS B 2 75 ? 15.213  8.805   -3.032  1.00 20.92 ? 100 HIS A CB  1 
ATOM   763  C CG  . HIS B 2 75 ? 13.919  8.061   -2.896  1.00 20.96 ? 100 HIS A CG  1 
ATOM   764  N ND1 . HIS B 2 75 ? 13.843  6.790   -2.370  1.00 19.17 ? 100 HIS A ND1 1 
ATOM   765  C CD2 . HIS B 2 75 ? 12.652  8.410   -3.224  1.00 20.46 ? 100 HIS A CD2 1 
ATOM   766  C CE1 . HIS B 2 75 ? 12.585  6.386   -2.380  1.00 18.24 ? 100 HIS A CE1 1 
ATOM   767  N NE2 . HIS B 2 75 ? 11.842  7.350   -2.893  1.00 17.61 ? 100 HIS A NE2 1 
ATOM   768  N N   . LYS B 2 76 ? 15.121  6.415   -5.227  1.00 21.72 ? 101 LYS A N   1 
ATOM   769  C CA  . LYS B 2 76 ? 14.412  5.832   -6.359  1.00 22.07 ? 101 LYS A CA  1 
ATOM   770  C C   . LYS B 2 76 ? 13.168  5.175   -5.761  1.00 19.76 ? 101 LYS A C   1 
ATOM   771  O O   . LYS B 2 76 ? 13.272  4.212   -5.002  1.00 22.53 ? 101 LYS A O   1 
ATOM   772  C CB  . LYS B 2 76 ? 15.277  4.777   -7.057  1.00 24.09 ? 101 LYS A CB  1 
ATOM   773  C CG  . LYS B 2 76 ? 16.589  5.320   -7.606  0.00 24.70 ? 101 LYS A CG  1 
ATOM   774  C CD  . LYS B 2 76 ? 17.450  4.218   -8.207  0.00 25.78 ? 101 LYS A CD  1 
ATOM   775  C CE  . LYS B 2 76 ? 17.888  3.213   -7.152  0.00 26.34 ? 101 LYS A CE  1 
ATOM   776  N NZ  . LYS B 2 76 ? 18.763  2.152   -7.724  0.00 26.84 ? 101 LYS A NZ  1 
ATOM   777  N N   . PRO B 2 77 ? 11.975  5.699   -6.081  1.00 20.51 ? 102 PRO A N   1 
ATOM   778  C CA  . PRO B 2 77 ? 10.749  5.114   -5.535  1.00 21.52 ? 102 PRO A CA  1 
ATOM   779  C C   . PRO B 2 77 ? 10.421  3.756   -6.146  1.00 21.35 ? 102 PRO A C   1 
ATOM   780  O O   . PRO B 2 77 ? 10.725  3.501   -7.309  1.00 22.46 ? 102 PRO A O   1 
ATOM   781  C CB  . PRO B 2 77 ? 9.695   6.160   -5.876  1.00 22.01 ? 102 PRO A CB  1 
ATOM   782  C CG  . PRO B 2 77 ? 10.175  6.667   -7.202  1.00 23.51 ? 102 PRO A CG  1 
ATOM   783  C CD  . PRO B 2 77 ? 11.663  6.846   -6.955  1.00 23.05 ? 102 PRO A CD  1 
ATOM   784  N N   . SER B 2 78 ? 9.808   2.888   -5.349  1.00 19.16 ? 103 SER A N   1 
ATOM   785  C CA  . SER B 2 78 ? 9.416   1.568   -5.823  1.00 21.16 ? 103 SER A CA  1 
ATOM   786  C C   . SER B 2 78 ? 7.924   1.617   -6.112  1.00 22.02 ? 103 SER A C   1 
ATOM   787  O O   . SER B 2 78 ? 7.104   1.607   -5.192  1.00 22.94 ? 103 SER A O   1 
ATOM   788  C CB  . SER B 2 78 ? 9.707   0.509   -4.760  1.00 21.63 ? 103 SER A CB  1 
ATOM   789  O OG  . SER B 2 78 ? 11.096  0.433   -4.493  1.00 30.31 ? 103 SER A OG  1 
ATOM   790  N N   . ILE B 2 79 ? 7.578   1.679   -7.394  1.00 17.85 ? 104 ILE A N   1 
ATOM   791  C CA  . ILE B 2 79 ? 6.184   1.755   -7.815  1.00 18.89 ? 104 ILE A CA  1 
ATOM   792  C C   . ILE B 2 79 ? 5.708   0.448   -8.438  1.00 19.90 ? 104 ILE A C   1 
ATOM   793  O O   . ILE B 2 79 ? 6.150   0.056   -9.522  1.00 19.29 ? 104 ILE A O   1 
ATOM   794  C CB  . ILE B 2 79 ? 5.985   2.903   -8.817  1.00 21.08 ? 104 ILE A CB  1 
ATOM   795  C CG1 . ILE B 2 79 ? 6.424   4.224   -8.177  1.00 24.47 ? 104 ILE A CG1 1 
ATOM   796  C CG2 . ILE B 2 79 ? 4.533   2.972   -9.242  1.00 21.34 ? 104 ILE A CG2 1 
ATOM   797  C CD1 . ILE B 2 79 ? 6.331   5.416   -9.101  1.00 32.46 ? 104 ILE A CD1 1 
ATOM   798  N N   . VAL B 2 80 ? 4.789   -0.213  -7.747  1.00 15.52 ? 105 VAL A N   1 
ATOM   799  C CA  . VAL B 2 80 ? 4.255   -1.491  -8.195  1.00 17.70 ? 105 VAL A CA  1 
ATOM   800  C C   . VAL B 2 80 ? 2.840   -1.388  -8.742  1.00 18.11 ? 105 VAL A C   1 
ATOM   801  O O   . VAL B 2 80 ? 1.949   -0.840  -8.093  1.00 18.82 ? 105 VAL A O   1 
ATOM   802  C CB  . VAL B 2 80 ? 4.261   -2.513  -7.036  1.00 17.00 ? 105 VAL A CB  1 
ATOM   803  C CG1 . VAL B 2 80 ? 3.698   -3.845  -7.506  1.00 18.63 ? 105 VAL A CG1 1 
ATOM   804  C CG2 . VAL B 2 80 ? 5.673   -2.682  -6.502  1.00 17.08 ? 105 VAL A CG2 1 
ATOM   805  N N   . LEU B 2 81 ? 2.644   -1.916  -9.946  1.00 18.78 ? 106 LEU A N   1 
ATOM   806  C CA  . LEU B 2 81 ? 1.332   -1.923  -10.579 1.00 19.94 ? 106 LEU A CA  1 
ATOM   807  C C   . LEU B 2 81 ? 0.848   -3.370  -10.559 1.00 21.50 ? 106 LEU A C   1 
ATOM   808  O O   . LEU B 2 81 ? 1.605   -4.285  -10.882 1.00 20.20 ? 106 LEU A O   1 
ATOM   809  C CB  . LEU B 2 81 ? 1.429   -1.430  -12.026 1.00 24.41 ? 106 LEU A CB  1 
ATOM   810  C CG  . LEU B 2 81 ? 2.051   -0.051  -12.260 1.00 32.32 ? 106 LEU A CG  1 
ATOM   811  C CD1 . LEU B 2 81 ? 2.064   0.255   -13.751 1.00 35.27 ? 106 LEU A CD1 1 
ATOM   812  C CD2 . LEU B 2 81 ? 1.265   1.005   -11.508 1.00 33.83 ? 106 LEU A CD2 1 
ATOM   813  N N   . VAL B 2 82 ? -0.403  -3.581  -10.170 1.00 18.62 ? 107 VAL A N   1 
ATOM   814  C CA  . VAL B 2 82 ? -0.957  -4.930  -10.113 1.00 20.17 ? 107 VAL A CA  1 
ATOM   815  C C   . VAL B 2 82 ? -2.237  -5.049  -10.931 1.00 21.27 ? 107 VAL A C   1 
ATOM   816  O O   . VAL B 2 82 ? -2.831  -4.042  -11.322 1.00 21.61 ? 107 VAL A O   1 
ATOM   817  C CB  . VAL B 2 82 ? -1.273  -5.348  -8.658  1.00 18.40 ? 107 VAL A CB  1 
ATOM   818  C CG1 . VAL B 2 82 ? -0.007  -5.312  -7.817  1.00 18.72 ? 107 VAL A CG1 1 
ATOM   819  C CG2 . VAL B 2 82 ? -2.332  -4.425  -8.067  1.00 18.91 ? 107 VAL A CG2 1 
ATOM   820  N N   . ASP B 2 83 ? -2.649  -6.284  -11.204 1.00 22.50 ? 108 ASP A N   1 
ATOM   821  C CA  . ASP B 2 83 ? -3.876  -6.513  -11.955 1.00 24.20 ? 108 ASP A CA  1 
ATOM   822  C C   . ASP B 2 83 ? -5.031  -6.716  -10.980 1.00 24.85 ? 108 ASP A C   1 
ATOM   823  O O   . ASP B 2 83 ? -4.871  -6.525  -9.773  1.00 22.72 ? 108 ASP A O   1 
ATOM   824  C CB  . ASP B 2 83 ? -3.741  -7.733  -12.874 1.00 27.29 ? 108 ASP A CB  1 
ATOM   825  C CG  . ASP B 2 83 ? -3.333  -8.988  -12.131 1.00 31.67 ? 108 ASP A CG  1 
ATOM   826  O OD1 . ASP B 2 83 ? -3.914  -9.273  -11.065 1.00 29.63 ? 108 ASP A OD1 1 
ATOM   827  O OD2 . ASP B 2 83 ? -2.432  -9.698  -12.626 1.00 41.48 ? 108 ASP A OD2 1 
ATOM   828  N N   . GLU B 2 84 ? -6.187  -7.108  -11.507 1.00 25.81 ? 109 GLU A N   1 
ATOM   829  C CA  . GLU B 2 84 ? -7.381  -7.318  -10.697 1.00 28.93 ? 109 GLU A CA  1 
ATOM   830  C C   . GLU B 2 84 ? -7.241  -8.424  -9.654  1.00 27.74 ? 109 GLU A C   1 
ATOM   831  O O   . GLU B 2 84 ? -8.016  -8.485  -8.700  1.00 27.16 ? 109 GLU A O   1 
ATOM   832  C CB  . GLU B 2 84 ? -8.583  -7.621  -11.599 1.00 33.64 ? 109 GLU A CB  1 
ATOM   833  C CG  . GLU B 2 84 ? -8.455  -8.902  -12.416 1.00 40.46 ? 109 GLU A CG  1 
ATOM   834  C CD  . GLU B 2 84 ? -7.483  -8.779  -13.576 1.00 45.45 ? 109 GLU A CD  1 
ATOM   835  O OE1 . GLU B 2 84 ? -7.216  -9.806  -14.237 1.00 49.89 ? 109 GLU A OE1 1 
ATOM   836  O OE2 . GLU B 2 84 ? -6.992  -7.658  -13.837 1.00 46.63 ? 109 GLU A OE2 1 
ATOM   837  N N   . LYS B 2 85 ? -6.252  -9.295  -9.837  1.00 29.09 ? 110 LYS A N   1 
ATOM   838  C CA  . LYS B 2 85 ? -6.021  -10.391 -8.902  1.00 29.00 ? 110 LYS A CA  1 
ATOM   839  C C   . LYS B 2 85 ? -4.853  -10.068 -7.977  1.00 28.25 ? 110 LYS A C   1 
ATOM   840  O O   . LYS B 2 85 ? -4.367  -10.931 -7.242  1.00 28.40 ? 110 LYS A O   1 
ATOM   841  C CB  . LYS B 2 85 ? -5.730  -11.685 -9.666  0.00 29.82 ? 110 LYS A CB  1 
ATOM   842  C CG  . LYS B 2 85 ? -6.864  -12.140 -10.570 0.00 31.03 ? 110 LYS A CG  1 
ATOM   843  C CD  . LYS B 2 85 ? -6.517  -13.440 -11.280 0.00 32.08 ? 110 LYS A CD  1 
ATOM   844  C CE  . LYS B 2 85 ? -7.657  -13.904 -12.171 0.00 32.76 ? 110 LYS A CE  1 
ATOM   845  N NZ  . LYS B 2 85 ? -7.336  -15.182 -12.864 0.00 33.29 ? 110 LYS A NZ  1 
ATOM   846  N N   . ASN B 2 86 ? -4.411  -8.814  -8.018  1.00 23.28 ? 111 ASN A N   1 
ATOM   847  C CA  . ASN B 2 86 ? -3.300  -8.352  -7.198  1.00 23.10 ? 111 ASN A CA  1 
ATOM   848  C C   . ASN B 2 86 ? -1.988  -9.023  -7.586  1.00 23.82 ? 111 ASN A C   1 
ATOM   849  O O   . ASN B 2 86 ? -1.082  -9.163  -6.767  1.00 23.35 ? 111 ASN A O   1 
ATOM   850  C CB  . ASN B 2 86 ? -3.610  -8.573  -5.715  1.00 20.02 ? 111 ASN A CB  1 
ATOM   851  C CG  . ASN B 2 86 ? -4.657  -7.604  -5.197  1.00 20.15 ? 111 ASN A CG  1 
ATOM   852  O OD1 . ASN B 2 86 ? -5.405  -7.907  -4.268  1.00 20.78 ? 111 ASN A OD1 1 
ATOM   853  N ND2 . ASN B 2 86 ? -4.705  -6.422  -5.797  1.00 17.43 ? 111 ASN A ND2 1 
ATOM   854  N N   . GLU B 2 87 ? -1.908  -9.439  -8.848  1.00 25.00 ? 112 GLU A N   1 
ATOM   855  C CA  . GLU B 2 87 ? -0.705  -10.060 -9.390  1.00 27.73 ? 112 GLU A CA  1 
ATOM   856  C C   . GLU B 2 87 ? 0.135   -8.917  -9.944  1.00 25.13 ? 112 GLU A C   1 
ATOM   857  O O   . GLU B 2 87 ? -0.405  -7.953  -10.484 1.00 23.55 ? 112 GLU A O   1 
ATOM   858  C CB  . GLU B 2 87 ? -1.061  -11.028 -10.520 1.00 32.26 ? 112 GLU A CB  1 
ATOM   859  C CG  . GLU B 2 87 ? -1.953  -12.187 -10.110 1.00 38.80 ? 112 GLU A CG  1 
ATOM   860  C CD  . GLU B 2 87 ? -1.251  -13.165 -9.195  1.00 43.20 ? 112 GLU A CD  1 
ATOM   861  O OE1 . GLU B 2 87 ? -0.884  -12.775 -8.067  1.00 48.98 ? 112 GLU A OE1 1 
ATOM   862  O OE2 . GLU B 2 87 ? -1.062  -14.328 -9.607  1.00 46.30 ? 112 GLU A OE2 1 
ATOM   863  N N   . ILE B 2 88 ? 1.453   -9.028  -9.826  1.00 25.75 ? 113 ILE A N   1 
ATOM   864  C CA  . ILE B 2 88 ? 2.342   -7.976  -10.302 1.00 25.67 ? 113 ILE A CA  1 
ATOM   865  C C   . ILE B 2 88 ? 2.390   -7.830  -11.818 1.00 26.11 ? 113 ILE A C   1 
ATOM   866  O O   . ILE B 2 88 ? 2.681   -8.786  -12.539 1.00 28.65 ? 113 ILE A O   1 
ATOM   867  C CB  . ILE B 2 88 ? 3.785   -8.198  -9.804  1.00 26.78 ? 113 ILE A CB  1 
ATOM   868  C CG1 . ILE B 2 88 ? 3.787   -8.418  -8.291  1.00 33.04 ? 113 ILE A CG1 1 
ATOM   869  C CG2 . ILE B 2 88 ? 4.652   -7.004  -10.175 1.00 27.44 ? 113 ILE A CG2 1 
ATOM   870  C CD1 . ILE B 2 88 ? 3.163   -7.290  -7.499  1.00 32.28 ? 113 ILE A CD1 1 
ATOM   871  N N   . LEU B 2 89 ? 2.109   -6.621  -12.292 1.00 23.05 ? 114 LEU A N   1 
ATOM   872  C CA  . LEU B 2 89 ? 2.149   -6.324  -13.719 1.00 24.26 ? 114 LEU A CA  1 
ATOM   873  C C   . LEU B 2 89 ? 3.443   -5.578  -14.022 1.00 22.39 ? 114 LEU A C   1 
ATOM   874  O O   . LEU B 2 89 ? 4.109   -5.844  -15.024 1.00 23.38 ? 114 LEU A O   1 
ATOM   875  C CB  . LEU B 2 89 ? 0.949   -5.463  -14.127 1.00 24.15 ? 114 LEU A CB  1 
ATOM   876  C CG  . LEU B 2 89 ? -0.426  -6.133  -14.069 1.00 28.14 ? 114 LEU A CG  1 
ATOM   877  C CD1 . LEU B 2 89 ? -1.507  -5.110  -14.372 1.00 27.14 ? 114 LEU A CD1 1 
ATOM   878  C CD2 . LEU B 2 89 ? -0.480  -7.282  -15.068 1.00 29.86 ? 114 LEU A CD2 1 
ATOM   879  N N   . GLU B 2 90 ? 3.802   -4.646  -13.147 1.00 20.57 ? 115 GLU A N   1 
ATOM   880  C CA  . GLU B 2 90 ? 5.013   -3.860  -13.325 1.00 20.51 ? 115 GLU A CA  1 
ATOM   881  C C   . GLU B 2 90 ? 5.589   -3.373  -12.007 1.00 19.96 ? 115 GLU A C   1 
ATOM   882  O O   . GLU B 2 90 ? 4.881   -3.252  -11.010 1.00 19.65 ? 115 GLU A O   1 
ATOM   883  C CB  . GLU B 2 90 ? 4.732   -2.622  -14.186 1.00 22.71 ? 115 GLU A CB  1 
ATOM   884  C CG  . GLU B 2 90 ? 4.308   -2.887  -15.614 1.00 27.86 ? 115 GLU A CG  1 
ATOM   885  C CD  . GLU B 2 90 ? 3.987   -1.604  -16.361 1.00 30.88 ? 115 GLU A CD  1 
ATOM   886  O OE1 . GLU B 2 90 ? 4.844   -0.696  -16.378 1.00 32.24 ? 115 GLU A OE1 1 
ATOM   887  O OE2 . GLU B 2 90 ? 2.884   -1.505  -16.934 1.00 34.77 ? 115 GLU A OE2 1 
ATOM   888  N N   . LYS B 2 91 ? 6.890   -3.116  -12.016 1.00 17.08 ? 116 LYS A N   1 
ATOM   889  C CA  . LYS B 2 91 ? 7.586   -2.552  -10.870 1.00 18.17 ? 116 LYS A CA  1 
ATOM   890  C C   . LYS B 2 91 ? 8.621   -1.606  -11.453 1.00 22.31 ? 116 LYS A C   1 
ATOM   891  O O   . LYS B 2 91 ? 9.526   -2.030  -12.177 1.00 25.25 ? 116 LYS A O   1 
ATOM   892  C CB  . LYS B 2 91 ? 8.288   -3.606  -10.013 1.00 18.05 ? 116 LYS A CB  1 
ATOM   893  C CG  . LYS B 2 91 ? 9.104   -2.954  -8.894  1.00 20.93 ? 116 LYS A CG  1 
ATOM   894  C CD  . LYS B 2 91 ? 9.700   -3.948  -7.919  1.00 20.47 ? 116 LYS A CD  1 
ATOM   895  C CE  . LYS B 2 91 ? 10.552  -3.233  -6.884  1.00 23.44 ? 116 LYS A CE  1 
ATOM   896  N NZ  . LYS B 2 91 ? 11.094  -4.169  -5.861  1.00 30.59 ? 116 LYS A NZ  1 
ATOM   897  N N   . GLY B 2 92 ? 8.475   -0.321  -11.156 1.00 20.90 ? 117 GLY A N   1 
ATOM   898  C CA  . GLY B 2 92 ? 9.407   0.663   -11.671 1.00 22.79 ? 117 GLY A CA  1 
ATOM   899  C C   . GLY B 2 92 ? 10.117  1.407   -10.564 1.00 26.87 ? 117 GLY A C   1 
ATOM   900  O O   . GLY B 2 92 ? 9.687   1.378   -9.409  1.00 24.74 ? 117 GLY A O   1 
ATOM   901  N N   . LEU B 2 93 ? 11.180  2.065   -10.920 1.00 25.94 ? 118 LEU A N   1 
ATOM   902  C CA  . LEU B 2 93 ? 11.962  2.800   -9.938  1.00 27.77 ? 118 LEU A CA  1 
ATOM   903  C C   . LEU B 2 93 ? 11.970  4.289   -10.257 1.00 29.34 ? 118 LEU A C   1 
ATOM   904  O O   . LEU B 2 93 ? 12.876  5.017   -9.855  1.00 29.86 ? 118 LEU A O   1 
ATOM   905  C CB  . LEU B 2 93 ? 13.391  2.257   -9.895  1.00 28.29 ? 118 LEU A CB  1 
ATOM   906  C CG  . LEU B 2 93 ? 13.490  0.782   -9.501  1.00 28.84 ? 118 LEU A CG  1 
ATOM   907  C CD1 . LEU B 2 93 ? 14.949  0.343   -9.508  1.00 29.67 ? 118 LEU A CD1 1 
ATOM   908  C CD2 . LEU B 2 93 ? 12.874  0.578   -8.123  1.00 30.58 ? 118 LEU A CD2 1 
ATOM   909  N N   . GLU B 2 94 ? 10.955  4.728   -10.993 1.00 30.68 ? 119 GLU A N   1 
ATOM   910  C CA  . GLU B 2 94 ? 10.813  6.130   -11.363 1.00 32.56 ? 119 GLU A CA  1 
ATOM   911  C C   . GLU B 2 94 ? 9.337   6.427   -11.604 1.00 33.45 ? 119 GLU A C   1 
ATOM   912  O O   . GLU B 2 94 ? 8.559   5.529   -11.928 1.00 32.92 ? 119 GLU A O   1 
ATOM   913  C CB  . GLU B 2 94 ? 11.620  6.446   -12.629 1.00 35.09 ? 119 GLU A CB  1 
ATOM   914  C CG  . GLU B 2 94 ? 11.051  5.855   -13.910 1.00 36.99 ? 119 GLU A CG  1 
ATOM   915  C CD  . GLU B 2 94 ? 11.830  6.281   -15.145 1.00 39.19 ? 119 GLU A CD  1 
ATOM   916  O OE1 . GLU B 2 94 ? 12.012  7.500   -15.345 1.00 41.55 ? 119 GLU A OE1 1 
ATOM   917  O OE2 . GLU B 2 94 ? 12.255  5.398   -15.920 1.00 40.45 ? 119 GLU A OE2 1 
ATOM   918  N N   . HIS B 2 95 ? 8.906   7.708   -11.435 1.00 33.40 ? 120 HIS A N   1 
ATOM   919  C CA  . HIS B 2 95 ? 7.529   8.116   -11.674 1.00 33.96 ? 120 HIS A CA  1 
ATOM   920  C C   . HIS B 2 95 ? 7.195   8.181   -13.156 1.00 37.62 ? 120 HIS A C   1 
ATOM   921  O O   . HIS B 2 95 ? 8.063   8.433   -13.990 1.00 37.56 ? 120 HIS A O   1 
ATOM   922  C CB  . HIS B 2 95 ? 7.271   9.474   -11.020 1.00 28.86 ? 120 HIS A CB  1 
ATOM   923  C CG  . HIS B 2 95 ? 7.314   9.434   -9.524  1.00 28.00 ? 120 HIS A CG  1 
ATOM   924  N ND1 . HIS B 2 95 ? 6.300   8.887   -8.767  1.00 26.28 ? 120 HIS A ND1 1 
ATOM   925  C CD2 . HIS B 2 95 ? 8.266   9.831   -8.648  1.00 27.62 ? 120 HIS A CD2 1 
ATOM   926  C CE1 . HIS B 2 95 ? 6.627   8.947   -7.489  1.00 26.90 ? 120 HIS A CE1 1 
ATOM   927  N NE2 . HIS B 2 95 ? 7.815   9.515   -7.389  1.00 25.14 ? 120 HIS A NE2 1 
ATOM   928  N N   . HIS B 2 96 ? 5.927   7.945   -13.471 1.00 41.90 ? 121 HIS A N   1 
ATOM   929  C CA  . HIS B 2 96 ? 5.448   7.973   -14.847 1.00 47.56 ? 121 HIS A CA  1 
ATOM   930  C C   . HIS B 2 96 ? 5.146   9.404   -15.278 1.00 50.39 ? 121 HIS A C   1 
ATOM   931  O O   . HIS B 2 96 ? 4.736   10.233  -14.465 1.00 49.01 ? 121 HIS A O   1 
ATOM   932  C CB  . HIS B 2 96 ? 4.184   7.117   -14.976 1.00 50.57 ? 121 HIS A CB  1 
ATOM   933  C CG  . HIS B 2 96 ? 3.568   7.147   -16.339 1.00 55.86 ? 121 HIS A CG  1 
ATOM   934  N ND1 . HIS B 2 96 ? 4.234   6.721   -17.468 1.00 58.77 ? 121 HIS A ND1 1 
ATOM   935  C CD2 . HIS B 2 96 ? 2.344   7.551   -16.755 1.00 57.42 ? 121 HIS A CD2 1 
ATOM   936  C CE1 . HIS B 2 96 ? 3.447   6.862   -18.520 1.00 59.55 ? 121 HIS A CE1 1 
ATOM   937  N NE2 . HIS B 2 96 ? 2.294   7.363   -18.115 1.00 59.32 ? 121 HIS A NE2 1 
ATOM   938  N N   . HIS B 2 97 ? 5.354   9.689   -16.560 1.00 53.56 ? 122 HIS A N   1 
ATOM   939  C CA  . HIS B 2 97 ? 5.099   11.018  -17.103 1.00 58.10 ? 122 HIS A CA  1 
ATOM   940  C C   . HIS B 2 97 ? 4.333   10.930  -18.417 1.00 59.18 ? 122 HIS A C   1 
ATOM   941  O O   . HIS B 2 97 ? 4.070   9.795   -18.869 1.00 59.78 ? 122 HIS A O   1 
ATOM   942  C CB  . HIS B 2 97 ? 6.418   11.764  -17.325 1.00 60.33 ? 122 HIS A CB  1 
ATOM   943  C CG  . HIS B 2 97 ? 7.179   12.035  -16.065 1.00 63.85 ? 122 HIS A CG  1 
ATOM   944  N ND1 . HIS B 2 97 ? 7.673   11.029  -15.262 1.00 65.10 ? 122 HIS A ND1 1 
ATOM   945  C CD2 . HIS B 2 97 ? 7.524   13.198  -15.464 1.00 65.51 ? 122 HIS A CD2 1 
ATOM   946  C CE1 . HIS B 2 97 ? 8.289   11.561  -14.222 1.00 65.74 ? 122 HIS A CE1 1 
ATOM   947  N NE2 . HIS B 2 97 ? 8.213   12.876  -14.321 1.00 65.01 ? 122 HIS A NE2 1 
ATOM   948  O OXT . HIS B 2 97 ? 4.006   11.995  -18.982 1.00 61.54 ? 122 HIS A OXT 1 
HETATM 949  C C1  . NSN C 3 .  ? -3.566  -3.059  10.486  1.00 23.36 ? 25  NSN A C1  1 
HETATM 950  C C2  . NSN C 3 .  ? -4.844  -2.690  9.893   1.00 18.98 ? 25  NSN A C2  1 
HETATM 951  C C3  . NSN C 3 .  ? -5.077  -2.836  8.523   1.00 17.37 ? 25  NSN A C3  1 
HETATM 952  O O1  . NSN C 3 .  ? -6.248  -3.043  8.218   1.00 17.04 ? 25  NSN A O1  1 
HETATM 953  N N1  . NSN C 3 .  ? -5.879  -2.218  10.834  1.00 17.63 ? 25  NSN A N1  1 
HETATM 954  C C4  . NSN C 3 .  ? -5.782  -1.361  12.264  1.00 19.42 ? 25  NSN A C4  1 
HETATM 955  C C5  . NSN C 3 .  ? -7.223  -0.834  12.392  1.00 16.03 ? 25  NSN A C5  1 
HETATM 956  C C6  . NSN C 3 .  ? -7.568  0.342   11.488  1.00 14.54 ? 25  NSN A C6  1 
HETATM 957  O O2  . NSN C 3 .  ? -6.666  0.883   10.809  1.00 15.84 ? 25  NSN A O2  1 
HETATM 958  O O3  . NSN C 3 .  ? -8.751  0.752   11.492  1.00 14.92 ? 25  NSN A O3  1 
HETATM 959  C C7  . NSN C 3 .  ? -5.578  -2.500  13.273  1.00 16.94 ? 25  NSN A C7  1 
HETATM 960  N N2  . NSN C 3 .  ? -5.167  -2.080  14.360  1.00 21.33 ? 25  NSN A N2  1 
HETATM 961  O O4  . NSN C 3 .  ? -5.850  -3.636  12.858  1.00 20.24 ? 25  NSN A O4  1 
HETATM 962  O O   . HOH D 4 .  ? -6.185  5.601   -10.620 1.00 18.87 ? 25  HOH B O   1 
HETATM 963  O O   . HOH D 4 .  ? 9.254   9.510   -4.908  1.00 22.12 ? 26  HOH B O   1 
HETATM 964  O O   . HOH D 4 .  ? 7.209   16.656  1.842   1.00 25.79 ? 27  HOH B O   1 
HETATM 965  O O   . HOH D 4 .  ? -17.267 -4.515  17.640  1.00 29.20 ? 28  HOH B O   1 
HETATM 966  O O   . HOH D 4 .  ? -15.900 -8.469  11.194  1.00 30.06 ? 29  HOH B O   1 
HETATM 967  O O   . HOH D 4 .  ? 18.240  18.149  3.965   1.00 29.63 ? 30  HOH B O   1 
HETATM 968  O O   . HOH D 4 .  ? 4.137   16.532  6.184   1.00 48.71 ? 31  HOH B O   1 
HETATM 969  O O   . HOH D 4 .  ? -16.174 -6.801  8.152   1.00 32.86 ? 32  HOH B O   1 
HETATM 970  O O   . HOH D 4 .  ? 1.761   4.113   -9.708  1.00 88.00 ? 33  HOH B O   1 
HETATM 971  O O   . HOH D 4 .  ? -18.993 -7.014  10.057  1.00 36.97 ? 34  HOH B O   1 
HETATM 972  O O   . HOH D 4 .  ? 11.958  2.959   -2.875  1.00 26.85 ? 35  HOH B O   1 
HETATM 973  O O   . HOH D 4 .  ? 18.307  16.617  8.940   1.00 46.54 ? 36  HOH B O   1 
HETATM 974  O O   . HOH D 4 .  ? -12.674 -11.186 -2.698  1.00 36.46 ? 37  HOH B O   1 
HETATM 975  O O   . HOH D 4 .  ? -13.524 -12.310 0.423   1.00 52.53 ? 38  HOH B O   1 
HETATM 976  O O   . HOH D 4 .  ? -12.415 -8.471  -4.560  1.00 30.90 ? 39  HOH B O   1 
HETATM 977  O O   . HOH D 4 .  ? -10.097 -12.095 7.041   1.00 46.35 ? 40  HOH B O   1 
HETATM 978  O O   . HOH D 4 .  ? 15.650  1.975   1.470   1.00 55.07 ? 41  HOH B O   1 
HETATM 979  O O   . HOH D 4 .  ? -13.912 -11.075 7.128   1.00 42.63 ? 42  HOH B O   1 
HETATM 980  O O   . HOH D 4 .  ? -2.115  -1.134  -11.358 1.00 36.64 ? 43  HOH B O   1 
HETATM 981  O O   . HOH D 4 .  ? -15.553 -11.777 3.819   1.00 64.15 ? 44  HOH B O   1 
HETATM 982  O O   . HOH D 4 .  ? -10.720 -4.822  -9.541  1.00 42.38 ? 45  HOH B O   1 
HETATM 983  O O   . HOH D 4 .  ? -5.803  -0.951  -12.951 1.00 32.40 ? 46  HOH B O   1 
HETATM 984  O O   . HOH D 4 .  ? -8.706  -12.303 0.521   1.00 32.99 ? 47  HOH B O   1 
HETATM 985  O O   . HOH E 4 .  ? -6.551  7.563   9.195   1.00 15.29 ? 123 HOH A O   1 
HETATM 986  O O   . HOH E 4 .  ? -9.489  10.794  -2.401  1.00 12.23 ? 124 HOH A O   1 
HETATM 987  O O   . HOH E 4 .  ? -19.531 -1.752  15.225  1.00 17.07 ? 125 HOH A O   1 
HETATM 988  O O   . HOH E 4 .  ? -6.346  -4.474  -8.860  1.00 20.52 ? 126 HOH A O   1 
HETATM 989  O O   . HOH E 4 .  ? 3.802   6.125   4.903   1.00 18.04 ? 127 HOH A O   1 
HETATM 990  O O   . HOH E 4 .  ? -17.521 2.651   1.397   1.00 21.56 ? 128 HOH A O   1 
HETATM 991  O O   . HOH E 4 .  ? 5.890   7.132   6.558   1.00 20.01 ? 129 HOH A O   1 
HETATM 992  O O   . HOH E 4 .  ? -16.251 -2.586  -4.797  1.00 21.66 ? 130 HOH A O   1 
HETATM 993  O O   . HOH E 4 .  ? -14.138 -1.723  -8.123  1.00 21.05 ? 131 HOH A O   1 
HETATM 994  O O   . HOH E 4 .  ? -11.298 10.822  3.014   1.00 20.05 ? 132 HOH A O   1 
HETATM 995  O O   . HOH E 4 .  ? -12.807 1.772   -9.117  1.00 28.88 ? 133 HOH A O   1 
HETATM 996  O O   . HOH E 4 .  ? 10.438  14.515  7.213   1.00 26.85 ? 134 HOH A O   1 
HETATM 997  O O   . HOH E 4 .  ? 8.736   -6.806  7.730   1.00 26.35 ? 135 HOH A O   1 
HETATM 998  O O   . HOH E 4 .  ? -16.796 -2.149  4.449   1.00 24.22 ? 136 HOH A O   1 
HETATM 999  O O   . HOH E 4 .  ? -1.757  12.184  5.182   1.00 54.72 ? 137 HOH A O   1 
HETATM 1000 O O   . HOH E 4 .  ? 8.087   9.623   7.705   1.00 27.26 ? 138 HOH A O   1 
HETATM 1001 O O   . HOH E 4 .  ? -11.113 7.830   5.460   1.00 24.40 ? 139 HOH A O   1 
HETATM 1002 O O   . HOH E 4 .  ? 9.044   -4.829  10.489  1.00 31.03 ? 140 HOH A O   1 
HETATM 1003 O O   . HOH E 4 .  ? -14.721 10.189  0.316   1.00 35.73 ? 141 HOH A O   1 
HETATM 1004 O O   . HOH E 4 .  ? -3.728  10.224  3.452   1.00 32.71 ? 142 HOH A O   1 
HETATM 1005 O O   . HOH E 4 .  ? 5.621   1.171   -12.270 1.00 37.60 ? 143 HOH A O   1 
HETATM 1006 O O   . HOH E 4 .  ? -0.637  10.956  0.694   1.00 22.19 ? 144 HOH A O   1 
HETATM 1007 O O   . HOH E 4 .  ? -2.236  -12.263 2.564   1.00 32.55 ? 145 HOH A O   1 
HETATM 1008 O O   . HOH E 4 .  ? -16.277 10.598  -2.960  1.00 44.97 ? 146 HOH A O   1 
HETATM 1009 O O   . HOH E 4 .  ? 23.632  21.305  -0.429  1.00 63.74 ? 147 HOH A O   1 
HETATM 1010 O O   . HOH E 4 .  ? 18.208  7.691   -0.805  1.00 32.83 ? 148 HOH A O   1 
HETATM 1011 O O   . HOH E 4 .  ? -17.467 -4.886  1.595   1.00 26.58 ? 149 HOH A O   1 
HETATM 1012 O O   . HOH E 4 .  ? -4.585  9.843   6.604   1.00 32.81 ? 150 HOH A O   1 
HETATM 1013 O O   . HOH E 4 .  ? -3.412  -13.597 -6.701  1.00 41.21 ? 151 HOH A O   1 
HETATM 1014 O O   . HOH E 4 .  ? -6.918  -11.833 -5.399  1.00 33.37 ? 152 HOH A O   1 
HETATM 1015 O O   . HOH E 4 .  ? 17.287  11.192  7.049   1.00 41.59 ? 153 HOH A O   1 
HETATM 1016 O O   . HOH E 4 .  ? 19.024  13.568  8.354   1.00 49.01 ? 154 HOH A O   1 
HETATM 1017 O O   . HOH E 4 .  ? -4.087  -10.626 9.193   1.00 31.34 ? 155 HOH A O   1 
HETATM 1018 O O   . HOH E 4 .  ? 12.919  -2.066  -4.854  1.00 36.68 ? 156 HOH A O   1 
HETATM 1019 O O   . HOH E 4 .  ? -18.535 -0.587  2.257   1.00 43.44 ? 157 HOH A O   1 
HETATM 1020 O O   . HOH E 4 .  ? 23.218  21.899  2.863   1.00 60.78 ? 158 HOH A O   1 
HETATM 1021 O O   . HOH E 4 .  ? 3.239   -11.593 -12.310 1.00 37.86 ? 159 HOH A O   1 
HETATM 1022 O O   . HOH E 4 .  ? 11.940  1.817   -13.622 1.00 29.11 ? 160 HOH A O   1 
HETATM 1023 O O   . HOH E 4 .  ? -2.750  -19.311 5.242   1.00 55.72 ? 161 HOH A O   1 
HETATM 1024 O O   . HOH E 4 .  ? 11.743  -0.906  3.417   1.00 29.44 ? 162 HOH A O   1 
HETATM 1025 O O   . HOH E 4 .  ? 7.730   3.246   -13.479 1.00 60.00 ? 163 HOH A O   1 
HETATM 1026 O O   . HOH E 4 .  ? 24.062  18.027  0.527   1.00 68.89 ? 164 HOH A O   1 
HETATM 1027 O O   . HOH E 4 .  ? -5.692  -19.552 8.680   1.00 62.48 ? 165 HOH A O   1 
HETATM 1028 O O   . HOH E 4 .  ? -17.874 8.738   2.270   1.00 64.54 ? 166 HOH A O   1 
HETATM 1029 O O   . HOH E 4 .  ? 21.317  11.957  -8.239  1.00 48.62 ? 167 HOH A O   1 
HETATM 1030 O O   . HOH E 4 .  ? -4.585  -15.693 -13.788 1.00 62.62 ? 168 HOH A O   1 
HETATM 1031 O O   . HOH E 4 .  ? 0.352   -10.022 -13.767 1.00 53.82 ? 169 HOH A O   1 
HETATM 1032 O O   . HOH E 4 .  ? 8.494   -10.827 -2.863  1.00 43.18 ? 170 HOH A O   1 
HETATM 1033 O O   . HOH E 4 .  ? 5.630   -16.679 6.440   1.00 62.89 ? 171 HOH A O   1 
HETATM 1034 O O   . HOH E 4 .  ? 7.602   -3.464  13.092  1.00 29.31 ? 172 HOH A O   1 
HETATM 1035 O O   . HOH E 4 .  ? -17.517 5.385   6.042   1.00 54.88 ? 173 HOH A O   1 
HETATM 1036 O O   . HOH E 4 .  ? 15.178  2.148   -4.421  1.00 48.18 ? 174 HOH A O   1 
HETATM 1037 O O   . HOH E 4 .  ? 14.715  11.222  8.936   1.00 34.17 ? 175 HOH A O   1 
HETATM 1038 O O   . HOH E 4 .  ? 18.425  -0.282  -9.389  1.00 46.00 ? 176 HOH A O   1 
HETATM 1039 O O   . HOH E 4 .  ? -2.454  -18.536 -0.342  1.00 47.46 ? 177 HOH A O   1 
HETATM 1040 O O   . HOH E 4 .  ? 22.836  11.684  -2.854  1.00 32.47 ? 178 HOH A O   1 
HETATM 1041 O O   . HOH E 4 .  ? -14.594 9.446   6.136   1.00 36.83 ? 179 HOH A O   1 
HETATM 1042 O O   . HOH E 4 .  ? 8.508   -7.134  3.506   1.00 40.65 ? 180 HOH A O   1 
HETATM 1043 O O   . HOH E 4 .  ? -10.387 9.302   7.996   1.00 27.81 ? 181 HOH A O   1 
HETATM 1044 O O   . HOH E 4 .  ? 16.063  5.550   -1.281  1.00 29.34 ? 182 HOH A O   1 
# 
